data_4WYV
#
_entry.id   4WYV
#
_cell.length_a   82.308
_cell.length_b   82.308
_cell.length_c   635.164
_cell.angle_alpha   90.00
_cell.angle_beta   90.00
_cell.angle_gamma   90.00
#
_symmetry.space_group_name_H-M   'P 41 21 2'
#
loop_
_entity.id
_entity.type
_entity.pdbx_description
1 polymer Translin
2 water water
#
_entity_poly.entity_id   1
_entity_poly.type   'polypeptide(L)'
_entity_poly.pdbx_seq_one_letter_code
;MRGSHHHHHHGSMSVSEIFVELQGFLAAEQDIREEIRKVVQSLEQTAREILTLLQGVHQGAGFQDIPKRCLKAREHFGTV
KTHLTSLKTKFPAEQYYRFHEHWRFVLQRLVFLAAFVVYLETETLVTREAVTEILGIEPDREKGFHLDVEDYLSGVLILA
SELSRLSVNSVTAGDYSRPLHISTFINELDSGFRLLNLKNDSLRKRYDGLKYDVKKVEEVVYDLSIRGFNKETAAACVEK
;
_entity_poly.pdbx_strand_id   A,B,C,D,E,F,G,H
#
# COMPACT_ATOMS: atom_id res chain seq x y z
N MET A 13 16.95 35.12 -23.57
CA MET A 13 17.73 34.20 -22.67
C MET A 13 17.66 32.74 -23.17
N SER A 14 18.83 32.11 -23.33
CA SER A 14 18.93 30.67 -23.58
C SER A 14 18.26 29.84 -22.47
N VAL A 15 17.99 28.54 -22.70
CA VAL A 15 17.46 27.73 -21.60
C VAL A 15 18.49 27.65 -20.50
N SER A 16 19.75 27.41 -20.87
CA SER A 16 20.86 27.32 -19.91
C SER A 16 20.81 28.47 -18.91
N GLU A 17 20.77 29.69 -19.43
CA GLU A 17 20.79 30.89 -18.62
C GLU A 17 19.58 30.96 -17.71
N ILE A 18 18.43 30.52 -18.23
CA ILE A 18 17.19 30.50 -17.47
C ILE A 18 17.37 29.61 -16.25
N PHE A 19 18.02 28.48 -16.45
CA PHE A 19 18.15 27.48 -15.38
C PHE A 19 19.22 27.84 -14.33
N VAL A 20 20.33 28.46 -14.77
CA VAL A 20 21.35 28.97 -13.81
C VAL A 20 20.77 30.02 -12.88
N GLU A 21 19.85 30.81 -13.43
CA GLU A 21 19.06 31.76 -12.66
C GLU A 21 18.20 31.04 -11.63
N LEU A 22 17.40 30.07 -12.06
CA LEU A 22 16.53 29.34 -11.13
C LEU A 22 17.29 28.70 -10.01
N GLN A 23 18.45 28.12 -10.33
CA GLN A 23 19.24 27.42 -9.35
C GLN A 23 19.60 28.39 -8.25
N GLY A 24 19.78 29.65 -8.63
CA GLY A 24 20.00 30.75 -7.69
C GLY A 24 18.86 30.88 -6.72
N PHE A 25 17.65 30.93 -7.26
CA PHE A 25 16.44 31.05 -6.46
C PHE A 25 16.14 29.84 -5.53
N LEU A 26 16.37 28.63 -6.04
CA LEU A 26 16.15 27.45 -5.23
C LEU A 26 17.18 27.31 -4.12
N ALA A 27 18.47 27.53 -4.46
CA ALA A 27 19.54 27.54 -3.43
C ALA A 27 19.20 28.46 -2.23
N ALA A 28 18.70 29.66 -2.52
CA ALA A 28 18.30 30.65 -1.50
C ALA A 28 17.17 30.10 -0.65
N GLU A 29 16.16 29.56 -1.31
CA GLU A 29 15.00 29.02 -0.63
C GLU A 29 15.38 27.82 0.22
N GLN A 30 16.23 26.94 -0.30
CA GLN A 30 16.71 25.81 0.46
C GLN A 30 17.52 26.22 1.70
N ASP A 31 18.21 27.36 1.63
CA ASP A 31 18.94 27.84 2.79
C ASP A 31 18.02 28.34 3.89
N ILE A 32 16.99 29.07 3.50
CA ILE A 32 15.97 29.48 4.45
C ILE A 32 15.39 28.29 5.18
N ARG A 33 15.02 27.23 4.45
CA ARG A 33 14.40 26.04 5.06
C ARG A 33 15.37 25.38 6.06
N GLU A 34 16.66 25.32 5.71
CA GLU A 34 17.62 24.66 6.57
C GLU A 34 17.84 25.44 7.85
N GLU A 35 17.87 26.75 7.74
CA GLU A 35 17.96 27.63 8.89
C GLU A 35 16.74 27.44 9.83
N ILE A 36 15.58 27.26 9.21
CA ILE A 36 14.33 27.01 9.92
C ILE A 36 14.40 25.68 10.68
N ARG A 37 14.87 24.63 10.02
CA ARG A 37 14.97 23.32 10.64
C ARG A 37 15.73 23.36 11.96
N LYS A 38 16.87 24.06 11.96
CA LYS A 38 17.72 24.08 13.12
C LYS A 38 16.99 24.69 14.30
N VAL A 39 16.38 25.86 14.11
CA VAL A 39 15.65 26.49 15.21
C VAL A 39 14.44 25.61 15.70
N VAL A 40 13.68 25.03 14.75
CA VAL A 40 12.62 24.07 15.11
C VAL A 40 13.09 22.85 15.93
N GLN A 41 14.34 22.40 15.72
CA GLN A 41 14.94 21.34 16.52
C GLN A 41 15.01 21.82 17.96
N SER A 42 15.46 23.06 18.15
CA SER A 42 15.65 23.60 19.50
C SER A 42 14.30 23.77 20.16
N LEU A 43 13.33 24.20 19.35
CA LEU A 43 11.98 24.39 19.82
C LEU A 43 11.39 23.08 20.30
N GLU A 44 11.55 22.03 19.48
CA GLU A 44 11.01 20.71 19.76
C GLU A 44 11.59 20.14 21.04
N GLN A 45 12.89 20.35 21.23
CA GLN A 45 13.61 19.96 22.46
C GLN A 45 12.99 20.64 23.68
N THR A 46 12.91 21.97 23.63
CA THR A 46 12.33 22.75 24.72
C THR A 46 10.89 22.24 24.99
N ALA A 47 10.12 22.05 23.92
CA ALA A 47 8.77 21.48 24.04
C ALA A 47 8.76 20.09 24.73
N ARG A 48 9.67 19.19 24.37
CA ARG A 48 9.77 17.87 25.02
C ARG A 48 10.03 17.96 26.54
N GLU A 49 10.89 18.90 26.91
CA GLU A 49 11.19 19.18 28.31
C GLU A 49 10.00 19.70 29.07
N ILE A 50 9.21 20.59 28.44
CA ILE A 50 8.05 21.13 29.12
C ILE A 50 7.07 19.99 29.28
N LEU A 51 7.07 19.05 28.34
CA LEU A 51 6.14 17.91 28.40
C LEU A 51 6.44 16.89 29.48
N THR A 52 7.70 16.40 29.54
CA THR A 52 8.11 15.45 30.62
C THR A 52 7.88 16.02 31.99
N LEU A 53 8.04 17.35 32.07
CA LEU A 53 7.89 18.10 33.28
C LEU A 53 6.43 18.07 33.73
N LEU A 54 5.53 18.44 32.83
CA LEU A 54 4.11 18.49 33.17
C LEU A 54 3.59 17.09 33.40
N GLN A 55 4.09 16.14 32.61
CA GLN A 55 3.47 14.83 32.62
C GLN A 55 3.74 14.11 33.91
N GLY A 56 4.45 14.78 34.82
CA GLY A 56 4.68 14.19 36.12
C GLY A 56 3.37 14.17 36.87
N VAL A 57 2.38 14.92 36.37
CA VAL A 57 1.16 15.08 37.16
C VAL A 57 0.40 13.77 37.29
N HIS A 58 0.81 12.82 36.46
CA HIS A 58 0.16 11.55 36.39
C HIS A 58 0.50 10.62 37.60
N GLN A 59 1.39 11.06 38.48
CA GLN A 59 1.69 10.30 39.71
C GLN A 59 1.17 10.92 41.05
N GLY A 60 0.58 12.12 40.96
CA GLY A 60 0.09 12.85 42.14
C GLY A 60 1.07 13.84 42.75
N ASP A 65 1.65 20.05 44.98
CA ASP A 65 2.90 20.23 44.16
C ASP A 65 2.70 20.51 42.60
N ILE A 66 1.54 20.16 41.97
CA ILE A 66 1.21 20.67 40.62
C ILE A 66 1.57 22.17 40.35
N PRO A 67 1.17 23.11 41.27
CA PRO A 67 1.51 24.46 40.89
C PRO A 67 3.02 24.56 40.77
N LYS A 68 3.76 23.70 41.49
CA LYS A 68 5.22 23.66 41.40
C LYS A 68 5.63 23.49 39.94
N ARG A 69 4.95 22.52 39.31
CA ARG A 69 5.22 22.13 37.96
C ARG A 69 4.79 23.13 36.90
N CYS A 70 3.59 23.68 37.04
CA CYS A 70 3.24 24.84 36.22
C CYS A 70 4.23 25.99 36.33
N LEU A 71 4.85 26.18 37.50
CA LEU A 71 5.81 27.26 37.72
C LEU A 71 7.16 26.99 37.01
N LYS A 72 7.68 25.79 37.19
CA LYS A 72 8.87 25.35 36.46
C LYS A 72 8.63 25.42 34.96
N ALA A 73 7.38 25.09 34.59
CA ALA A 73 6.93 25.09 33.23
C ALA A 73 7.09 26.48 32.65
N ARG A 74 6.58 27.47 33.37
CA ARG A 74 6.44 28.78 32.80
C ARG A 74 7.81 29.33 32.50
N GLU A 75 8.79 28.94 33.32
CA GLU A 75 10.16 29.39 33.12
C GLU A 75 10.66 28.95 31.75
N HIS A 76 10.37 27.70 31.42
CA HIS A 76 10.82 27.14 30.18
C HIS A 76 10.23 27.92 29.04
N PHE A 77 9.03 28.48 29.24
CA PHE A 77 8.44 29.27 28.16
C PHE A 77 9.24 30.57 27.88
N GLY A 78 10.09 30.98 28.81
CA GLY A 78 11.15 31.99 28.56
C GLY A 78 12.08 31.59 27.41
N THR A 79 12.50 30.31 27.42
CA THR A 79 13.29 29.73 26.34
C THR A 79 12.50 29.70 25.05
N VAL A 80 11.20 29.45 25.14
CA VAL A 80 10.35 29.36 23.96
C VAL A 80 10.28 30.72 23.27
N LYS A 81 10.15 31.77 24.09
CA LYS A 81 10.07 33.13 23.58
C LYS A 81 11.33 33.49 22.80
N THR A 82 12.47 33.05 23.34
CA THR A 82 13.74 33.27 22.66
C THR A 82 13.77 32.60 21.31
N HIS A 83 13.40 31.33 21.27
CA HIS A 83 13.54 30.56 20.06
C HIS A 83 12.62 31.07 18.96
N LEU A 84 11.44 31.53 19.37
CA LEU A 84 10.48 32.05 18.41
C LEU A 84 10.93 33.38 17.77
N THR A 85 11.50 34.29 18.58
CA THR A 85 11.98 35.58 18.01
C THR A 85 13.18 35.29 17.11
N SER A 86 13.94 34.27 17.46
CA SER A 86 15.05 33.79 16.64
C SER A 86 14.52 33.16 15.35
N LEU A 87 13.38 32.47 15.42
CA LEU A 87 12.74 31.86 14.24
C LEU A 87 12.31 32.91 13.21
N LYS A 88 11.78 34.02 13.71
CA LYS A 88 11.30 35.10 12.86
C LYS A 88 12.41 35.70 12.01
N THR A 89 13.64 35.60 12.48
CA THR A 89 14.79 36.14 11.75
C THR A 89 15.20 35.26 10.56
N LYS A 90 14.68 34.03 10.46
CA LYS A 90 15.14 33.10 9.42
C LYS A 90 14.44 33.21 8.06
N PHE A 91 13.26 33.85 8.04
CA PHE A 91 12.39 33.90 6.86
C PHE A 91 11.58 35.20 6.85
N PRO A 92 11.20 35.70 5.64
CA PRO A 92 10.41 36.96 5.54
C PRO A 92 8.95 36.82 6.02
N ALA A 93 8.56 37.67 6.99
CA ALA A 93 7.29 37.57 7.74
C ALA A 93 6.02 37.37 6.91
N GLU A 94 6.01 37.95 5.71
CA GLU A 94 4.88 37.84 4.77
C GLU A 94 4.74 36.47 4.09
N GLN A 95 5.81 35.67 4.09
CA GLN A 95 5.75 34.30 3.56
C GLN A 95 5.42 33.19 4.61
N TYR A 96 4.83 33.61 5.76
CA TYR A 96 4.50 32.69 6.86
C TYR A 96 4.02 31.33 6.35
N TYR A 97 3.07 31.36 5.42
CA TYR A 97 2.42 30.13 4.96
C TYR A 97 3.22 29.27 3.97
N ARG A 98 4.27 29.82 3.39
CA ARG A 98 5.18 29.03 2.56
C ARG A 98 6.04 28.05 3.38
N PHE A 99 6.39 28.43 4.61
CA PHE A 99 7.25 27.59 5.44
C PHE A 99 6.52 27.04 6.65
N HIS A 100 5.22 27.32 6.76
CA HIS A 100 4.41 26.92 7.93
C HIS A 100 4.61 25.47 8.35
N GLU A 101 4.74 24.56 7.37
CA GLU A 101 4.74 23.13 7.65
C GLU A 101 5.92 22.69 8.49
N HIS A 102 7.00 23.46 8.45
CA HIS A 102 8.16 23.18 9.30
C HIS A 102 7.92 23.21 10.81
N TRP A 103 7.05 24.10 11.27
CA TRP A 103 6.85 24.25 12.68
C TRP A 103 5.44 23.85 13.11
N ARG A 104 4.65 23.33 12.15
CA ARG A 104 3.26 23.00 12.44
C ARG A 104 3.21 22.10 13.64
N PHE A 105 4.00 21.03 13.61
CA PHE A 105 3.91 20.06 14.69
C PHE A 105 4.25 20.70 16.07
N VAL A 106 5.38 21.38 16.16
CA VAL A 106 5.81 21.97 17.43
C VAL A 106 4.91 23.13 17.94
N LEU A 107 4.39 23.93 17.02
CA LEU A 107 3.46 24.99 17.41
C LEU A 107 2.21 24.37 17.99
N GLN A 108 1.75 23.24 17.44
CA GLN A 108 0.58 22.58 18.01
C GLN A 108 0.88 21.98 19.39
N ARG A 109 2.07 21.44 19.57
CA ARG A 109 2.49 20.96 20.88
C ARG A 109 2.51 22.07 21.88
N LEU A 110 3.03 23.23 21.45
CA LEU A 110 3.16 24.34 22.35
C LEU A 110 1.78 24.85 22.77
N VAL A 111 0.81 24.87 21.85
CA VAL A 111 -0.52 25.31 22.20
C VAL A 111 -1.06 24.36 23.23
N PHE A 112 -0.85 23.06 22.99
CA PHE A 112 -1.27 22.02 23.93
C PHE A 112 -0.67 22.30 25.27
N LEU A 113 0.65 22.47 25.32
CA LEU A 113 1.31 22.59 26.58
C LEU A 113 0.85 23.81 27.31
N ALA A 114 0.63 24.90 26.58
CA ALA A 114 0.21 26.18 27.20
C ALA A 114 -1.15 26.08 27.82
N ALA A 115 -2.07 25.47 27.06
CA ALA A 115 -3.42 25.19 27.51
C ALA A 115 -3.43 24.28 28.74
N PHE A 116 -2.48 23.34 28.76
CA PHE A 116 -2.34 22.35 29.82
C PHE A 116 -1.92 23.03 31.11
N VAL A 117 -0.91 23.88 31.04
CA VAL A 117 -0.56 24.65 32.21
C VAL A 117 -1.75 25.48 32.71
N VAL A 118 -2.43 26.22 31.82
CA VAL A 118 -3.53 27.10 32.25
C VAL A 118 -4.64 26.27 32.88
N TYR A 119 -4.89 25.06 32.34
CA TYR A 119 -5.93 24.21 32.89
C TYR A 119 -5.56 23.79 34.32
N LEU A 120 -4.29 23.42 34.53
CA LEU A 120 -3.85 22.94 35.81
C LEU A 120 -3.95 24.02 36.86
N GLU A 121 -3.74 25.26 36.42
CA GLU A 121 -3.77 26.42 37.26
C GLU A 121 -5.22 26.84 37.55
N THR A 122 -6.00 27.05 36.50
CA THR A 122 -7.27 27.77 36.63
C THR A 122 -8.50 26.90 36.29
N GLU A 123 -8.25 25.65 35.89
CA GLU A 123 -9.30 24.77 35.33
C GLU A 123 -10.09 25.40 34.19
N THR A 124 -9.44 26.22 33.37
CA THR A 124 -10.14 26.92 32.29
C THR A 124 -9.39 26.75 30.96
N LEU A 125 -10.09 27.04 29.88
CA LEU A 125 -9.53 26.91 28.54
C LEU A 125 -8.79 28.19 28.15
N VAL A 126 -7.48 28.07 27.97
CA VAL A 126 -6.71 29.22 27.58
C VAL A 126 -7.27 29.80 26.30
N THR A 127 -7.39 31.12 26.29
CA THR A 127 -7.80 31.83 25.08
C THR A 127 -6.66 31.89 24.06
N ARG A 128 -7.04 31.96 22.79
CA ARG A 128 -6.09 31.88 21.69
C ARG A 128 -5.04 32.96 21.79
N GLU A 129 -5.50 34.14 22.21
CA GLU A 129 -4.66 35.31 22.33
C GLU A 129 -3.76 35.23 23.56
N ALA A 130 -4.23 34.63 24.64
CA ALA A 130 -3.34 34.38 25.77
C ALA A 130 -2.21 33.37 25.42
N VAL A 131 -2.49 32.40 24.55
CA VAL A 131 -1.44 31.48 24.11
C VAL A 131 -0.37 32.26 23.37
N THR A 132 -0.80 33.13 22.48
CA THR A 132 0.10 33.97 21.72
C THR A 132 1.07 34.73 22.65
N GLU A 133 0.49 35.40 23.65
CA GLU A 133 1.26 36.11 24.66
C GLU A 133 2.28 35.25 25.40
N ILE A 134 1.88 34.01 25.74
CA ILE A 134 2.74 33.09 26.50
C ILE A 134 3.92 32.60 25.65
N LEU A 135 3.69 32.42 24.35
CA LEU A 135 4.74 32.02 23.40
C LEU A 135 5.54 33.18 22.78
N GLY A 136 5.16 34.44 23.06
CA GLY A 136 5.89 35.61 22.57
C GLY A 136 5.61 35.88 21.09
N ILE A 137 4.41 35.52 20.65
CA ILE A 137 3.99 35.68 19.25
C ILE A 137 3.09 36.92 19.15
N GLU A 138 2.69 37.28 17.92
CA GLU A 138 1.76 38.39 17.72
C GLU A 138 0.33 37.88 17.42
N PRO A 139 -0.71 38.62 17.91
CA PRO A 139 -2.09 38.32 17.51
C PRO A 139 -2.32 38.71 16.04
N ASP A 140 -3.55 38.48 15.55
CA ASP A 140 -3.89 38.64 14.12
C ASP A 140 -3.81 40.10 13.60
N ARG A 141 -4.11 41.06 14.47
CA ARG A 141 -4.11 42.48 14.10
C ARG A 141 -2.73 43.18 14.21
N GLU A 142 -1.63 42.43 14.11
CA GLU A 142 -0.29 42.98 14.45
C GLU A 142 0.78 42.66 13.41
N LYS A 143 0.42 41.79 12.45
CA LYS A 143 1.34 41.39 11.38
C LYS A 143 2.67 40.82 11.91
N GLY A 144 3.16 39.77 11.23
CA GLY A 144 4.30 38.98 11.69
C GLY A 144 3.80 37.81 12.50
N PHE A 145 4.48 36.66 12.39
CA PHE A 145 4.15 35.37 13.05
C PHE A 145 2.87 35.24 13.87
N HIS A 146 1.85 34.67 13.22
CA HIS A 146 0.52 34.45 13.82
C HIS A 146 0.29 33.00 14.28
N LEU A 147 -0.77 32.82 15.07
CA LEU A 147 -1.22 31.52 15.52
C LEU A 147 -2.51 31.14 14.82
N ASP A 148 -2.39 30.39 13.73
CA ASP A 148 -3.50 29.78 13.02
C ASP A 148 -4.69 29.36 13.90
N VAL A 149 -5.91 29.46 13.40
CA VAL A 149 -7.08 28.87 14.09
C VAL A 149 -6.97 27.34 14.14
N GLU A 150 -6.59 26.77 13.00
CA GLU A 150 -6.41 25.32 12.90
C GLU A 150 -5.35 24.75 13.85
N ASP A 151 -4.21 25.43 13.99
CA ASP A 151 -3.21 24.97 14.98
C ASP A 151 -3.67 25.09 16.44
N TYR A 152 -4.38 26.18 16.76
CA TYR A 152 -4.94 26.35 18.11
C TYR A 152 -5.85 25.17 18.46
N LEU A 153 -6.83 24.91 17.58
CA LEU A 153 -7.77 23.83 17.75
C LEU A 153 -7.10 22.45 17.87
N SER A 154 -6.00 22.23 17.17
CA SER A 154 -5.32 20.94 17.28
C SER A 154 -4.75 20.74 18.68
N GLY A 155 -4.11 21.78 19.21
CA GLY A 155 -3.56 21.76 20.54
C GLY A 155 -4.63 21.53 21.61
N VAL A 156 -5.83 22.07 21.38
CA VAL A 156 -6.96 21.91 22.30
C VAL A 156 -7.42 20.44 22.29
N LEU A 157 -7.39 19.81 21.11
CA LEU A 157 -7.79 18.40 21.01
C LEU A 157 -6.73 17.53 21.65
N ILE A 158 -5.46 17.87 21.45
CA ILE A 158 -4.39 17.17 22.18
C ILE A 158 -4.62 17.28 23.72
N LEU A 159 -4.94 18.47 24.22
CA LEU A 159 -5.28 18.68 25.63
C LEU A 159 -6.41 17.73 26.11
N ALA A 160 -7.49 17.64 25.34
CA ALA A 160 -8.59 16.74 25.68
C ALA A 160 -8.13 15.28 25.94
N SER A 161 -7.27 14.77 25.09
CA SER A 161 -6.73 13.46 25.29
C SER A 161 -5.86 13.36 26.53
N GLU A 162 -5.05 14.39 26.78
CA GLU A 162 -4.23 14.42 27.99
C GLU A 162 -5.09 14.46 29.25
N LEU A 163 -6.13 15.29 29.25
CA LEU A 163 -7.01 15.37 30.41
C LEU A 163 -7.81 14.08 30.66
N SER A 164 -8.24 13.37 29.61
CA SER A 164 -8.95 12.13 29.84
C SER A 164 -7.98 11.14 30.51
N ARG A 165 -6.71 11.18 30.16
CA ARG A 165 -5.74 10.34 30.84
C ARG A 165 -5.61 10.72 32.31
N LEU A 166 -5.50 12.01 32.54
CA LEU A 166 -5.33 12.54 33.86
C LEU A 166 -6.50 12.15 34.73
N SER A 167 -7.70 12.18 34.17
CA SER A 167 -8.92 11.85 34.89
C SER A 167 -8.80 10.48 35.50
N VAL A 168 -8.31 9.54 34.70
CA VAL A 168 -8.09 8.18 35.19
C VAL A 168 -7.05 8.24 36.30
N ASN A 169 -5.91 8.91 36.05
CA ASN A 169 -4.78 8.86 36.94
C ASN A 169 -5.07 9.54 38.28
N SER A 170 -5.93 10.52 38.19
CA SER A 170 -6.38 11.26 39.31
C SER A 170 -7.09 10.39 40.33
N VAL A 171 -8.02 9.56 39.87
CA VAL A 171 -8.67 8.58 40.76
C VAL A 171 -7.66 7.68 41.42
N THR A 172 -6.64 7.22 40.69
CA THR A 172 -5.63 6.34 41.27
C THR A 172 -4.93 7.03 42.43
N ALA A 173 -4.63 8.31 42.24
CA ALA A 173 -3.94 9.11 43.25
C ALA A 173 -4.86 9.61 44.38
N GLY A 174 -6.14 9.27 44.34
CA GLY A 174 -6.98 9.52 45.50
C GLY A 174 -7.78 10.78 45.38
N ASP A 175 -7.55 11.54 44.33
CA ASP A 175 -8.34 12.74 44.05
C ASP A 175 -9.67 12.40 43.31
N TYR A 176 -10.78 12.37 44.04
CA TYR A 176 -12.05 11.94 43.45
C TYR A 176 -12.91 13.10 42.92
N SER A 177 -12.36 14.31 42.95
CA SER A 177 -13.16 15.45 42.55
C SER A 177 -12.75 15.92 41.13
N ARG A 178 -11.45 15.89 40.86
CA ARG A 178 -10.91 16.36 39.57
C ARG A 178 -11.66 15.79 38.37
N PRO A 179 -11.88 14.45 38.33
CA PRO A 179 -12.58 13.82 37.22
C PRO A 179 -13.94 14.43 36.86
N LEU A 180 -14.67 14.93 37.87
CA LEU A 180 -15.97 15.63 37.64
C LEU A 180 -15.78 16.97 36.91
N HIS A 181 -14.71 17.69 37.25
CA HIS A 181 -14.41 18.93 36.57
C HIS A 181 -13.93 18.62 35.16
N ILE A 182 -13.02 17.66 35.02
CA ILE A 182 -12.57 17.29 33.66
C ILE A 182 -13.75 16.85 32.76
N SER A 183 -14.70 16.12 33.30
CA SER A 183 -15.86 15.75 32.51
C SER A 183 -16.66 16.95 32.00
N THR A 184 -16.98 17.90 32.88
CA THR A 184 -17.70 19.08 32.43
C THR A 184 -16.89 19.89 31.42
N PHE A 185 -15.59 19.96 31.64
CA PHE A 185 -14.72 20.74 30.75
C PHE A 185 -14.75 20.16 29.38
N ILE A 186 -14.54 18.84 29.30
CA ILE A 186 -14.45 18.15 27.99
C ILE A 186 -15.79 18.18 27.26
N ASN A 187 -16.88 18.03 28.02
CA ASN A 187 -18.20 18.19 27.48
C ASN A 187 -18.45 19.61 26.94
N GLU A 188 -17.92 20.63 27.62
CA GLU A 188 -17.91 21.96 27.04
C GLU A 188 -17.11 22.04 25.71
N LEU A 189 -15.93 21.42 25.63
CA LEU A 189 -15.13 21.46 24.40
C LEU A 189 -15.91 20.79 23.30
N ASP A 190 -16.53 19.66 23.61
CA ASP A 190 -17.32 18.95 22.63
C ASP A 190 -18.40 19.85 22.05
N SER A 191 -19.14 20.56 22.91
CA SER A 191 -20.22 21.47 22.49
C SER A 191 -19.70 22.63 21.66
N GLY A 192 -18.49 23.07 21.98
CA GLY A 192 -17.79 24.06 21.20
C GLY A 192 -17.53 23.58 19.81
N PHE A 193 -16.92 22.40 19.68
CA PHE A 193 -16.59 21.84 18.33
C PHE A 193 -17.81 21.64 17.44
N ARG A 194 -18.91 21.16 18.03
CA ARG A 194 -20.19 21.05 17.34
C ARG A 194 -20.59 22.35 16.62
N LEU A 195 -20.32 23.51 17.22
CA LEU A 195 -20.65 24.80 16.58
C LEU A 195 -19.90 24.96 15.27
N LEU A 196 -18.65 24.54 15.25
CA LEU A 196 -17.81 24.71 14.09
C LEU A 196 -18.33 23.77 13.01
N ASN A 197 -18.16 24.13 11.76
CA ASN A 197 -18.45 23.16 10.73
C ASN A 197 -17.08 22.87 10.09
N LEU A 198 -16.36 21.92 10.67
CA LEU A 198 -14.99 21.62 10.24
C LEU A 198 -14.88 21.15 8.79
N LYS A 199 -13.80 21.58 8.10
CA LYS A 199 -13.60 21.21 6.71
C LYS A 199 -12.24 20.59 6.48
N ASN A 200 -11.21 21.18 7.06
CA ASN A 200 -9.90 20.58 7.07
C ASN A 200 -9.97 19.09 7.51
N ASP A 201 -9.36 18.19 6.73
CA ASP A 201 -9.47 16.76 6.99
C ASP A 201 -8.74 16.32 8.24
N SER A 202 -7.48 16.74 8.37
CA SER A 202 -6.67 16.44 9.57
C SER A 202 -7.46 16.82 10.79
N LEU A 203 -8.07 18.00 10.76
CA LEU A 203 -8.78 18.50 11.92
C LEU A 203 -10.06 17.72 12.21
N ARG A 204 -10.79 17.33 11.15
CA ARG A 204 -12.01 16.50 11.32
C ARG A 204 -11.66 15.13 11.83
N LYS A 205 -10.54 14.61 11.34
CA LYS A 205 -10.00 13.34 11.80
C LYS A 205 -9.81 13.44 13.29
N ARG A 206 -9.06 14.43 13.73
CA ARG A 206 -8.71 14.56 15.14
C ARG A 206 -9.91 14.78 16.01
N TYR A 207 -10.89 15.50 15.48
CA TYR A 207 -12.11 15.78 16.21
C TYR A 207 -12.79 14.46 16.47
N ASP A 208 -12.67 13.50 15.56
CA ASP A 208 -13.37 12.22 15.74
C ASP A 208 -12.85 11.51 16.97
N GLY A 209 -11.62 11.85 17.36
CA GLY A 209 -10.96 11.26 18.52
C GLY A 209 -11.60 11.72 19.79
N LEU A 210 -12.05 12.97 19.80
CA LEU A 210 -12.63 13.58 21.00
C LEU A 210 -13.77 12.78 21.61
N LYS A 211 -14.62 12.17 20.79
CA LYS A 211 -15.76 11.45 21.32
C LYS A 211 -15.33 10.31 22.19
N TYR A 212 -14.16 9.74 21.93
CA TYR A 212 -13.61 8.71 22.81
C TYR A 212 -13.12 9.27 24.14
N ASP A 213 -12.52 10.46 24.11
CA ASP A 213 -12.16 11.17 25.36
C ASP A 213 -13.38 11.51 26.18
N VAL A 214 -14.43 11.99 25.54
CA VAL A 214 -15.68 12.24 26.23
C VAL A 214 -16.19 10.97 26.88
N LYS A 215 -16.22 9.87 26.14
CA LYS A 215 -16.76 8.62 26.67
C LYS A 215 -15.99 8.14 27.88
N LYS A 216 -14.66 8.18 27.79
CA LYS A 216 -13.81 7.68 28.84
C LYS A 216 -14.06 8.44 30.16
N VAL A 217 -14.24 9.75 30.03
CA VAL A 217 -14.27 10.62 31.16
C VAL A 217 -15.62 10.53 31.83
N GLU A 218 -16.65 10.25 31.00
CA GLU A 218 -18.00 10.15 31.51
C GLU A 218 -18.11 8.85 32.27
N GLU A 219 -17.42 7.83 31.77
CA GLU A 219 -17.41 6.58 32.47
C GLU A 219 -16.61 6.59 33.79
N VAL A 220 -15.54 7.39 33.87
CA VAL A 220 -14.82 7.53 35.12
C VAL A 220 -15.77 8.09 36.16
N VAL A 221 -16.51 9.12 35.81
CA VAL A 221 -17.40 9.75 36.77
C VAL A 221 -18.49 8.80 37.23
N TYR A 222 -19.10 8.06 36.28
CA TYR A 222 -20.02 6.97 36.61
C TYR A 222 -19.44 6.01 37.68
N ASP A 223 -18.26 5.45 37.43
CA ASP A 223 -17.52 4.60 38.39
C ASP A 223 -17.45 5.22 39.77
N LEU A 224 -17.16 6.52 39.83
CA LEU A 224 -17.12 7.22 41.11
C LEU A 224 -18.49 7.34 41.72
N SER A 225 -19.50 7.75 40.94
CA SER A 225 -20.82 8.03 41.52
C SER A 225 -21.47 6.77 42.01
N ILE A 226 -21.29 5.68 41.29
CA ILE A 226 -21.95 4.46 41.68
C ILE A 226 -21.37 3.83 42.96
N ARG A 227 -20.22 4.31 43.39
CA ARG A 227 -19.58 3.85 44.61
C ARG A 227 -19.59 4.94 45.67
N GLY A 228 -20.29 6.05 45.39
CA GLY A 228 -20.38 7.22 46.30
C GLY A 228 -19.10 7.99 46.53
N PHE A 229 -18.94 9.11 45.82
CA PHE A 229 -17.85 10.06 46.16
C PHE A 229 -18.22 11.51 45.79
N MET B 13 43.96 -6.14 -17.16
CA MET B 13 42.98 -7.25 -16.95
C MET B 13 41.83 -7.13 -17.95
N SER B 14 41.54 -8.23 -18.65
CA SER B 14 40.29 -8.37 -19.42
C SER B 14 39.09 -8.43 -18.44
N VAL B 15 37.88 -8.29 -18.95
CA VAL B 15 36.71 -8.29 -18.04
C VAL B 15 36.52 -9.66 -17.41
N SER B 16 36.92 -10.70 -18.17
CA SER B 16 36.83 -12.10 -17.73
C SER B 16 37.59 -12.30 -16.41
N GLU B 17 38.90 -11.98 -16.45
CA GLU B 17 39.79 -12.03 -15.28
C GLU B 17 39.29 -11.17 -14.12
N ILE B 18 38.70 -10.01 -14.46
CA ILE B 18 38.14 -9.11 -13.45
C ILE B 18 37.03 -9.84 -12.73
N PHE B 19 36.18 -10.54 -13.49
CA PHE B 19 34.98 -11.14 -12.89
C PHE B 19 35.23 -12.44 -12.11
N VAL B 20 36.12 -13.28 -12.63
CA VAL B 20 36.50 -14.48 -11.91
C VAL B 20 37.06 -14.08 -10.53
N GLU B 21 37.78 -12.96 -10.50
CA GLU B 21 38.31 -12.45 -9.26
C GLU B 21 37.21 -12.12 -8.28
N LEU B 22 36.18 -11.41 -8.76
CA LEU B 22 35.10 -10.90 -7.92
C LEU B 22 34.22 -12.00 -7.39
N GLN B 23 34.03 -13.04 -8.19
CA GLN B 23 33.33 -14.22 -7.76
C GLN B 23 34.00 -14.83 -6.52
N GLY B 24 35.35 -14.85 -6.51
CA GLY B 24 36.15 -15.25 -5.35
C GLY B 24 35.75 -14.50 -4.09
N PHE B 25 35.83 -13.17 -4.15
CA PHE B 25 35.46 -12.32 -3.02
C PHE B 25 34.01 -12.52 -2.54
N LEU B 26 33.10 -12.67 -3.49
CA LEU B 26 31.69 -12.87 -3.17
C LEU B 26 31.41 -14.22 -2.51
N ALA B 27 32.06 -15.27 -3.01
CA ALA B 27 31.91 -16.59 -2.42
C ALA B 27 32.41 -16.57 -0.98
N ALA B 28 33.54 -15.88 -0.76
CA ALA B 28 34.12 -15.73 0.57
C ALA B 28 33.13 -15.08 1.52
N GLU B 29 32.56 -13.95 1.06
CA GLU B 29 31.61 -13.21 1.87
C GLU B 29 30.39 -14.08 2.14
N GLN B 30 29.97 -14.85 1.13
CA GLN B 30 28.79 -15.71 1.19
C GLN B 30 28.95 -16.74 2.29
N ASP B 31 30.16 -17.29 2.38
CA ASP B 31 30.47 -18.29 3.39
C ASP B 31 30.48 -17.73 4.81
N ILE B 32 31.10 -16.56 5.00
CA ILE B 32 31.01 -15.85 6.27
C ILE B 32 29.55 -15.64 6.68
N ARG B 33 28.72 -15.19 5.75
CA ARG B 33 27.34 -15.05 6.09
C ARG B 33 26.67 -16.37 6.54
N GLU B 34 27.02 -17.48 5.90
CA GLU B 34 26.37 -18.77 6.20
C GLU B 34 26.79 -19.29 7.55
N GLU B 35 28.05 -19.07 7.88
CA GLU B 35 28.57 -19.45 9.19
C GLU B 35 27.87 -18.66 10.27
N ILE B 36 27.61 -17.39 9.99
CA ILE B 36 26.90 -16.57 10.92
C ILE B 36 25.49 -17.13 11.19
N ARG B 37 24.83 -17.60 10.11
CA ARG B 37 23.47 -18.08 10.20
C ARG B 37 23.31 -19.20 11.20
N LYS B 38 24.11 -20.26 11.02
CA LYS B 38 24.15 -21.46 11.93
C LYS B 38 24.32 -21.18 13.42
N VAL B 39 25.28 -20.33 13.78
CA VAL B 39 25.35 -19.81 15.14
C VAL B 39 24.08 -19.07 15.55
N VAL B 40 23.59 -18.17 14.69
CA VAL B 40 22.39 -17.41 15.06
C VAL B 40 21.15 -18.30 15.28
N GLN B 41 21.05 -19.43 14.57
CA GLN B 41 20.01 -20.44 14.89
C GLN B 41 20.12 -20.95 16.32
N SER B 42 21.35 -21.31 16.73
CA SER B 42 21.63 -21.77 18.09
C SER B 42 21.28 -20.70 19.11
N LEU B 43 21.73 -19.48 18.83
CA LEU B 43 21.41 -18.34 19.66
C LEU B 43 19.90 -18.17 19.85
N GLU B 44 19.16 -18.26 18.75
CA GLU B 44 17.70 -18.04 18.75
C GLU B 44 16.93 -19.12 19.53
N GLN B 45 17.42 -20.36 19.42
CA GLN B 45 16.92 -21.47 20.23
C GLN B 45 17.17 -21.26 21.73
N THR B 46 18.39 -20.91 22.10
CA THR B 46 18.71 -20.60 23.51
C THR B 46 17.85 -19.45 24.05
N ALA B 47 17.72 -18.40 23.26
CA ALA B 47 16.81 -17.33 23.57
C ALA B 47 15.35 -17.80 23.75
N ARG B 48 14.85 -18.68 22.86
CA ARG B 48 13.45 -19.17 22.99
C ARG B 48 13.28 -19.89 24.30
N GLU B 49 14.29 -20.68 24.64
CA GLU B 49 14.31 -21.45 25.87
C GLU B 49 14.25 -20.54 27.08
N ILE B 50 15.02 -19.46 27.04
CA ILE B 50 15.03 -18.53 28.16
C ILE B 50 13.65 -17.86 28.29
N LEU B 51 13.00 -17.61 27.15
CA LEU B 51 11.69 -16.96 27.11
C LEU B 51 10.56 -17.80 27.70
N THR B 52 10.43 -19.07 27.24
CA THR B 52 9.42 -20.00 27.82
C THR B 52 9.58 -20.13 29.34
N LEU B 53 10.83 -20.25 29.76
CA LEU B 53 11.19 -20.36 31.14
C LEU B 53 10.71 -19.18 31.97
N LEU B 54 11.02 -17.96 31.51
CA LEU B 54 10.64 -16.74 32.21
C LEU B 54 9.14 -16.51 32.09
N GLN B 55 8.56 -16.84 30.93
CA GLN B 55 7.15 -16.56 30.68
C GLN B 55 6.19 -17.41 31.48
N GLY B 56 6.73 -18.28 32.32
CA GLY B 56 5.92 -19.01 33.28
C GLY B 56 5.32 -18.09 34.33
N VAL B 57 5.91 -16.90 34.51
CA VAL B 57 5.49 -16.01 35.61
C VAL B 57 4.06 -15.54 35.44
N HIS B 58 3.55 -15.68 34.21
CA HIS B 58 2.18 -15.30 33.87
C HIS B 58 1.08 -16.18 34.52
N GLN B 59 1.46 -17.36 35.05
CA GLN B 59 0.55 -18.24 35.83
C GLN B 59 0.84 -18.22 37.33
N ASP B 65 8.19 -18.08 43.79
CA ASP B 65 8.89 -19.09 42.99
C ASP B 65 9.82 -18.44 41.96
N ILE B 66 9.68 -17.13 41.76
CA ILE B 66 10.49 -16.42 40.74
C ILE B 66 12.03 -16.48 40.93
N PRO B 67 12.53 -16.59 42.22
CA PRO B 67 13.99 -16.65 42.37
C PRO B 67 14.56 -17.94 41.78
N LYS B 68 13.72 -18.98 41.69
CA LYS B 68 14.02 -20.19 40.94
C LYS B 68 14.14 -19.87 39.45
N ARG B 69 13.14 -19.19 38.86
CA ARG B 69 13.10 -18.86 37.42
C ARG B 69 14.31 -18.06 37.01
N CYS B 70 14.57 -17.01 37.77
CA CYS B 70 15.73 -16.15 37.56
C CYS B 70 17.10 -16.86 37.69
N LEU B 71 17.19 -17.85 38.58
CA LEU B 71 18.37 -18.74 38.61
C LEU B 71 18.55 -19.60 37.33
N LYS B 72 17.54 -20.43 37.04
CA LYS B 72 17.61 -21.30 35.86
C LYS B 72 17.87 -20.44 34.62
N ALA B 73 17.36 -19.20 34.65
CA ALA B 73 17.56 -18.29 33.52
C ALA B 73 19.00 -17.86 33.36
N ARG B 74 19.62 -17.56 34.50
CA ARG B 74 21.01 -17.07 34.52
C ARG B 74 22.03 -18.15 34.16
N GLU B 75 21.76 -19.39 34.56
CA GLU B 75 22.50 -20.53 34.00
C GLU B 75 22.46 -20.57 32.46
N HIS B 76 21.30 -20.37 31.86
CA HIS B 76 21.21 -20.42 30.42
C HIS B 76 22.05 -19.37 29.74
N PHE B 77 22.22 -18.21 30.38
CA PHE B 77 23.04 -17.14 29.81
C PHE B 77 24.53 -17.54 29.72
N GLY B 78 24.92 -18.55 30.51
CA GLY B 78 26.13 -19.30 30.23
C GLY B 78 26.17 -19.83 28.80
N THR B 79 25.09 -20.47 28.32
CA THR B 79 25.01 -20.97 26.92
C THR B 79 25.03 -19.84 25.89
N VAL B 80 24.53 -18.69 26.30
CA VAL B 80 24.48 -17.54 25.40
C VAL B 80 25.86 -16.97 25.18
N LYS B 81 26.61 -16.78 26.28
CA LYS B 81 28.04 -16.36 26.25
C LYS B 81 28.83 -17.23 25.30
N THR B 82 28.58 -18.54 25.39
CA THR B 82 29.27 -19.52 24.56
C THR B 82 29.03 -19.24 23.10
N HIS B 83 27.77 -19.06 22.73
CA HIS B 83 27.41 -18.89 21.34
C HIS B 83 27.95 -17.59 20.78
N LEU B 84 27.94 -16.54 21.60
CA LEU B 84 28.46 -15.23 21.18
C LEU B 84 29.98 -15.21 20.95
N THR B 85 30.76 -15.75 21.90
CA THR B 85 32.19 -15.89 21.67
C THR B 85 32.42 -16.69 20.38
N SER B 86 31.60 -17.73 20.16
CA SER B 86 31.65 -18.54 18.92
C SER B 86 31.30 -17.66 17.73
N LEU B 87 30.42 -16.69 17.95
CA LEU B 87 29.98 -15.82 16.86
C LEU B 87 31.10 -14.91 16.41
N LYS B 88 31.96 -14.53 17.35
CA LYS B 88 33.13 -13.67 17.10
C LYS B 88 34.15 -14.26 16.14
N THR B 89 34.27 -15.58 16.16
CA THR B 89 35.23 -16.29 15.32
C THR B 89 34.77 -16.34 13.88
N LYS B 90 33.48 -16.13 13.63
CA LYS B 90 32.91 -16.33 12.30
C LYS B 90 33.16 -15.19 11.31
N PHE B 91 33.51 -14.01 11.84
CA PHE B 91 33.70 -12.80 11.01
C PHE B 91 34.76 -11.85 11.57
N PRO B 92 35.28 -10.92 10.72
CA PRO B 92 36.22 -9.91 11.24
C PRO B 92 35.56 -8.81 12.10
N ALA B 93 35.99 -8.74 13.36
CA ALA B 93 35.47 -7.84 14.41
C ALA B 93 35.26 -6.37 14.03
N GLU B 94 36.12 -5.84 13.17
CA GLU B 94 36.01 -4.46 12.70
C GLU B 94 34.86 -4.26 11.69
N GLN B 95 34.35 -5.36 11.13
CA GLN B 95 33.25 -5.29 10.13
C GLN B 95 31.85 -5.54 10.74
N TYR B 96 31.71 -5.32 12.05
CA TYR B 96 30.47 -5.60 12.79
C TYR B 96 29.20 -5.20 12.05
N TYR B 97 29.17 -3.97 11.56
CA TYR B 97 27.97 -3.47 10.92
C TYR B 97 27.70 -4.02 9.55
N ARG B 98 28.67 -4.74 8.96
CA ARG B 98 28.47 -5.44 7.67
C ARG B 98 27.46 -6.59 7.82
N PHE B 99 27.56 -7.31 8.94
CA PHE B 99 26.77 -8.50 9.18
C PHE B 99 25.83 -8.39 10.39
N HIS B 100 25.64 -7.17 10.88
CA HIS B 100 24.84 -6.87 12.06
C HIS B 100 23.41 -7.34 11.89
N GLU B 101 22.85 -7.16 10.68
CA GLU B 101 21.42 -7.49 10.45
C GLU B 101 21.06 -8.96 10.68
N HIS B 102 22.01 -9.87 10.48
CA HIS B 102 21.83 -11.27 10.86
C HIS B 102 21.46 -11.56 12.34
N TRP B 103 21.98 -10.77 13.28
CA TRP B 103 21.74 -11.03 14.71
C TRP B 103 20.94 -9.93 15.38
N ARG B 104 20.67 -8.84 14.65
CA ARG B 104 19.85 -7.75 15.17
C ARG B 104 18.63 -8.26 15.90
N PHE B 105 17.89 -9.23 15.34
CA PHE B 105 16.68 -9.73 16.01
C PHE B 105 16.93 -10.39 17.38
N VAL B 106 17.81 -11.38 17.39
CA VAL B 106 18.09 -12.16 18.58
C VAL B 106 18.87 -11.34 19.63
N LEU B 107 19.68 -10.39 19.19
CA LEU B 107 20.37 -9.54 20.14
C LEU B 107 19.38 -8.70 20.91
N GLN B 108 18.36 -8.17 20.22
CA GLN B 108 17.28 -7.43 20.88
C GLN B 108 16.42 -8.29 21.78
N ARG B 109 16.13 -9.53 21.40
CA ARG B 109 15.50 -10.50 22.32
C ARG B 109 16.30 -10.74 23.57
N LEU B 110 17.60 -10.88 23.41
CA LEU B 110 18.44 -11.14 24.56
C LEU B 110 18.48 -9.93 25.46
N VAL B 111 18.50 -8.72 24.89
CA VAL B 111 18.49 -7.53 25.73
C VAL B 111 17.22 -7.58 26.55
N PHE B 112 16.14 -8.01 25.88
CA PHE B 112 14.84 -8.01 26.51
C PHE B 112 14.85 -8.99 27.64
N LEU B 113 15.24 -10.21 27.34
CA LEU B 113 15.36 -11.25 28.37
C LEU B 113 16.29 -10.91 29.55
N ALA B 114 17.43 -10.29 29.27
CA ALA B 114 18.31 -9.81 30.33
C ALA B 114 17.63 -8.80 31.23
N ALA B 115 17.04 -7.78 30.61
CA ALA B 115 16.25 -6.75 31.34
C ALA B 115 15.07 -7.30 32.17
N PHE B 116 14.43 -8.31 31.60
CA PHE B 116 13.30 -8.98 32.22
C PHE B 116 13.73 -9.71 33.51
N VAL B 117 14.82 -10.48 33.43
CA VAL B 117 15.37 -11.12 34.62
C VAL B 117 15.69 -10.07 35.64
N VAL B 118 16.44 -9.04 35.25
CA VAL B 118 16.81 -8.00 36.21
C VAL B 118 15.61 -7.36 36.88
N TYR B 119 14.57 -7.11 36.08
CA TYR B 119 13.33 -6.52 36.61
C TYR B 119 12.66 -7.42 37.66
N LEU B 120 12.52 -8.71 37.35
CA LEU B 120 11.94 -9.64 38.33
C LEU B 120 12.79 -9.85 39.60
N GLU B 121 14.11 -9.70 39.49
CA GLU B 121 14.97 -9.74 40.67
C GLU B 121 14.91 -8.44 41.48
N THR B 122 14.98 -7.29 40.79
CA THR B 122 15.36 -6.02 41.47
C THR B 122 14.36 -4.90 41.33
N GLU B 123 13.38 -5.12 40.43
CA GLU B 123 12.38 -4.11 40.00
C GLU B 123 12.97 -2.86 39.34
N THR B 124 14.12 -3.05 38.67
CA THR B 124 14.91 -1.91 38.14
C THR B 124 15.26 -2.15 36.70
N LEU B 125 15.74 -1.10 36.05
CA LEU B 125 16.08 -1.26 34.63
C LEU B 125 17.57 -1.56 34.48
N VAL B 126 17.91 -2.76 34.04
CA VAL B 126 19.30 -3.12 33.79
C VAL B 126 19.94 -2.04 32.93
N THR B 127 21.12 -1.60 33.31
CA THR B 127 21.87 -0.65 32.52
C THR B 127 22.34 -1.40 31.26
N ARG B 128 22.81 -0.67 30.25
CA ARG B 128 23.28 -1.30 29.03
C ARG B 128 24.58 -2.10 29.24
N GLU B 129 25.45 -1.56 30.11
CA GLU B 129 26.76 -2.14 30.44
C GLU B 129 26.61 -3.43 31.25
N ALA B 130 25.60 -3.47 32.12
CA ALA B 130 25.23 -4.70 32.79
C ALA B 130 24.75 -5.80 31.82
N VAL B 131 23.99 -5.42 30.79
CA VAL B 131 23.50 -6.38 29.80
C VAL B 131 24.66 -6.93 29.00
N THR B 132 25.61 -6.06 28.68
CA THR B 132 26.76 -6.53 27.94
C THR B 132 27.49 -7.63 28.74
N GLU B 133 27.69 -7.37 30.05
CA GLU B 133 28.27 -8.33 31.00
C GLU B 133 27.57 -9.68 31.09
N ILE B 134 26.24 -9.66 31.16
CA ILE B 134 25.45 -10.90 31.23
C ILE B 134 25.64 -11.78 29.97
N LEU B 135 25.76 -11.14 28.81
CA LEU B 135 25.88 -11.83 27.55
C LEU B 135 27.33 -12.29 27.20
N GLY B 136 28.31 -11.74 27.91
CA GLY B 136 29.69 -11.96 27.51
C GLY B 136 30.07 -11.16 26.25
N ILE B 137 29.57 -9.94 26.18
CA ILE B 137 29.91 -9.01 25.11
C ILE B 137 30.83 -7.92 25.67
N GLU B 138 31.51 -7.16 24.80
CA GLU B 138 32.38 -6.05 25.26
C GLU B 138 31.61 -4.73 25.34
N PRO B 139 32.04 -3.82 26.24
CA PRO B 139 31.50 -2.45 26.25
C PRO B 139 32.18 -1.57 25.18
N ASP B 140 31.65 -0.35 24.96
CA ASP B 140 32.12 0.51 23.85
C ASP B 140 33.61 0.84 23.84
N ARG B 141 34.21 0.91 25.04
CA ARG B 141 35.62 1.26 25.18
C ARG B 141 36.60 0.08 25.07
N GLU B 142 36.22 -1.01 24.38
CA GLU B 142 37.04 -2.23 24.41
C GLU B 142 37.34 -2.85 23.04
N LYS B 143 36.58 -2.45 22.01
CA LYS B 143 36.64 -3.06 20.66
C LYS B 143 36.16 -4.54 20.63
N GLY B 144 35.66 -4.96 19.45
CA GLY B 144 35.12 -6.31 19.28
C GLY B 144 33.69 -6.35 19.82
N PHE B 145 32.82 -7.10 19.14
CA PHE B 145 31.36 -7.21 19.41
C PHE B 145 30.73 -6.25 20.44
N HIS B 146 30.11 -5.17 19.95
CA HIS B 146 29.47 -4.17 20.82
C HIS B 146 27.96 -4.41 20.94
N LEU B 147 27.34 -3.75 21.92
CA LEU B 147 25.87 -3.64 21.99
C LEU B 147 25.41 -2.21 21.66
N ASP B 148 25.01 -2.02 20.40
CA ASP B 148 24.35 -0.82 19.86
C ASP B 148 23.42 -0.13 20.88
N VAL B 149 23.42 1.20 20.91
CA VAL B 149 22.38 1.91 21.67
C VAL B 149 20.95 1.56 21.19
N GLU B 150 20.76 1.52 19.86
CA GLU B 150 19.47 1.22 19.20
C GLU B 150 18.94 -0.17 19.54
N ASP B 151 19.85 -1.13 19.69
CA ASP B 151 19.44 -2.50 20.01
C ASP B 151 19.01 -2.61 21.47
N TYR B 152 19.73 -1.91 22.32
CA TYR B 152 19.40 -1.85 23.74
C TYR B 152 17.98 -1.27 23.95
N LEU B 153 17.70 -0.12 23.33
CA LEU B 153 16.44 0.55 23.46
C LEU B 153 15.28 -0.31 22.96
N SER B 154 15.51 -1.08 21.89
CA SER B 154 14.48 -1.96 21.37
C SER B 154 14.13 -3.00 22.43
N GLY B 155 15.15 -3.57 23.06
CA GLY B 155 14.95 -4.62 24.05
C GLY B 155 14.12 -4.08 25.19
N VAL B 156 14.31 -2.79 25.47
CA VAL B 156 13.66 -2.18 26.61
C VAL B 156 12.18 -2.00 26.26
N LEU B 157 11.92 -1.53 25.02
CA LEU B 157 10.54 -1.45 24.47
C LEU B 157 9.80 -2.79 24.55
N ILE B 158 10.46 -3.87 24.17
CA ILE B 158 9.84 -5.18 24.24
C ILE B 158 9.57 -5.51 25.70
N LEU B 159 10.44 -5.05 26.60
CA LEU B 159 10.28 -5.32 28.04
C LEU B 159 9.00 -4.65 28.52
N ALA B 160 8.82 -3.40 28.13
CA ALA B 160 7.60 -2.67 28.48
C ALA B 160 6.29 -3.44 28.10
N SER B 161 6.23 -4.00 26.90
CA SER B 161 5.08 -4.82 26.51
C SER B 161 4.89 -6.06 27.39
N GLU B 162 5.97 -6.73 27.72
CA GLU B 162 5.87 -7.89 28.56
C GLU B 162 5.38 -7.54 29.96
N LEU B 163 5.81 -6.39 30.47
CA LEU B 163 5.45 -5.92 31.81
C LEU B 163 4.03 -5.46 31.93
N SER B 164 3.52 -4.82 30.86
CA SER B 164 2.10 -4.50 30.75
C SER B 164 1.22 -5.79 30.74
N ARG B 165 1.69 -6.85 30.08
CA ARG B 165 0.97 -8.09 30.14
C ARG B 165 0.99 -8.70 31.55
N LEU B 166 2.16 -8.60 32.19
CA LEU B 166 2.43 -9.15 33.50
C LEU B 166 1.58 -8.49 34.54
N SER B 167 1.52 -7.16 34.47
CA SER B 167 0.57 -6.37 35.28
C SER B 167 -0.85 -6.95 35.28
N VAL B 168 -1.39 -7.26 34.10
CA VAL B 168 -2.72 -7.83 33.99
C VAL B 168 -2.80 -9.22 34.61
N ASN B 169 -1.83 -10.09 34.30
CA ASN B 169 -1.88 -11.46 34.86
C ASN B 169 -1.66 -11.49 36.39
N SER B 170 -0.84 -10.54 36.84
CA SER B 170 -0.57 -10.35 38.23
C SER B 170 -1.85 -10.18 39.03
N VAL B 171 -2.72 -9.31 38.57
CA VAL B 171 -4.01 -9.16 39.21
C VAL B 171 -4.71 -10.53 39.23
N THR B 172 -4.71 -11.26 38.12
CA THR B 172 -5.53 -12.48 38.10
C THR B 172 -5.04 -13.45 39.20
N ALA B 173 -3.73 -13.52 39.40
CA ALA B 173 -3.08 -14.40 40.37
C ALA B 173 -3.15 -13.84 41.82
N GLY B 174 -3.80 -12.70 42.02
CA GLY B 174 -4.08 -12.24 43.37
C GLY B 174 -3.02 -11.30 43.91
N ASP B 175 -1.95 -11.08 43.17
CA ASP B 175 -0.99 -10.04 43.55
C ASP B 175 -1.47 -8.61 43.12
N TYR B 176 -1.95 -7.83 44.10
CA TYR B 176 -2.45 -6.46 43.82
C TYR B 176 -1.43 -5.36 44.05
N SER B 177 -0.17 -5.73 44.28
CA SER B 177 0.81 -4.70 44.53
C SER B 177 1.70 -4.49 43.31
N ARG B 178 2.07 -5.60 42.66
CA ARG B 178 2.98 -5.53 41.54
C ARG B 178 2.56 -4.48 40.46
N PRO B 179 1.27 -4.50 40.03
CA PRO B 179 0.81 -3.55 39.06
C PRO B 179 1.19 -2.08 39.37
N LEU B 180 1.15 -1.72 40.66
CA LEU B 180 1.53 -0.35 41.15
C LEU B 180 2.97 0.02 40.80
N HIS B 181 3.87 -0.95 41.04
CA HIS B 181 5.27 -0.83 40.70
C HIS B 181 5.49 -0.81 39.20
N ILE B 182 4.87 -1.74 38.49
CA ILE B 182 4.95 -1.72 37.01
C ILE B 182 4.50 -0.38 36.35
N SER B 183 3.43 0.19 36.87
CA SER B 183 2.96 1.46 36.38
C SER B 183 3.98 2.60 36.55
N THR B 184 4.57 2.71 37.75
CA THR B 184 5.67 3.61 37.98
C THR B 184 6.86 3.35 37.09
N PHE B 185 7.28 2.10 37.01
CA PHE B 185 8.38 1.77 36.14
C PHE B 185 8.15 2.29 34.70
N ILE B 186 7.00 1.93 34.12
CA ILE B 186 6.75 2.12 32.69
C ILE B 186 6.63 3.62 32.44
N ASN B 187 6.07 4.33 33.41
CA ASN B 187 6.02 5.78 33.30
C ASN B 187 7.39 6.43 33.33
N GLU B 188 8.31 5.83 34.09
CA GLU B 188 9.69 6.28 34.10
C GLU B 188 10.34 6.07 32.71
N LEU B 189 10.09 4.91 32.09
CA LEU B 189 10.65 4.62 30.76
C LEU B 189 10.12 5.58 29.71
N ASP B 190 8.82 5.82 29.77
CA ASP B 190 8.18 6.77 28.88
C ASP B 190 8.83 8.16 29.04
N SER B 191 8.98 8.63 30.28
CA SER B 191 9.78 9.85 30.55
C SER B 191 11.16 9.79 29.94
N GLY B 192 11.80 8.63 30.09
CA GLY B 192 13.11 8.41 29.52
C GLY B 192 13.17 8.66 28.02
N PHE B 193 12.30 7.96 27.28
CA PHE B 193 12.24 8.12 25.81
C PHE B 193 11.95 9.56 25.33
N ARG B 194 10.99 10.24 25.97
CA ARG B 194 10.70 11.64 25.63
C ARG B 194 11.93 12.54 25.58
N LEU B 195 12.88 12.28 26.47
CA LEU B 195 14.14 13.01 26.48
C LEU B 195 14.89 12.76 25.16
N LEU B 196 14.78 11.54 24.61
CA LEU B 196 15.51 11.15 23.37
C LEU B 196 14.85 11.79 22.17
N ASN B 197 15.66 12.12 21.17
CA ASN B 197 15.13 12.64 19.94
C ASN B 197 15.40 11.57 18.90
N LEU B 198 14.58 10.52 18.94
CA LEU B 198 14.71 9.39 18.02
C LEU B 198 14.64 9.76 16.55
N LYS B 199 15.51 9.16 15.76
CA LYS B 199 15.52 9.42 14.33
C LYS B 199 15.30 8.15 13.53
N ASN B 200 15.84 7.05 14.06
CA ASN B 200 15.66 5.74 13.45
C ASN B 200 14.19 5.41 13.30
N ASP B 201 13.79 4.99 12.10
CA ASP B 201 12.38 4.73 11.79
C ASP B 201 11.77 3.56 12.57
N SER B 202 12.41 2.39 12.49
CA SER B 202 12.00 1.23 13.28
C SER B 202 11.83 1.57 14.75
N LEU B 203 12.74 2.39 15.27
CA LEU B 203 12.76 2.67 16.69
C LEU B 203 11.66 3.65 17.11
N ARG B 204 11.50 4.73 16.34
CA ARG B 204 10.33 5.62 16.44
C ARG B 204 9.04 4.82 16.32
N LYS B 205 9.00 3.91 15.35
CA LYS B 205 7.85 3.05 15.18
C LYS B 205 7.58 2.28 16.47
N ARG B 206 8.59 1.65 17.02
CA ARG B 206 8.36 0.84 18.20
C ARG B 206 8.08 1.67 19.41
N TYR B 207 8.62 2.88 19.44
CA TYR B 207 8.33 3.79 20.54
C TYR B 207 6.84 4.17 20.56
N ASP B 208 6.23 4.28 19.39
CA ASP B 208 4.81 4.57 19.31
C ASP B 208 3.97 3.52 20.02
N GLY B 209 4.50 2.31 20.14
CA GLY B 209 3.83 1.25 20.86
C GLY B 209 3.75 1.47 22.35
N LEU B 210 4.70 2.22 22.86
CA LEU B 210 4.84 2.30 24.31
C LEU B 210 3.65 3.00 24.96
N LYS B 211 3.08 3.99 24.27
CA LYS B 211 1.89 4.65 24.79
C LYS B 211 0.68 3.74 25.08
N TYR B 212 0.54 2.66 24.33
CA TYR B 212 -0.51 1.70 24.61
C TYR B 212 -0.21 0.85 25.84
N ASP B 213 1.07 0.58 26.09
CA ASP B 213 1.46 -0.15 27.29
C ASP B 213 1.22 0.74 28.45
N VAL B 214 1.54 2.03 28.31
CA VAL B 214 1.44 2.96 29.43
C VAL B 214 0.00 2.98 29.80
N LYS B 215 -0.85 3.12 28.77
CA LYS B 215 -2.31 3.21 28.95
C LYS B 215 -2.83 2.01 29.74
N LYS B 216 -2.40 0.83 29.31
CA LYS B 216 -2.93 -0.42 29.83
C LYS B 216 -2.65 -0.56 31.31
N VAL B 217 -1.45 -0.14 31.68
CA VAL B 217 -0.92 -0.34 32.99
C VAL B 217 -1.55 0.63 33.97
N GLU B 218 -1.64 1.89 33.58
CA GLU B 218 -2.31 2.89 34.39
C GLU B 218 -3.76 2.48 34.58
N GLU B 219 -4.40 1.85 33.57
CA GLU B 219 -5.79 1.41 33.69
C GLU B 219 -5.98 0.23 34.64
N VAL B 220 -4.97 -0.63 34.71
CA VAL B 220 -4.99 -1.73 35.66
C VAL B 220 -4.99 -1.14 37.07
N VAL B 221 -4.12 -0.19 37.28
CA VAL B 221 -4.05 0.44 38.56
C VAL B 221 -5.37 1.13 38.89
N TYR B 222 -6.00 1.80 37.93
CA TYR B 222 -7.26 2.45 38.16
C TYR B 222 -8.25 1.43 38.67
N ASP B 223 -8.32 0.28 37.98
CA ASP B 223 -9.26 -0.77 38.35
C ASP B 223 -9.06 -1.22 39.80
N LEU B 224 -7.80 -1.25 40.22
CA LEU B 224 -7.48 -1.60 41.58
C LEU B 224 -7.90 -0.53 42.57
N SER B 225 -7.59 0.74 42.28
CA SER B 225 -7.89 1.85 43.18
C SER B 225 -9.36 2.02 43.49
N ILE B 226 -10.20 1.96 42.47
CA ILE B 226 -11.60 2.27 42.67
C ILE B 226 -12.29 1.13 43.39
N ARG B 227 -11.62 -0.02 43.49
CA ARG B 227 -12.10 -1.13 44.32
C ARG B 227 -11.37 -1.17 45.69
N GLY B 228 -10.46 -0.22 45.91
CA GLY B 228 -9.68 -0.16 47.13
C GLY B 228 -8.66 -1.28 47.24
N PHE B 229 -7.43 -1.04 46.78
CA PHE B 229 -6.30 -1.92 47.14
C PHE B 229 -4.99 -1.15 47.28
N MET C 13 9.76 -37.07 -33.86
CA MET C 13 8.41 -36.43 -33.87
C MET C 13 8.48 -34.95 -34.22
N SER C 14 7.61 -34.53 -35.15
CA SER C 14 7.36 -33.14 -35.47
C SER C 14 6.74 -32.41 -34.26
N VAL C 15 6.80 -31.08 -34.26
CA VAL C 15 6.32 -30.33 -33.11
C VAL C 15 4.80 -30.47 -32.92
N SER C 16 4.02 -30.56 -34.02
CA SER C 16 2.55 -30.69 -33.89
C SER C 16 2.17 -32.03 -33.24
N GLU C 17 2.75 -33.15 -33.72
CA GLU C 17 2.65 -34.46 -33.00
C GLU C 17 2.97 -34.35 -31.48
N ILE C 18 4.13 -33.76 -31.13
CA ILE C 18 4.53 -33.62 -29.74
C ILE C 18 3.46 -32.92 -28.93
N PHE C 19 2.91 -31.84 -29.49
CA PHE C 19 1.95 -31.01 -28.76
C PHE C 19 0.59 -31.66 -28.68
N VAL C 20 0.24 -32.48 -29.67
CA VAL C 20 -1.07 -33.14 -29.61
C VAL C 20 -1.05 -34.23 -28.51
N GLU C 21 0.13 -34.83 -28.31
CA GLU C 21 0.37 -35.76 -27.21
C GLU C 21 0.28 -35.07 -25.84
N LEU C 22 0.96 -33.92 -25.72
CA LEU C 22 0.91 -33.10 -24.51
C LEU C 22 -0.51 -32.70 -24.16
N GLN C 23 -1.29 -32.32 -25.17
CA GLN C 23 -2.70 -32.03 -24.99
C GLN C 23 -3.40 -33.18 -24.27
N GLY C 24 -3.11 -34.40 -24.73
CA GLY C 24 -3.61 -35.61 -24.11
C GLY C 24 -3.42 -35.52 -22.60
N PHE C 25 -2.16 -35.38 -22.16
CA PHE C 25 -1.79 -35.36 -20.72
C PHE C 25 -2.37 -34.22 -19.89
N LEU C 26 -2.37 -33.00 -20.43
CA LEU C 26 -2.95 -31.88 -19.71
C LEU C 26 -4.44 -32.08 -19.51
N ALA C 27 -5.16 -32.49 -20.56
CA ALA C 27 -6.58 -32.82 -20.44
C ALA C 27 -6.82 -33.85 -19.31
N ALA C 28 -6.08 -34.96 -19.33
CA ALA C 28 -6.18 -35.98 -18.29
C ALA C 28 -5.95 -35.37 -16.90
N GLU C 29 -4.89 -34.58 -16.79
CA GLU C 29 -4.58 -33.91 -15.53
C GLU C 29 -5.71 -33.01 -15.12
N GLN C 30 -6.24 -32.25 -16.09
CA GLN C 30 -7.32 -31.32 -15.80
C GLN C 30 -8.61 -32.04 -15.37
N ASP C 31 -8.82 -33.25 -15.88
CA ASP C 31 -9.98 -34.02 -15.46
C ASP C 31 -9.82 -34.48 -14.02
N ILE C 32 -8.60 -34.90 -13.66
CA ILE C 32 -8.31 -35.27 -12.27
C ILE C 32 -8.57 -34.11 -11.31
N ARG C 33 -8.15 -32.90 -11.69
CA ARG C 33 -8.33 -31.73 -10.84
C ARG C 33 -9.79 -31.43 -10.63
N GLU C 34 -10.57 -31.58 -11.71
CA GLU C 34 -12.01 -31.28 -11.70
C GLU C 34 -12.79 -32.26 -10.86
N GLU C 35 -12.49 -33.55 -11.02
CA GLU C 35 -13.05 -34.57 -10.13
C GLU C 35 -12.76 -34.29 -8.64
N ILE C 36 -11.55 -33.80 -8.35
CA ILE C 36 -11.16 -33.45 -6.98
C ILE C 36 -12.06 -32.35 -6.43
N ARG C 37 -12.15 -31.22 -7.13
CA ARG C 37 -12.96 -30.10 -6.65
C ARG C 37 -14.38 -30.47 -6.22
N LYS C 38 -15.06 -31.31 -7.00
CA LYS C 38 -16.43 -31.73 -6.69
C LYS C 38 -16.51 -32.45 -5.34
N VAL C 39 -15.47 -33.26 -5.04
CA VAL C 39 -15.37 -33.92 -3.71
C VAL C 39 -15.10 -32.92 -2.59
N VAL C 40 -14.21 -31.97 -2.86
CA VAL C 40 -13.88 -30.92 -1.91
C VAL C 40 -15.09 -30.04 -1.61
N GLN C 41 -15.93 -29.71 -2.60
CA GLN C 41 -17.20 -29.00 -2.36
C GLN C 41 -18.04 -29.72 -1.32
N SER C 42 -18.24 -31.03 -1.49
CA SER C 42 -19.05 -31.84 -0.57
C SER C 42 -18.41 -31.76 0.81
N LEU C 43 -17.09 -32.00 0.84
CA LEU C 43 -16.26 -31.93 2.06
C LEU C 43 -16.44 -30.62 2.82
N GLU C 44 -16.27 -29.50 2.11
CA GLU C 44 -16.43 -28.16 2.66
C GLU C 44 -17.84 -27.92 3.17
N GLN C 45 -18.83 -28.51 2.52
CA GLN C 45 -20.20 -28.38 2.98
C GLN C 45 -20.39 -29.11 4.30
N THR C 46 -20.07 -30.40 4.32
CA THR C 46 -20.21 -31.16 5.56
C THR C 46 -19.41 -30.47 6.67
N ALA C 47 -18.24 -29.93 6.33
CA ALA C 47 -17.47 -29.14 7.31
C ALA C 47 -18.24 -27.94 7.83
N ARG C 48 -18.86 -27.14 6.95
CA ARG C 48 -19.61 -25.97 7.42
C ARG C 48 -20.69 -26.44 8.38
N GLU C 49 -21.26 -27.61 8.10
CA GLU C 49 -22.37 -28.21 8.90
C GLU C 49 -21.87 -28.59 10.29
N ILE C 50 -20.68 -29.19 10.35
CA ILE C 50 -20.03 -29.52 11.63
C ILE C 50 -19.66 -28.28 12.46
N LEU C 51 -19.25 -27.21 11.76
CA LEU C 51 -18.97 -25.92 12.39
C LEU C 51 -20.25 -25.21 12.88
N THR C 52 -21.22 -24.96 11.99
CA THR C 52 -22.43 -24.25 12.43
C THR C 52 -23.06 -24.92 13.64
N LEU C 53 -23.07 -26.25 13.63
CA LEU C 53 -23.68 -26.93 14.75
C LEU C 53 -22.80 -26.86 16.02
N LEU C 54 -21.47 -26.92 15.91
CA LEU C 54 -20.57 -26.76 17.11
C LEU C 54 -20.52 -25.34 17.70
N GLN C 55 -20.47 -24.33 16.83
CA GLN C 55 -20.47 -22.94 17.25
C GLN C 55 -21.78 -22.59 17.97
N GLY C 56 -22.76 -23.52 17.90
CA GLY C 56 -24.03 -23.43 18.67
C GLY C 56 -23.74 -23.22 20.15
N VAL C 57 -22.59 -23.73 20.59
CA VAL C 57 -22.09 -23.56 21.97
C VAL C 57 -21.98 -22.08 22.37
N HIS C 58 -21.96 -21.19 21.37
CA HIS C 58 -22.01 -19.71 21.58
C HIS C 58 -23.40 -19.19 21.95
N ASP C 65 -25.67 -29.09 27.51
CA ASP C 65 -26.10 -29.84 26.31
C ASP C 65 -24.92 -30.23 25.38
N ILE C 66 -23.72 -29.77 25.73
CA ILE C 66 -22.50 -29.99 24.91
C ILE C 66 -22.24 -31.43 24.44
N PRO C 67 -22.24 -32.43 25.37
CA PRO C 67 -22.10 -33.86 24.98
C PRO C 67 -23.06 -34.39 23.88
N LYS C 68 -24.28 -33.85 23.81
CA LYS C 68 -25.20 -34.08 22.68
C LYS C 68 -24.60 -33.52 21.37
N ARG C 69 -24.16 -32.27 21.40
CA ARG C 69 -23.58 -31.64 20.22
C ARG C 69 -22.33 -32.39 19.74
N CYS C 70 -21.47 -32.76 20.67
CA CYS C 70 -20.30 -33.54 20.36
C CYS C 70 -20.61 -34.87 19.70
N LEU C 71 -21.72 -35.48 20.09
CA LEU C 71 -22.23 -36.70 19.45
C LEU C 71 -22.74 -36.51 18.02
N LYS C 72 -23.61 -35.53 17.80
CA LYS C 72 -24.11 -35.24 16.46
C LYS C 72 -22.93 -34.89 15.54
N ALA C 73 -21.93 -34.26 16.14
CA ALA C 73 -20.73 -33.84 15.43
C ALA C 73 -19.98 -35.05 14.93
N ARG C 74 -19.82 -36.05 15.79
CA ARG C 74 -19.07 -37.25 15.43
C ARG C 74 -19.81 -38.12 14.41
N GLU C 75 -21.15 -38.04 14.41
CA GLU C 75 -21.98 -38.66 13.38
C GLU C 75 -21.64 -38.06 12.01
N HIS C 76 -21.53 -36.74 11.95
CA HIS C 76 -21.15 -36.05 10.72
C HIS C 76 -19.76 -36.41 10.16
N PHE C 77 -18.84 -36.85 11.03
CA PHE C 77 -17.50 -37.25 10.59
C PHE C 77 -17.53 -38.59 9.87
N GLY C 78 -18.61 -39.35 10.13
CA GLY C 78 -18.97 -40.49 9.30
C GLY C 78 -18.98 -40.00 7.87
N THR C 79 -19.72 -38.92 7.60
CA THR C 79 -19.86 -38.36 6.24
C THR C 79 -18.50 -37.91 5.67
N VAL C 80 -17.61 -37.49 6.58
CA VAL C 80 -16.29 -37.06 6.16
C VAL C 80 -15.46 -38.26 5.71
N LYS C 81 -15.47 -39.33 6.50
CA LYS C 81 -14.74 -40.56 6.18
C LYS C 81 -15.08 -41.08 4.78
N THR C 82 -16.38 -41.19 4.49
CA THR C 82 -16.85 -41.62 3.16
C THR C 82 -16.32 -40.70 2.05
N HIS C 83 -16.40 -39.39 2.25
CA HIS C 83 -15.91 -38.43 1.25
C HIS C 83 -14.38 -38.50 0.98
N LEU C 84 -13.57 -38.60 2.03
CA LEU C 84 -12.12 -38.77 1.88
C LEU C 84 -11.75 -40.12 1.21
N THR C 85 -12.48 -41.19 1.54
CA THR C 85 -12.34 -42.44 0.80
C THR C 85 -12.65 -42.20 -0.67
N SER C 86 -13.67 -41.40 -0.92
CA SER C 86 -14.09 -41.08 -2.28
C SER C 86 -13.00 -40.26 -2.95
N LEU C 87 -12.33 -39.43 -2.16
CA LEU C 87 -11.34 -38.50 -2.68
C LEU C 87 -10.08 -39.22 -3.13
N LYS C 88 -9.74 -40.28 -2.42
CA LYS C 88 -8.56 -41.07 -2.72
C LYS C 88 -8.67 -41.77 -4.07
N THR C 89 -9.91 -42.00 -4.50
CA THR C 89 -10.20 -42.69 -5.77
C THR C 89 -10.00 -41.79 -7.00
N LYS C 90 -10.03 -40.47 -6.78
CA LYS C 90 -9.90 -39.46 -7.85
C LYS C 90 -8.47 -39.23 -8.40
N PHE C 91 -7.43 -39.59 -7.64
CA PHE C 91 -6.05 -39.31 -8.05
C PHE C 91 -5.16 -40.47 -7.63
N PRO C 92 -4.01 -40.67 -8.32
CA PRO C 92 -3.01 -41.65 -7.82
C PRO C 92 -2.31 -41.23 -6.49
N ALA C 93 -2.44 -42.09 -5.46
CA ALA C 93 -1.93 -41.88 -4.09
C ALA C 93 -0.52 -41.24 -3.96
N GLU C 94 0.41 -41.71 -4.80
CA GLU C 94 1.78 -41.22 -4.77
C GLU C 94 1.89 -39.74 -5.08
N GLN C 95 0.90 -39.20 -5.78
CA GLN C 95 0.90 -37.80 -6.19
C GLN C 95 0.16 -36.88 -5.22
N TYR C 96 0.11 -37.25 -3.94
CA TYR C 96 -0.57 -36.46 -2.87
C TYR C 96 -0.23 -34.95 -2.94
N TYR C 97 1.04 -34.62 -3.06
CA TYR C 97 1.41 -33.22 -3.01
C TYR C 97 1.16 -32.43 -4.28
N ARG C 98 0.93 -33.13 -5.38
CA ARG C 98 0.64 -32.44 -6.62
C ARG C 98 -0.73 -31.76 -6.56
N PHE C 99 -1.67 -32.40 -5.86
CA PHE C 99 -3.04 -31.91 -5.81
C PHE C 99 -3.43 -31.48 -4.41
N HIS C 100 -2.44 -31.37 -3.52
CA HIS C 100 -2.67 -31.04 -2.12
C HIS C 100 -3.40 -29.71 -1.93
N GLU C 101 -3.09 -28.69 -2.75
CA GLU C 101 -3.65 -27.34 -2.55
C GLU C 101 -5.16 -27.22 -2.78
N HIS C 102 -5.72 -28.20 -3.47
CA HIS C 102 -7.15 -28.30 -3.60
C HIS C 102 -7.85 -28.54 -2.26
N TRP C 103 -7.22 -29.29 -1.37
CA TRP C 103 -7.90 -29.63 -0.14
C TRP C 103 -7.20 -29.08 1.12
N ARG C 104 -6.21 -28.21 0.91
CA ARG C 104 -5.46 -27.61 2.01
C ARG C 104 -6.40 -26.86 2.94
N PHE C 105 -7.26 -26.04 2.38
CA PHE C 105 -8.17 -25.34 3.23
C PHE C 105 -9.03 -26.28 4.06
N VAL C 106 -9.79 -27.14 3.40
CA VAL C 106 -10.78 -27.95 4.10
C VAL C 106 -10.16 -28.92 5.11
N LEU C 107 -8.99 -29.44 4.75
CA LEU C 107 -8.30 -30.38 5.63
C LEU C 107 -7.92 -29.67 6.92
N GLN C 108 -7.51 -28.40 6.84
CA GLN C 108 -7.17 -27.64 8.03
C GLN C 108 -8.42 -27.32 8.84
N ARG C 109 -9.52 -26.99 8.17
CA ARG C 109 -10.79 -26.83 8.87
C ARG C 109 -11.21 -28.09 9.64
N LEU C 110 -11.06 -29.24 8.98
CA LEU C 110 -11.45 -30.49 9.60
C LEU C 110 -10.57 -30.74 10.82
N VAL C 111 -9.26 -30.47 10.74
CA VAL C 111 -8.38 -30.66 11.88
C VAL C 111 -8.94 -29.81 13.01
N PHE C 112 -9.18 -28.52 12.73
CA PHE C 112 -9.76 -27.58 13.69
C PHE C 112 -11.03 -28.13 14.30
N LEU C 113 -11.99 -28.50 13.46
CA LEU C 113 -13.22 -29.09 13.97
C LEU C 113 -13.03 -30.37 14.81
N ALA C 114 -12.19 -31.30 14.36
CA ALA C 114 -11.85 -32.48 15.17
C ALA C 114 -11.31 -32.06 16.55
N ALA C 115 -10.28 -31.23 16.54
CA ALA C 115 -9.67 -30.74 17.78
C ALA C 115 -10.70 -30.06 18.68
N PHE C 116 -11.60 -29.30 18.08
CA PHE C 116 -12.60 -28.58 18.81
C PHE C 116 -13.51 -29.57 19.52
N VAL C 117 -13.95 -30.61 18.81
CA VAL C 117 -14.77 -31.65 19.41
C VAL C 117 -14.05 -32.25 20.61
N VAL C 118 -12.80 -32.63 20.40
CA VAL C 118 -12.04 -33.26 21.47
C VAL C 118 -11.83 -32.32 22.66
N TYR C 119 -11.64 -31.03 22.37
CA TYR C 119 -11.55 -30.08 23.46
C TYR C 119 -12.88 -30.04 24.25
N LEU C 120 -14.00 -29.90 23.58
CA LEU C 120 -15.23 -29.82 24.31
C LEU C 120 -15.47 -31.08 25.15
N GLU C 121 -14.95 -32.20 24.68
CA GLU C 121 -15.19 -33.50 25.34
C GLU C 121 -14.29 -33.69 26.53
N THR C 122 -13.01 -33.47 26.31
CA THR C 122 -11.96 -33.88 27.23
C THR C 122 -11.08 -32.74 27.75
N GLU C 123 -11.36 -31.51 27.31
CA GLU C 123 -10.53 -30.33 27.62
C GLU C 123 -9.06 -30.61 27.33
N THR C 124 -8.84 -31.32 26.24
CA THR C 124 -7.50 -31.67 25.85
C THR C 124 -7.18 -31.54 24.34
N LEU C 125 -5.88 -31.53 24.01
CA LEU C 125 -5.46 -31.36 22.62
C LEU C 125 -5.38 -32.66 21.87
N VAL C 126 -6.28 -32.85 20.90
CA VAL C 126 -6.25 -34.04 20.06
C VAL C 126 -4.90 -34.21 19.47
N THR C 127 -4.38 -35.42 19.59
CA THR C 127 -3.09 -35.78 19.02
C THR C 127 -3.25 -35.99 17.53
N ARG C 128 -2.19 -35.78 16.74
CA ARG C 128 -2.28 -35.84 15.27
C ARG C 128 -2.87 -37.14 14.70
N GLU C 129 -2.44 -38.26 15.28
CA GLU C 129 -2.86 -39.60 14.87
C GLU C 129 -4.31 -39.85 15.24
N ALA C 130 -4.77 -39.30 16.35
CA ALA C 130 -6.18 -39.34 16.68
C ALA C 130 -7.01 -38.59 15.64
N VAL C 131 -6.46 -37.50 15.09
CA VAL C 131 -7.17 -36.73 14.06
C VAL C 131 -7.29 -37.51 12.74
N THR C 132 -6.24 -38.28 12.40
CA THR C 132 -6.31 -39.11 11.20
C THR C 132 -7.42 -40.14 11.38
N GLU C 133 -7.46 -40.77 12.56
CA GLU C 133 -8.48 -41.75 12.89
C GLU C 133 -9.91 -41.23 12.78
N ILE C 134 -10.11 -39.98 13.20
CA ILE C 134 -11.44 -39.35 13.18
C ILE C 134 -11.85 -39.09 11.77
N LEU C 135 -10.86 -38.74 10.94
CA LEU C 135 -11.06 -38.44 9.52
C LEU C 135 -10.99 -39.66 8.58
N GLY C 136 -10.58 -40.82 9.11
CA GLY C 136 -10.51 -42.05 8.31
C GLY C 136 -9.31 -42.02 7.40
N ILE C 137 -8.32 -41.24 7.79
CA ILE C 137 -7.08 -41.12 7.05
C ILE C 137 -6.06 -42.09 7.63
N GLU C 138 -4.93 -42.25 6.93
CA GLU C 138 -3.86 -43.16 7.37
C GLU C 138 -2.74 -42.38 8.03
N PRO C 139 -2.04 -43.01 9.00
CA PRO C 139 -0.82 -42.44 9.58
C PRO C 139 0.31 -42.32 8.54
N ASP C 140 1.41 -41.63 8.90
CA ASP C 140 2.57 -41.47 8.01
C ASP C 140 3.17 -42.81 7.54
N ARG C 141 3.07 -43.84 8.40
CA ARG C 141 3.71 -45.14 8.16
C ARG C 141 2.82 -46.17 7.43
N GLU C 142 1.92 -45.69 6.53
CA GLU C 142 0.97 -46.60 5.87
C GLU C 142 0.85 -46.34 4.37
N LYS C 143 1.35 -45.18 3.92
CA LYS C 143 1.18 -44.68 2.51
C LYS C 143 -0.30 -44.58 2.01
N GLY C 144 -0.54 -43.64 1.09
CA GLY C 144 -1.90 -43.21 0.72
C GLY C 144 -2.35 -42.14 1.72
N PHE C 145 -3.02 -41.09 1.20
CA PHE C 145 -3.55 -39.92 2.01
C PHE C 145 -3.12 -39.63 3.46
N HIS C 146 -2.18 -38.71 3.62
CA HIS C 146 -1.56 -38.37 4.93
C HIS C 146 -2.01 -37.02 5.46
N LEU C 147 -1.87 -36.81 6.79
CA LEU C 147 -2.09 -35.50 7.41
C LEU C 147 -0.78 -34.79 7.73
N ASP C 148 -0.48 -33.78 6.90
CA ASP C 148 0.71 -32.91 7.00
C ASP C 148 0.89 -32.34 8.40
N VAL C 149 2.14 -32.14 8.82
CA VAL C 149 2.41 -31.52 10.10
C VAL C 149 1.97 -30.06 10.09
N GLU C 150 2.25 -29.37 8.99
CA GLU C 150 1.82 -27.96 8.85
C GLU C 150 0.31 -27.79 8.79
N ASP C 151 -0.40 -28.72 8.18
CA ASP C 151 -1.85 -28.68 8.18
C ASP C 151 -2.42 -28.86 9.58
N TYR C 152 -1.84 -29.76 10.37
CA TYR C 152 -2.27 -30.01 11.75
C TYR C 152 -2.10 -28.77 12.62
N LEU C 153 -0.88 -28.19 12.59
CA LEU C 153 -0.59 -26.94 13.28
C LEU C 153 -1.45 -25.78 12.89
N SER C 154 -1.92 -25.73 11.63
CA SER C 154 -2.85 -24.67 11.23
C SER C 154 -4.21 -24.91 11.86
N GLY C 155 -4.63 -26.17 11.91
CA GLY C 155 -5.89 -26.51 12.55
C GLY C 155 -5.90 -26.05 14.00
N VAL C 156 -4.77 -26.26 14.65
CA VAL C 156 -4.64 -25.99 16.08
C VAL C 156 -4.61 -24.50 16.32
N LEU C 157 -4.04 -23.74 15.40
CA LEU C 157 -4.11 -22.31 15.49
C LEU C 157 -5.55 -21.77 15.26
N ILE C 158 -6.27 -22.41 14.34
CA ILE C 158 -7.67 -22.07 14.17
C ILE C 158 -8.45 -22.33 15.45
N LEU C 159 -8.16 -23.47 16.06
CA LEU C 159 -8.77 -23.80 17.36
C LEU C 159 -8.59 -22.69 18.44
N ALA C 160 -7.35 -22.30 18.69
CA ALA C 160 -7.05 -21.23 19.61
C ALA C 160 -7.90 -19.96 19.38
N SER C 161 -8.16 -19.58 18.13
CA SER C 161 -8.98 -18.40 17.85
C SER C 161 -10.44 -18.62 18.15
N GLU C 162 -10.92 -19.84 17.92
CA GLU C 162 -12.28 -20.17 18.26
C GLU C 162 -12.48 -20.22 19.77
N LEU C 163 -11.46 -20.66 20.49
CA LEU C 163 -11.56 -20.80 21.92
C LEU C 163 -11.53 -19.42 22.56
N SER C 164 -10.70 -18.53 22.04
CA SER C 164 -10.75 -17.17 22.54
C SER C 164 -12.15 -16.49 22.37
N ARG C 165 -12.84 -16.72 21.25
CA ARG C 165 -14.21 -16.26 21.08
C ARG C 165 -15.12 -16.94 22.10
N LEU C 166 -14.93 -18.25 22.26
CA LEU C 166 -15.77 -19.03 23.18
C LEU C 166 -15.66 -18.48 24.60
N SER C 167 -14.43 -18.19 25.02
CA SER C 167 -14.13 -17.58 26.32
C SER C 167 -14.98 -16.33 26.60
N VAL C 168 -15.14 -15.48 25.59
CA VAL C 168 -15.92 -14.26 25.74
C VAL C 168 -17.40 -14.59 25.84
N ASN C 169 -17.88 -15.49 24.98
CA ASN C 169 -19.31 -15.84 24.98
C ASN C 169 -19.72 -16.69 26.18
N SER C 170 -18.78 -17.48 26.67
CA SER C 170 -18.96 -18.25 27.86
C SER C 170 -19.37 -17.29 28.97
N VAL C 171 -18.69 -16.14 29.03
CA VAL C 171 -18.98 -15.18 30.08
C VAL C 171 -20.43 -14.69 29.95
N THR C 172 -20.84 -14.34 28.73
CA THR C 172 -22.16 -13.69 28.58
C THR C 172 -23.29 -14.67 28.92
N ALA C 173 -22.99 -15.96 28.85
CA ALA C 173 -23.97 -17.01 29.15
C ALA C 173 -23.95 -17.43 30.63
N GLY C 174 -23.07 -16.79 31.41
CA GLY C 174 -23.00 -17.02 32.86
C GLY C 174 -22.01 -18.07 33.31
N ASP C 175 -21.22 -18.64 32.39
CA ASP C 175 -20.22 -19.62 32.79
C ASP C 175 -18.88 -18.94 33.08
N TYR C 176 -18.55 -18.77 34.36
CA TYR C 176 -17.35 -18.04 34.74
C TYR C 176 -16.19 -18.93 35.11
N SER C 177 -16.33 -20.25 34.96
CA SER C 177 -15.19 -21.13 35.21
C SER C 177 -14.45 -21.50 33.91
N ARG C 178 -15.20 -21.67 32.81
CA ARG C 178 -14.64 -22.10 31.54
C ARG C 178 -13.44 -21.24 31.09
N PRO C 179 -13.66 -19.91 31.05
CA PRO C 179 -12.58 -19.06 30.62
C PRO C 179 -11.20 -19.39 31.25
N LEU C 180 -11.21 -19.89 32.49
CA LEU C 180 -9.95 -20.09 33.21
C LEU C 180 -9.29 -21.31 32.64
N HIS C 181 -10.11 -22.30 32.28
CA HIS C 181 -9.58 -23.47 31.60
C HIS C 181 -8.99 -23.10 30.22
N ILE C 182 -9.81 -22.42 29.42
CA ILE C 182 -9.35 -21.93 28.16
C ILE C 182 -8.00 -21.19 28.26
N SER C 183 -7.83 -20.40 29.34
CA SER C 183 -6.60 -19.65 29.55
C SER C 183 -5.40 -20.54 29.67
N THR C 184 -5.53 -21.54 30.52
CA THR C 184 -4.46 -22.49 30.74
C THR C 184 -4.15 -23.25 29.46
N PHE C 185 -5.21 -23.69 28.79
CA PHE C 185 -5.06 -24.40 27.55
C PHE C 185 -4.25 -23.63 26.51
N ILE C 186 -4.69 -22.40 26.22
CA ILE C 186 -4.09 -21.56 25.19
C ILE C 186 -2.66 -21.16 25.56
N ASN C 187 -2.41 -21.00 26.86
CA ASN C 187 -1.06 -20.77 27.30
C ASN C 187 -0.19 -22.01 27.15
N GLU C 188 -0.78 -23.19 27.26
CA GLU C 188 -0.07 -24.42 26.87
C GLU C 188 0.33 -24.46 25.38
N LEU C 189 -0.65 -24.25 24.50
CA LEU C 189 -0.37 -24.14 23.10
C LEU C 189 0.79 -23.20 22.81
N ASP C 190 0.78 -22.01 23.44
CA ASP C 190 1.77 -20.98 23.16
C ASP C 190 3.15 -21.52 23.51
N SER C 191 3.21 -22.23 24.64
CA SER C 191 4.48 -22.77 25.13
C SER C 191 5.02 -23.82 24.19
N GLY C 192 4.08 -24.59 23.61
CA GLY C 192 4.38 -25.53 22.56
C GLY C 192 4.94 -24.86 21.33
N PHE C 193 4.34 -23.76 20.87
CA PHE C 193 4.77 -23.24 19.59
C PHE C 193 6.14 -22.68 19.77
N ARG C 194 6.38 -22.16 20.97
CA ARG C 194 7.69 -21.63 21.28
C ARG C 194 8.83 -22.66 21.08
N LEU C 195 8.55 -23.93 21.34
CA LEU C 195 9.47 -25.05 21.03
C LEU C 195 9.84 -25.18 19.54
N LEU C 196 8.83 -24.99 18.68
CA LEU C 196 8.97 -25.10 17.24
C LEU C 196 9.82 -23.98 16.72
N ASN C 197 10.59 -24.27 15.68
CA ASN C 197 11.33 -23.25 14.97
C ASN C 197 10.69 -23.17 13.60
N LEU C 198 9.53 -22.52 13.53
CA LEU C 198 8.79 -22.44 12.24
C LEU C 198 9.58 -21.78 11.12
N LYS C 199 9.35 -22.23 9.90
CA LYS C 199 10.04 -21.68 8.73
C LYS C 199 9.07 -21.33 7.59
N ASN C 200 8.04 -22.17 7.41
CA ASN C 200 6.94 -21.88 6.49
C ASN C 200 6.31 -20.53 6.79
N ASP C 201 6.16 -19.69 5.77
CA ASP C 201 5.70 -18.32 6.00
C ASP C 201 4.24 -18.23 6.42
N SER C 202 3.36 -18.93 5.70
CA SER C 202 1.92 -18.95 6.05
C SER C 202 1.76 -19.31 7.51
N LEU C 203 2.56 -20.29 7.95
CA LEU C 203 2.46 -20.82 9.31
C LEU C 203 2.98 -19.84 10.34
N ARG C 204 4.13 -19.23 10.05
CA ARG C 204 4.66 -18.16 10.90
C ARG C 204 3.70 -16.99 10.99
N LYS C 205 3.01 -16.73 9.88
CA LYS C 205 2.05 -15.63 9.79
C LYS C 205 0.90 -15.89 10.74
N ARG C 206 0.32 -17.07 10.64
CA ARG C 206 -0.76 -17.46 11.54
C ARG C 206 -0.31 -17.59 13.02
N TYR C 207 0.95 -18.01 13.24
CA TYR C 207 1.51 -18.08 14.60
C TYR C 207 1.47 -16.69 15.27
N ASP C 208 1.72 -15.66 14.48
CA ASP C 208 1.70 -14.31 14.99
C ASP C 208 0.33 -13.93 15.48
N GLY C 209 -0.70 -14.58 14.97
CA GLY C 209 -2.07 -14.39 15.44
C GLY C 209 -2.33 -14.94 16.83
N LEU C 210 -1.50 -15.89 17.27
CA LEU C 210 -1.79 -16.58 18.49
C LEU C 210 -1.66 -15.67 19.67
N LYS C 211 -0.71 -14.75 19.59
CA LYS C 211 -0.44 -13.85 20.74
C LYS C 211 -1.68 -13.03 21.09
N TYR C 212 -2.42 -12.59 20.06
CA TYR C 212 -3.67 -11.86 20.26
C TYR C 212 -4.76 -12.68 20.95
N ASP C 213 -4.85 -13.97 20.63
CA ASP C 213 -5.77 -14.84 21.28
C ASP C 213 -5.35 -15.03 22.74
N VAL C 214 -4.05 -15.25 22.98
CA VAL C 214 -3.56 -15.37 24.34
C VAL C 214 -3.93 -14.17 25.15
N LYS C 215 -3.68 -12.98 24.60
CA LYS C 215 -3.95 -11.68 25.26
C LYS C 215 -5.44 -11.56 25.61
N LYS C 216 -6.31 -11.93 24.66
CA LYS C 216 -7.74 -11.78 24.83
C LYS C 216 -8.27 -12.62 25.96
N VAL C 217 -7.80 -13.83 26.05
CA VAL C 217 -8.27 -14.78 27.02
C VAL C 217 -7.75 -14.37 28.37
N GLU C 218 -6.51 -13.89 28.42
CA GLU C 218 -5.95 -13.51 29.70
C GLU C 218 -6.72 -12.31 30.25
N GLU C 219 -7.26 -11.49 29.34
CA GLU C 219 -8.02 -10.30 29.70
C GLU C 219 -9.43 -10.59 30.14
N VAL C 220 -9.98 -11.67 29.62
CA VAL C 220 -11.29 -12.12 30.09
C VAL C 220 -11.16 -12.62 31.52
N VAL C 221 -10.12 -13.38 31.80
CA VAL C 221 -9.89 -13.86 33.17
C VAL C 221 -9.65 -12.69 34.14
N TYR C 222 -8.86 -11.70 33.68
CA TYR C 222 -8.66 -10.47 34.40
C TYR C 222 -10.01 -9.90 34.80
N ASP C 223 -10.90 -9.76 33.83
CA ASP C 223 -12.20 -9.15 34.10
C ASP C 223 -12.94 -9.89 35.17
N LEU C 224 -12.88 -11.20 35.09
CA LEU C 224 -13.53 -12.04 36.10
C LEU C 224 -12.95 -11.90 37.50
N SER C 225 -11.61 -11.90 37.64
CA SER C 225 -10.96 -11.80 38.95
C SER C 225 -11.26 -10.50 39.69
N ILE C 226 -11.30 -9.38 38.97
CA ILE C 226 -11.61 -8.09 39.56
C ILE C 226 -13.11 -7.85 39.80
N ARG C 227 -14.00 -8.60 39.17
CA ARG C 227 -15.42 -8.47 39.50
C ARG C 227 -15.66 -8.99 40.91
N GLY C 228 -16.34 -8.21 41.75
CA GLY C 228 -16.80 -6.86 41.39
C GLY C 228 -17.08 -6.05 42.64
N SER D 12 -27.26 10.22 -37.34
CA SER D 12 -25.81 10.30 -37.66
C SER D 12 -25.22 11.63 -37.20
N MET D 13 -24.86 11.63 -35.91
CA MET D 13 -24.10 12.70 -35.30
C MET D 13 -22.61 12.34 -35.25
N SER D 14 -21.73 13.29 -35.58
CA SER D 14 -20.29 13.18 -35.30
C SER D 14 -20.02 13.00 -33.77
N VAL D 15 -18.84 12.49 -33.42
CA VAL D 15 -18.54 12.29 -32.02
C VAL D 15 -18.48 13.62 -31.31
N SER D 16 -17.94 14.63 -31.99
CA SER D 16 -17.94 15.97 -31.43
C SER D 16 -19.35 16.39 -31.01
N GLU D 17 -20.29 16.32 -31.96
CA GLU D 17 -21.70 16.65 -31.72
C GLU D 17 -22.33 15.89 -30.56
N ILE D 18 -22.11 14.57 -30.53
CA ILE D 18 -22.53 13.72 -29.41
C ILE D 18 -22.05 14.28 -28.08
N PHE D 19 -20.78 14.61 -28.00
CA PHE D 19 -20.21 15.02 -26.72
C PHE D 19 -20.69 16.41 -26.28
N VAL D 20 -20.79 17.36 -27.20
CA VAL D 20 -21.27 18.68 -26.79
C VAL D 20 -22.64 18.51 -26.13
N GLU D 21 -23.41 17.55 -26.63
CA GLU D 21 -24.76 17.30 -26.13
C GLU D 21 -24.66 16.83 -24.69
N LEU D 22 -23.88 15.77 -24.48
CA LEU D 22 -23.70 15.20 -23.15
C LEU D 22 -23.24 16.26 -22.15
N GLN D 23 -22.36 17.15 -22.58
CA GLN D 23 -21.87 18.22 -21.71
C GLN D 23 -23.03 19.06 -21.17
N GLY D 24 -24.02 19.32 -22.01
CA GLY D 24 -25.17 20.09 -21.60
C GLY D 24 -25.89 19.34 -20.49
N PHE D 25 -26.14 18.06 -20.71
CA PHE D 25 -26.75 17.20 -19.69
C PHE D 25 -25.97 17.10 -18.39
N LEU D 26 -24.66 16.91 -18.49
CA LEU D 26 -23.84 16.75 -17.33
C LEU D 26 -23.80 18.03 -16.53
N ALA D 27 -23.56 19.16 -17.20
CA ALA D 27 -23.60 20.47 -16.56
C ALA D 27 -24.91 20.70 -15.72
N ALA D 28 -26.06 20.44 -16.36
CA ALA D 28 -27.35 20.57 -15.71
C ALA D 28 -27.42 19.72 -14.43
N GLU D 29 -26.98 18.46 -14.49
CA GLU D 29 -27.10 17.55 -13.35
C GLU D 29 -26.16 18.02 -12.25
N GLN D 30 -25.01 18.53 -12.64
CA GLN D 30 -24.03 18.92 -11.65
C GLN D 30 -24.54 20.17 -10.89
N ASP D 31 -25.22 21.07 -11.59
CA ASP D 31 -25.84 22.23 -10.93
C ASP D 31 -26.92 21.81 -9.96
N ILE D 32 -27.71 20.80 -10.35
CA ILE D 32 -28.67 20.23 -9.43
C ILE D 32 -27.97 19.77 -8.16
N ARG D 33 -26.89 19.00 -8.29
CA ARG D 33 -26.20 18.48 -7.11
C ARG D 33 -25.55 19.57 -6.25
N GLU D 34 -25.06 20.63 -6.89
CA GLU D 34 -24.53 21.76 -6.12
C GLU D 34 -25.64 22.52 -5.35
N GLU D 35 -26.83 22.61 -5.95
CA GLU D 35 -27.94 23.25 -5.29
C GLU D 35 -28.40 22.43 -4.08
N ILE D 36 -28.35 21.13 -4.26
CA ILE D 36 -28.71 20.24 -3.20
C ILE D 36 -27.76 20.44 -2.04
N ARG D 37 -26.47 20.42 -2.31
CA ARG D 37 -25.48 20.53 -1.22
C ARG D 37 -25.74 21.73 -0.31
N LYS D 38 -25.93 22.91 -0.90
CA LYS D 38 -26.13 24.13 -0.11
C LYS D 38 -27.30 24.03 0.87
N VAL D 39 -28.41 23.45 0.44
CA VAL D 39 -29.56 23.24 1.34
C VAL D 39 -29.17 22.19 2.35
N VAL D 40 -28.39 21.18 1.96
CA VAL D 40 -27.91 20.16 2.96
C VAL D 40 -26.96 20.71 4.06
N GLN D 41 -26.06 21.62 3.68
CA GLN D 41 -25.35 22.43 4.66
C GLN D 41 -26.31 23.00 5.68
N SER D 42 -27.31 23.76 5.25
CA SER D 42 -28.25 24.41 6.17
C SER D 42 -28.95 23.39 7.05
N LEU D 43 -29.45 22.31 6.43
CA LEU D 43 -30.13 21.25 7.17
C LEU D 43 -29.21 20.71 8.26
N GLU D 44 -27.96 20.44 7.91
CA GLU D 44 -26.97 19.84 8.80
C GLU D 44 -26.65 20.75 9.98
N GLN D 45 -26.62 22.05 9.71
CA GLN D 45 -26.47 23.02 10.77
C GLN D 45 -27.65 22.97 11.71
N THR D 46 -28.87 23.14 11.21
CA THR D 46 -30.06 23.09 12.09
C THR D 46 -29.99 21.79 12.93
N ALA D 47 -29.63 20.68 12.29
CA ALA D 47 -29.57 19.41 12.97
C ALA D 47 -28.52 19.43 14.09
N ARG D 48 -27.36 20.03 13.84
CA ARG D 48 -26.35 20.14 14.89
C ARG D 48 -26.88 20.93 16.07
N GLU D 49 -27.59 22.02 15.77
CA GLU D 49 -28.23 22.86 16.75
C GLU D 49 -29.31 22.15 17.55
N ILE D 50 -30.06 21.27 16.89
CA ILE D 50 -31.05 20.44 17.61
C ILE D 50 -30.38 19.38 18.48
N LEU D 51 -29.23 18.89 18.02
CA LEU D 51 -28.46 17.95 18.81
C LEU D 51 -27.90 18.61 20.07
N THR D 52 -27.13 19.69 19.89
CA THR D 52 -26.48 20.34 21.02
C THR D 52 -27.51 20.65 22.09
N LEU D 53 -28.70 20.98 21.62
CA LEU D 53 -29.79 21.32 22.50
C LEU D 53 -30.27 20.13 23.32
N LEU D 54 -30.54 19.02 22.66
CA LEU D 54 -31.02 17.85 23.39
C LEU D 54 -29.92 17.20 24.25
N GLN D 55 -28.67 17.23 23.77
CA GLN D 55 -27.55 16.64 24.49
C GLN D 55 -27.15 17.33 25.82
N GLY D 56 -27.80 18.45 26.12
CA GLY D 56 -27.71 19.07 27.42
C GLY D 56 -28.32 18.18 28.49
N VAL D 57 -29.11 17.18 28.06
CA VAL D 57 -29.77 16.24 28.98
C VAL D 57 -28.74 15.39 29.72
N HIS D 58 -27.54 15.30 29.17
CA HIS D 58 -26.47 14.57 29.79
C HIS D 58 -25.81 15.20 31.02
N GLN D 59 -26.09 16.48 31.29
CA GLN D 59 -25.58 17.19 32.48
C GLN D 59 -26.64 17.14 33.61
N GLY D 60 -26.52 18.00 34.68
CA GLY D 60 -27.62 18.13 35.70
C GLY D 60 -29.00 18.41 35.06
N ALA D 61 -29.65 17.32 34.57
CA ALA D 61 -30.83 17.34 33.66
C ALA D 61 -32.10 17.99 34.24
N ASP D 65 -36.20 20.02 33.73
CA ASP D 65 -36.39 21.00 32.61
C ASP D 65 -36.51 20.34 31.22
N ILE D 66 -36.52 19.00 31.19
CA ILE D 66 -36.55 18.23 29.93
C ILE D 66 -37.66 18.71 28.99
N PRO D 67 -38.91 18.85 29.48
CA PRO D 67 -40.02 19.35 28.64
C PRO D 67 -39.77 20.75 28.01
N LYS D 68 -38.86 21.53 28.64
CA LYS D 68 -38.39 22.80 28.08
C LYS D 68 -37.52 22.52 26.85
N ARG D 69 -36.56 21.61 27.02
CA ARG D 69 -35.69 21.22 25.92
C ARG D 69 -36.51 20.66 24.78
N CYS D 70 -37.51 19.82 25.11
CA CYS D 70 -38.34 19.22 24.07
C CYS D 70 -39.19 20.24 23.29
N LEU D 71 -39.64 21.33 23.94
CA LEU D 71 -40.32 22.43 23.19
C LEU D 71 -39.40 23.28 22.30
N LYS D 72 -38.26 23.75 22.81
CA LYS D 72 -37.33 24.51 21.96
C LYS D 72 -36.82 23.63 20.79
N ALA D 73 -36.66 22.32 20.99
CA ALA D 73 -36.25 21.41 19.92
C ALA D 73 -37.30 21.38 18.82
N ARG D 74 -38.57 21.21 19.20
CA ARG D 74 -39.68 21.15 18.22
C ARG D 74 -39.90 22.45 17.43
N GLU D 75 -39.63 23.60 18.06
CA GLU D 75 -39.55 24.87 17.31
C GLU D 75 -38.50 24.80 16.18
N HIS D 76 -37.34 24.20 16.46
CA HIS D 76 -36.29 24.08 15.45
C HIS D 76 -36.67 23.15 14.32
N PHE D 77 -37.55 22.18 14.58
CA PHE D 77 -38.07 21.33 13.52
C PHE D 77 -38.93 22.13 12.52
N GLY D 78 -39.43 23.27 12.99
CA GLY D 78 -39.95 24.28 12.07
C GLY D 78 -38.88 24.63 11.03
N THR D 79 -37.65 24.89 11.50
CA THR D 79 -36.60 25.30 10.57
C THR D 79 -36.24 24.13 9.69
N VAL D 80 -36.53 22.91 10.13
CA VAL D 80 -36.25 21.77 9.30
C VAL D 80 -37.32 21.69 8.20
N LYS D 81 -38.59 21.80 8.59
CA LYS D 81 -39.70 21.72 7.63
C LYS D 81 -39.45 22.67 6.47
N THR D 82 -38.97 23.88 6.81
CA THR D 82 -38.62 24.93 5.87
C THR D 82 -37.51 24.54 4.93
N HIS D 83 -36.42 23.98 5.47
CA HIS D 83 -35.34 23.54 4.59
C HIS D 83 -35.74 22.39 3.67
N LEU D 84 -36.51 21.44 4.20
CA LEU D 84 -36.98 20.33 3.36
C LEU D 84 -37.91 20.79 2.19
N THR D 85 -38.80 21.72 2.48
CA THR D 85 -39.64 22.32 1.45
C THR D 85 -38.75 22.95 0.42
N SER D 86 -37.77 23.72 0.89
CA SER D 86 -36.75 24.27 -0.01
C SER D 86 -35.92 23.23 -0.84
N LEU D 87 -35.60 22.11 -0.23
CA LEU D 87 -34.84 21.05 -0.87
C LEU D 87 -35.61 20.42 -2.03
N LYS D 88 -36.91 20.28 -1.85
CA LYS D 88 -37.74 19.64 -2.85
C LYS D 88 -37.74 20.40 -4.18
N THR D 89 -37.53 21.70 -4.02
CA THR D 89 -37.39 22.73 -5.04
C THR D 89 -36.19 22.54 -5.98
N LYS D 90 -35.16 21.89 -5.46
CA LYS D 90 -33.86 21.77 -6.13
C LYS D 90 -33.70 20.61 -7.15
N PHE D 91 -34.53 19.58 -7.08
CA PHE D 91 -34.39 18.43 -7.94
C PHE D 91 -35.80 17.89 -8.27
N PRO D 92 -35.97 17.17 -9.42
CA PRO D 92 -37.28 16.57 -9.75
C PRO D 92 -37.67 15.40 -8.83
N ALA D 93 -38.84 15.55 -8.21
CA ALA D 93 -39.38 14.61 -7.23
C ALA D 93 -39.21 13.13 -7.55
N GLU D 94 -39.47 12.75 -8.80
CA GLU D 94 -39.37 11.33 -9.21
C GLU D 94 -37.93 10.80 -9.11
N GLN D 95 -36.96 11.72 -9.17
CA GLN D 95 -35.56 11.33 -9.11
C GLN D 95 -34.97 11.36 -7.69
N TYR D 96 -35.80 11.06 -6.69
CA TYR D 96 -35.37 11.03 -5.29
C TYR D 96 -34.13 10.14 -5.09
N TYR D 97 -34.13 8.94 -5.72
CA TYR D 97 -33.05 7.97 -5.46
C TYR D 97 -31.75 8.25 -6.18
N ARG D 98 -31.83 9.09 -7.21
CA ARG D 98 -30.63 9.57 -7.85
C ARG D 98 -29.78 10.47 -6.94
N PHE D 99 -30.44 11.35 -6.18
CA PHE D 99 -29.74 12.32 -5.35
C PHE D 99 -29.86 12.05 -3.85
N HIS D 100 -30.42 10.91 -3.50
CA HIS D 100 -30.61 10.51 -2.12
C HIS D 100 -29.32 10.60 -1.26
N GLU D 101 -28.18 10.18 -1.82
CA GLU D 101 -26.96 10.03 -1.02
C GLU D 101 -26.50 11.34 -0.41
N HIS D 102 -26.91 12.44 -1.03
CA HIS D 102 -26.56 13.76 -0.57
C HIS D 102 -27.17 14.12 0.77
N TRP D 103 -28.36 13.56 1.05
CA TRP D 103 -29.05 13.82 2.32
C TRP D 103 -29.24 12.58 3.20
N ARG D 104 -28.68 11.43 2.82
CA ARG D 104 -28.73 10.22 3.66
C ARG D 104 -28.27 10.45 5.08
N PHE D 105 -27.10 11.06 5.23
CA PHE D 105 -26.56 11.30 6.56
C PHE D 105 -27.55 12.15 7.39
N VAL D 106 -27.90 13.34 6.90
CA VAL D 106 -28.67 14.29 7.73
C VAL D 106 -30.08 13.84 7.96
N LEU D 107 -30.64 13.15 6.98
CA LEU D 107 -31.95 12.55 7.16
C LEU D 107 -31.89 11.52 8.28
N GLN D 108 -30.84 10.69 8.31
CA GLN D 108 -30.73 9.76 9.44
C GLN D 108 -30.59 10.48 10.78
N ARG D 109 -29.81 11.55 10.82
CA ARG D 109 -29.64 12.31 12.05
C ARG D 109 -30.95 12.87 12.48
N LEU D 110 -31.76 13.29 11.49
CA LEU D 110 -33.08 13.85 11.80
C LEU D 110 -34.07 12.83 12.30
N VAL D 111 -34.01 11.60 11.81
CA VAL D 111 -34.81 10.54 12.41
C VAL D 111 -34.41 10.31 13.85
N PHE D 112 -33.11 10.20 14.07
CA PHE D 112 -32.51 10.04 15.42
C PHE D 112 -33.04 11.14 16.34
N LEU D 113 -32.82 12.40 15.97
CA LEU D 113 -33.26 13.53 16.76
C LEU D 113 -34.76 13.54 17.07
N ALA D 114 -35.58 13.23 16.07
CA ALA D 114 -37.01 13.12 16.27
C ALA D 114 -37.36 11.99 17.22
N ALA D 115 -36.74 10.83 17.04
CA ALA D 115 -36.97 9.70 17.95
C ALA D 115 -36.49 9.99 19.37
N PHE D 116 -35.45 10.80 19.45
CA PHE D 116 -34.87 11.17 20.73
C PHE D 116 -35.82 12.08 21.48
N VAL D 117 -36.35 13.09 20.80
CA VAL D 117 -37.38 13.98 21.38
C VAL D 117 -38.62 13.23 21.82
N VAL D 118 -39.06 12.28 21.00
CA VAL D 118 -40.25 11.51 21.36
C VAL D 118 -39.98 10.61 22.53
N TYR D 119 -38.79 10.00 22.58
CA TYR D 119 -38.42 9.22 23.79
C TYR D 119 -38.43 10.00 25.11
N LEU D 120 -37.78 11.16 25.12
CA LEU D 120 -37.77 12.05 26.29
C LEU D 120 -39.14 12.51 26.77
N GLU D 121 -40.08 12.70 25.84
CA GLU D 121 -41.45 13.08 26.18
C GLU D 121 -42.29 11.90 26.64
N THR D 122 -42.20 10.79 25.93
CA THR D 122 -43.18 9.72 26.11
C THR D 122 -42.56 8.37 26.53
N GLU D 123 -41.22 8.31 26.61
CA GLU D 123 -40.50 7.02 26.79
C GLU D 123 -40.90 5.93 25.79
N THR D 124 -41.12 6.37 24.56
CA THR D 124 -41.59 5.48 23.51
C THR D 124 -40.87 5.71 22.17
N LEU D 125 -40.92 4.70 21.30
CA LEU D 125 -40.28 4.81 19.99
C LEU D 125 -41.24 5.46 18.99
N VAL D 126 -40.89 6.67 18.54
CA VAL D 126 -41.65 7.31 17.47
C VAL D 126 -41.85 6.35 16.29
N THR D 127 -43.07 6.36 15.79
CA THR D 127 -43.41 5.61 14.62
C THR D 127 -42.89 6.33 13.38
N ARG D 128 -42.60 5.56 12.33
CA ARG D 128 -42.10 6.11 11.06
C ARG D 128 -42.91 7.28 10.50
N GLU D 129 -44.21 7.09 10.43
CA GLU D 129 -45.14 8.09 9.90
C GLU D 129 -45.05 9.39 10.70
N ALA D 130 -45.06 9.24 12.04
CA ALA D 130 -44.92 10.41 12.92
C ALA D 130 -43.62 11.20 12.67
N VAL D 131 -42.51 10.51 12.38
CA VAL D 131 -41.27 11.18 12.01
C VAL D 131 -41.50 12.01 10.75
N THR D 132 -42.11 11.40 9.77
CA THR D 132 -42.36 12.10 8.54
C THR D 132 -43.16 13.38 8.85
N GLU D 133 -44.13 13.29 9.76
CA GLU D 133 -44.97 14.45 10.10
C GLU D 133 -44.19 15.56 10.74
N ILE D 134 -43.28 15.18 11.61
CA ILE D 134 -42.46 16.12 12.35
C ILE D 134 -41.57 16.89 11.39
N LEU D 135 -41.12 16.21 10.34
CA LEU D 135 -40.15 16.75 9.38
C LEU D 135 -40.80 17.53 8.22
N GLY D 136 -42.13 17.50 8.15
CA GLY D 136 -42.86 18.09 7.04
C GLY D 136 -42.61 17.28 5.77
N ILE D 137 -42.43 15.98 5.96
CA ILE D 137 -42.22 15.03 4.86
C ILE D 137 -43.48 14.20 4.67
N GLU D 138 -43.57 13.56 3.51
CA GLU D 138 -44.72 12.74 3.16
C GLU D 138 -44.53 11.28 3.60
N PRO D 139 -45.64 10.56 3.83
CA PRO D 139 -45.57 9.12 4.01
C PRO D 139 -45.57 8.40 2.64
N ASP D 140 -45.49 7.06 2.64
CA ASP D 140 -45.25 6.31 1.40
C ASP D 140 -46.32 6.44 0.29
N ARG D 141 -47.57 6.56 0.71
CA ARG D 141 -48.72 6.61 -0.20
C ARG D 141 -49.01 8.01 -0.80
N GLU D 142 -48.00 8.87 -0.90
CA GLU D 142 -48.27 10.28 -1.21
C GLU D 142 -47.35 10.83 -2.30
N LYS D 143 -46.28 10.09 -2.61
CA LYS D 143 -45.29 10.50 -3.62
C LYS D 143 -44.66 11.85 -3.29
N GLY D 144 -43.47 12.10 -3.87
CA GLY D 144 -42.61 13.23 -3.49
C GLY D 144 -41.89 12.88 -2.18
N PHE D 145 -40.68 13.40 -2.02
CA PHE D 145 -39.81 13.17 -0.83
C PHE D 145 -40.23 12.19 0.29
N HIS D 146 -39.69 10.97 0.23
CA HIS D 146 -40.07 9.87 1.10
C HIS D 146 -39.08 9.72 2.26
N LEU D 147 -39.50 8.98 3.30
CA LEU D 147 -38.59 8.44 4.34
C LEU D 147 -38.35 6.91 4.21
N ASP D 148 -37.32 6.55 3.45
CA ASP D 148 -36.75 5.19 3.40
C ASP D 148 -36.95 4.37 4.68
N VAL D 149 -37.17 3.07 4.54
CA VAL D 149 -37.15 2.20 5.74
C VAL D 149 -35.74 2.10 6.34
N GLU D 150 -34.74 1.97 5.48
CA GLU D 150 -33.35 1.85 5.92
C GLU D 150 -32.89 3.09 6.67
N ASP D 151 -33.28 4.28 6.21
CA ASP D 151 -32.95 5.53 6.93
C ASP D 151 -33.64 5.66 8.29
N TYR D 152 -34.88 5.22 8.38
CA TYR D 152 -35.60 5.16 9.65
C TYR D 152 -34.84 4.26 10.62
N LEU D 153 -34.63 2.99 10.23
CA LEU D 153 -33.86 2.08 11.07
C LEU D 153 -32.49 2.59 11.50
N SER D 154 -31.80 3.35 10.66
CA SER D 154 -30.45 3.81 11.02
C SER D 154 -30.56 4.78 12.16
N GLY D 155 -31.57 5.63 12.07
CA GLY D 155 -31.76 6.67 13.09
C GLY D 155 -32.06 6.04 14.43
N VAL D 156 -32.79 4.91 14.39
CA VAL D 156 -33.20 4.20 15.59
C VAL D 156 -31.97 3.63 16.23
N LEU D 157 -31.07 3.10 15.43
CA LEU D 157 -29.83 2.54 15.99
C LEU D 157 -28.97 3.63 16.64
N ILE D 158 -28.89 4.80 16.00
CA ILE D 158 -28.17 5.92 16.57
C ILE D 158 -28.84 6.33 17.90
N LEU D 159 -30.19 6.29 17.97
CA LEU D 159 -30.90 6.50 19.22
C LEU D 159 -30.40 5.56 20.32
N ALA D 160 -30.41 4.25 20.04
CA ALA D 160 -29.91 3.24 20.96
C ALA D 160 -28.57 3.61 21.58
N SER D 161 -27.63 4.04 20.75
CA SER D 161 -26.34 4.45 21.25
C SER D 161 -26.40 5.67 22.13
N GLU D 162 -27.27 6.63 21.78
CA GLU D 162 -27.43 7.83 22.57
C GLU D 162 -28.10 7.50 23.89
N LEU D 163 -28.96 6.49 23.88
CA LEU D 163 -29.65 6.11 25.10
C LEU D 163 -28.76 5.37 26.05
N SER D 164 -27.92 4.50 25.51
CA SER D 164 -26.96 3.83 26.36
C SER D 164 -26.02 4.85 27.07
N ARG D 165 -25.61 5.89 26.37
CA ARG D 165 -24.82 6.95 27.00
C ARG D 165 -25.58 7.63 28.12
N LEU D 166 -26.86 7.86 27.87
CA LEU D 166 -27.71 8.60 28.75
C LEU D 166 -27.88 7.80 29.99
N SER D 167 -27.91 6.47 29.81
CA SER D 167 -28.08 5.56 30.90
C SER D 167 -26.96 5.69 31.95
N VAL D 168 -25.75 5.87 31.46
CA VAL D 168 -24.58 6.07 32.28
C VAL D 168 -24.66 7.43 32.95
N ASN D 169 -24.91 8.49 32.19
CA ASN D 169 -24.92 9.84 32.76
C ASN D 169 -26.08 10.09 33.71
N SER D 170 -27.14 9.32 33.51
CA SER D 170 -28.27 9.29 34.38
C SER D 170 -27.87 8.96 35.82
N VAL D 171 -27.24 7.81 36.01
CA VAL D 171 -26.76 7.42 37.32
C VAL D 171 -25.87 8.51 37.90
N THR D 172 -24.91 9.02 37.14
CA THR D 172 -24.06 10.10 37.67
C THR D 172 -24.86 11.26 38.25
N ALA D 173 -25.94 11.64 37.57
CA ALA D 173 -26.80 12.74 37.98
C ALA D 173 -27.86 12.39 39.09
N GLY D 174 -27.79 11.17 39.63
CA GLY D 174 -28.60 10.83 40.80
C GLY D 174 -29.92 10.15 40.46
N ASP D 175 -30.22 10.04 39.16
CA ASP D 175 -31.45 9.41 38.70
C ASP D 175 -31.19 7.92 38.51
N TYR D 176 -31.58 7.09 39.48
CA TYR D 176 -31.29 5.68 39.33
C TYR D 176 -32.42 4.85 38.79
N SER D 177 -33.50 5.53 38.36
CA SER D 177 -34.66 4.82 37.85
C SER D 177 -34.57 4.71 36.34
N ARG D 178 -34.01 5.75 35.70
CA ARG D 178 -34.02 5.89 34.25
C ARG D 178 -33.35 4.71 33.57
N PRO D 179 -32.19 4.28 34.08
CA PRO D 179 -31.48 3.18 33.49
C PRO D 179 -32.31 1.94 33.34
N LEU D 180 -33.29 1.75 34.20
CA LEU D 180 -34.08 0.54 34.16
C LEU D 180 -34.98 0.62 32.94
N HIS D 181 -35.52 1.82 32.75
CA HIS D 181 -36.40 2.10 31.64
C HIS D 181 -35.69 1.95 30.33
N ILE D 182 -34.52 2.58 30.23
CA ILE D 182 -33.70 2.49 29.02
C ILE D 182 -33.34 1.03 28.70
N SER D 183 -33.08 0.23 29.73
CA SER D 183 -32.76 -1.18 29.52
C SER D 183 -33.87 -1.99 28.88
N THR D 184 -35.11 -1.83 29.33
CA THR D 184 -36.20 -2.60 28.69
C THR D 184 -36.51 -2.04 27.31
N PHE D 185 -36.36 -0.73 27.15
CA PHE D 185 -36.55 -0.09 25.84
C PHE D 185 -35.61 -0.65 24.80
N ILE D 186 -34.32 -0.67 25.14
CA ILE D 186 -33.27 -1.19 24.28
C ILE D 186 -33.48 -2.68 23.96
N ASN D 187 -33.88 -3.43 24.99
CA ASN D 187 -34.13 -4.88 24.82
C ASN D 187 -35.31 -5.19 23.92
N GLU D 188 -36.23 -4.23 23.84
CA GLU D 188 -37.36 -4.32 22.92
C GLU D 188 -36.91 -4.03 21.47
N LEU D 189 -36.02 -3.03 21.28
CA LEU D 189 -35.46 -2.71 19.96
C LEU D 189 -34.62 -3.86 19.47
N ASP D 190 -33.85 -4.47 20.36
CA ASP D 190 -33.06 -5.61 20.01
C ASP D 190 -33.95 -6.71 19.47
N SER D 191 -34.99 -7.05 20.24
CA SER D 191 -35.97 -8.06 19.78
C SER D 191 -36.58 -7.66 18.44
N GLY D 192 -36.74 -6.35 18.25
CA GLY D 192 -37.33 -5.82 17.05
C GLY D 192 -36.49 -6.19 15.84
N PHE D 193 -35.20 -5.87 15.90
CA PHE D 193 -34.28 -6.15 14.80
C PHE D 193 -34.11 -7.65 14.57
N ARG D 194 -34.20 -8.44 15.65
CA ARG D 194 -34.20 -9.89 15.57
C ARG D 194 -35.17 -10.39 14.51
N LEU D 195 -36.40 -9.87 14.55
CA LEU D 195 -37.42 -10.19 13.55
C LEU D 195 -36.96 -9.91 12.12
N LEU D 196 -36.20 -8.81 11.95
CA LEU D 196 -35.72 -8.41 10.65
C LEU D 196 -34.59 -9.32 10.16
N ASN D 197 -34.66 -9.69 8.88
CA ASN D 197 -33.61 -10.47 8.25
C ASN D 197 -32.79 -9.50 7.37
N LEU D 198 -31.98 -8.67 8.01
CA LEU D 198 -31.26 -7.56 7.34
C LEU D 198 -30.35 -7.96 6.16
N LYS D 199 -30.33 -7.17 5.09
CA LYS D 199 -29.47 -7.48 3.92
C LYS D 199 -28.46 -6.38 3.60
N ASN D 200 -28.91 -5.13 3.61
CA ASN D 200 -28.02 -4.00 3.38
C ASN D 200 -26.81 -4.15 4.29
N ASP D 201 -25.62 -3.87 3.74
CA ASP D 201 -24.39 -4.07 4.50
C ASP D 201 -24.11 -2.96 5.54
N SER D 202 -24.38 -1.71 5.16
CA SER D 202 -24.27 -0.58 6.08
C SER D 202 -25.17 -0.75 7.29
N LEU D 203 -26.38 -1.30 7.08
CA LEU D 203 -27.34 -1.50 8.17
C LEU D 203 -27.01 -2.69 9.09
N ARG D 204 -26.55 -3.79 8.50
CA ARG D 204 -26.12 -4.95 9.29
C ARG D 204 -24.87 -4.60 10.08
N LYS D 205 -24.03 -3.72 9.54
CA LYS D 205 -22.83 -3.26 10.21
C LYS D 205 -23.23 -2.54 11.48
N ARG D 206 -24.20 -1.63 11.33
CA ARG D 206 -24.62 -0.77 12.43
C ARG D 206 -25.48 -1.53 13.44
N TYR D 207 -26.19 -2.55 12.97
CA TYR D 207 -26.90 -3.42 13.89
C TYR D 207 -25.95 -4.19 14.79
N ASP D 208 -24.71 -4.38 14.33
CA ASP D 208 -23.77 -5.13 15.14
C ASP D 208 -23.39 -4.28 16.32
N GLY D 209 -23.52 -2.97 16.16
CA GLY D 209 -23.25 -2.03 17.23
C GLY D 209 -24.25 -2.06 18.37
N LEU D 210 -25.50 -2.45 18.08
CA LEU D 210 -26.59 -2.44 19.07
C LEU D 210 -26.36 -3.42 20.19
N LYS D 211 -25.69 -4.54 19.90
CA LYS D 211 -25.37 -5.48 20.96
C LYS D 211 -24.50 -4.83 22.04
N TYR D 212 -23.54 -4.00 21.66
CA TYR D 212 -22.71 -3.29 22.66
C TYR D 212 -23.52 -2.35 23.54
N ASP D 213 -24.51 -1.70 22.94
CA ASP D 213 -25.39 -0.83 23.67
C ASP D 213 -26.25 -1.66 24.61
N VAL D 214 -26.73 -2.80 24.14
CA VAL D 214 -27.51 -3.69 24.99
C VAL D 214 -26.71 -4.12 26.20
N LYS D 215 -25.50 -4.57 25.95
CA LYS D 215 -24.57 -5.00 26.98
C LYS D 215 -24.27 -3.90 28.00
N LYS D 216 -24.00 -2.68 27.52
CA LYS D 216 -23.65 -1.58 28.41
C LYS D 216 -24.79 -1.23 29.33
N VAL D 217 -26.00 -1.19 28.80
CA VAL D 217 -27.16 -0.82 29.58
C VAL D 217 -27.50 -1.87 30.65
N GLU D 218 -27.38 -3.13 30.28
CA GLU D 218 -27.69 -4.21 31.23
C GLU D 218 -26.71 -4.18 32.36
N GLU D 219 -25.48 -3.82 32.04
CA GLU D 219 -24.46 -3.77 33.03
C GLU D 219 -24.65 -2.63 33.99
N VAL D 220 -25.19 -1.52 33.49
CA VAL D 220 -25.55 -0.39 34.36
C VAL D 220 -26.57 -0.88 35.35
N VAL D 221 -27.54 -1.66 34.88
CA VAL D 221 -28.64 -2.08 35.73
C VAL D 221 -28.17 -3.03 36.83
N TYR D 222 -27.21 -3.87 36.46
CA TYR D 222 -26.57 -4.78 37.39
C TYR D 222 -25.84 -4.01 38.48
N ASP D 223 -25.01 -3.05 38.08
CA ASP D 223 -24.30 -2.25 39.06
C ASP D 223 -25.28 -1.66 40.04
N LEU D 224 -26.46 -1.27 39.57
CA LEU D 224 -27.42 -0.63 40.43
C LEU D 224 -28.02 -1.61 41.43
N SER D 225 -28.29 -2.82 40.97
CA SER D 225 -28.96 -3.84 41.76
C SER D 225 -28.05 -4.35 42.85
N ILE D 226 -26.79 -4.51 42.51
CA ILE D 226 -25.73 -4.81 43.47
C ILE D 226 -25.47 -3.75 44.53
N ARG D 227 -25.70 -2.47 44.24
CA ARG D 227 -25.41 -1.45 45.25
C ARG D 227 -26.46 -1.40 46.37
N GLY D 228 -26.06 -0.84 47.52
CA GLY D 228 -26.84 -0.94 48.77
C GLY D 228 -26.58 -2.32 49.42
N SER E 12 -10.50 35.28 31.21
CA SER E 12 -11.35 34.10 30.87
C SER E 12 -12.56 34.53 30.03
N MET E 13 -12.97 33.64 29.15
CA MET E 13 -13.95 33.98 28.16
C MET E 13 -14.91 32.80 28.03
N SER E 14 -14.90 31.85 28.97
CA SER E 14 -15.71 30.61 28.85
C SER E 14 -15.41 29.87 27.54
N VAL E 15 -15.60 28.55 27.51
CA VAL E 15 -15.21 27.86 26.30
C VAL E 15 -16.23 28.14 25.19
N SER E 16 -17.48 28.27 25.60
CA SER E 16 -18.55 28.57 24.66
C SER E 16 -18.21 29.83 23.84
N GLU E 17 -17.89 30.91 24.55
CA GLU E 17 -17.59 32.18 23.93
C GLU E 17 -16.41 32.09 22.99
N ILE E 18 -15.34 31.43 23.42
CA ILE E 18 -14.16 31.18 22.58
C ILE E 18 -14.54 30.52 21.25
N PHE E 19 -15.40 29.49 21.33
CA PHE E 19 -15.70 28.71 20.15
C PHE E 19 -16.60 29.43 19.18
N VAL E 20 -17.57 30.17 19.72
CA VAL E 20 -18.46 31.04 18.92
C VAL E 20 -17.65 32.01 18.07
N GLU E 21 -16.61 32.58 18.67
CA GLU E 21 -15.67 33.43 17.99
C GLU E 21 -14.96 32.67 16.87
N LEU E 22 -14.41 31.51 17.20
CA LEU E 22 -13.66 30.76 16.21
C LEU E 22 -14.55 30.45 15.02
N GLN E 23 -15.80 30.08 15.31
CA GLN E 23 -16.76 29.69 14.27
C GLN E 23 -16.94 30.79 13.24
N GLY E 24 -16.89 32.05 13.69
CA GLY E 24 -16.94 33.18 12.79
C GLY E 24 -15.72 33.21 11.86
N PHE E 25 -14.53 32.99 12.43
CA PHE E 25 -13.31 33.00 11.66
C PHE E 25 -13.32 31.89 10.66
N LEU E 26 -13.74 30.70 11.09
CA LEU E 26 -13.74 29.55 10.19
C LEU E 26 -14.72 29.73 9.04
N ALA E 27 -15.90 30.28 9.34
CA ALA E 27 -16.90 30.48 8.31
C ALA E 27 -16.32 31.45 7.31
N ALA E 28 -15.63 32.48 7.80
CA ALA E 28 -15.05 33.52 6.94
C ALA E 28 -14.05 32.94 5.98
N GLU E 29 -13.21 32.04 6.48
CA GLU E 29 -12.18 31.38 5.70
C GLU E 29 -12.81 30.42 4.72
N GLN E 30 -13.82 29.71 5.16
CA GLN E 30 -14.51 28.78 4.26
C GLN E 30 -15.20 29.44 3.06
N ASP E 31 -15.76 30.63 3.27
CA ASP E 31 -16.30 31.44 2.18
C ASP E 31 -15.21 31.85 1.18
N ILE E 32 -14.05 32.25 1.71
CA ILE E 32 -12.90 32.59 0.88
C ILE E 32 -12.56 31.42 -0.04
N ARG E 33 -12.39 30.23 0.54
CA ARG E 33 -12.08 29.06 -0.24
C ARG E 33 -13.15 28.71 -1.26
N GLU E 34 -14.42 28.89 -0.93
CA GLU E 34 -15.48 28.56 -1.87
C GLU E 34 -15.55 29.60 -3.01
N GLU E 35 -15.25 30.86 -2.69
CA GLU E 35 -15.15 31.86 -3.72
C GLU E 35 -14.01 31.55 -4.70
N ILE E 36 -12.91 31.03 -4.17
CA ILE E 36 -11.76 30.65 -4.99
C ILE E 36 -12.09 29.49 -5.91
N ARG E 37 -12.77 28.47 -5.39
CA ARG E 37 -13.12 27.28 -6.17
C ARG E 37 -13.86 27.63 -7.42
N LYS E 38 -14.91 28.44 -7.27
CA LYS E 38 -15.67 28.92 -8.43
C LYS E 38 -14.80 29.52 -9.56
N VAL E 39 -13.93 30.47 -9.21
CA VAL E 39 -12.99 31.07 -10.17
C VAL E 39 -12.13 29.99 -10.82
N VAL E 40 -11.63 29.08 -10.00
CA VAL E 40 -10.76 28.01 -10.49
C VAL E 40 -11.50 27.12 -11.50
N GLN E 41 -12.82 26.94 -11.34
CA GLN E 41 -13.60 26.14 -12.29
C GLN E 41 -13.54 26.78 -13.66
N SER E 42 -13.77 28.09 -13.70
CA SER E 42 -13.79 28.83 -14.98
C SER E 42 -12.42 28.79 -15.58
N LEU E 43 -11.42 28.94 -14.71
CA LEU E 43 -10.05 28.96 -15.12
C LEU E 43 -9.69 27.62 -15.75
N GLU E 44 -10.04 26.54 -15.08
CA GLU E 44 -9.78 25.18 -15.57
C GLU E 44 -10.46 24.85 -16.90
N GLN E 45 -11.68 25.37 -17.07
CA GLN E 45 -12.40 25.28 -18.32
C GLN E 45 -11.63 25.98 -19.46
N THR E 46 -11.29 27.26 -19.26
CA THR E 46 -10.59 28.06 -20.27
C THR E 46 -9.33 27.30 -20.72
N ALA E 47 -8.62 26.76 -19.72
CA ALA E 47 -7.40 26.01 -19.95
C ALA E 47 -7.67 24.73 -20.73
N ARG E 48 -8.86 24.15 -20.52
CA ARG E 48 -9.21 22.94 -21.26
C ARG E 48 -9.43 23.27 -22.72
N GLU E 49 -10.09 24.41 -22.95
CA GLU E 49 -10.32 24.92 -24.30
C GLU E 49 -9.03 25.26 -25.03
N ILE E 50 -8.13 25.94 -24.33
CA ILE E 50 -6.81 26.24 -24.88
C ILE E 50 -6.08 24.95 -25.29
N LEU E 51 -6.16 23.95 -24.41
CA LEU E 51 -5.51 22.65 -24.63
C LEU E 51 -6.05 21.89 -25.86
N THR E 52 -7.37 21.69 -25.95
CA THR E 52 -7.96 21.04 -27.16
C THR E 52 -7.52 21.78 -28.39
N LEU E 53 -7.48 23.10 -28.28
CA LEU E 53 -7.09 23.96 -29.38
C LEU E 53 -5.69 23.63 -29.85
N LEU E 54 -4.74 23.55 -28.92
CA LEU E 54 -3.36 23.33 -29.33
C LEU E 54 -3.07 21.87 -29.63
N GLN E 55 -3.82 20.95 -29.02
CA GLN E 55 -3.58 19.53 -29.24
C GLN E 55 -4.01 19.05 -30.63
N GLY E 56 -4.57 19.94 -31.43
CA GLY E 56 -4.94 19.65 -32.81
C GLY E 56 -3.70 19.49 -33.69
N VAL E 57 -2.57 20.01 -33.22
CA VAL E 57 -1.30 19.88 -33.93
C VAL E 57 -0.87 18.42 -34.09
N HIS E 58 -1.38 17.53 -33.23
CA HIS E 58 -1.06 16.09 -33.29
C HIS E 58 -1.50 15.36 -34.58
N GLN E 59 -2.18 16.08 -35.49
CA GLN E 59 -2.61 15.56 -36.81
C GLN E 59 -2.04 16.40 -37.97
N ASP E 65 -0.89 25.92 -40.73
CA ASP E 65 -2.07 26.26 -39.90
C ASP E 65 -1.66 26.54 -38.42
N ILE E 66 -0.44 26.12 -38.06
CA ILE E 66 0.10 26.33 -36.70
C ILE E 66 -0.07 27.80 -36.24
N PRO E 67 0.44 28.78 -37.02
CA PRO E 67 0.29 30.18 -36.60
C PRO E 67 -1.16 30.55 -36.29
N LYS E 68 -2.11 29.94 -37.01
CA LYS E 68 -3.53 30.15 -36.75
C LYS E 68 -3.93 29.68 -35.35
N ARG E 69 -3.48 28.49 -34.97
CA ARG E 69 -3.77 27.94 -33.65
C ARG E 69 -3.16 28.82 -32.56
N CYS E 70 -1.93 29.29 -32.78
CA CYS E 70 -1.25 30.19 -31.84
C CYS E 70 -1.93 31.54 -31.65
N LEU E 71 -2.55 32.07 -32.70
CA LEU E 71 -3.33 33.31 -32.59
C LEU E 71 -4.60 33.11 -31.80
N LYS E 72 -5.36 32.07 -32.13
CA LYS E 72 -6.61 31.81 -31.43
C LYS E 72 -6.31 31.54 -29.96
N ALA E 73 -5.20 30.83 -29.73
CA ALA E 73 -4.73 30.49 -28.38
C ALA E 73 -4.51 31.70 -27.49
N ARG E 74 -3.76 32.68 -27.99
CA ARG E 74 -3.47 33.90 -27.24
C ARG E 74 -4.71 34.80 -27.06
N GLU E 75 -5.76 34.55 -27.86
CA GLU E 75 -7.04 35.27 -27.66
C GLU E 75 -7.72 34.79 -26.40
N HIS E 76 -7.70 33.46 -26.20
CA HIS E 76 -8.17 32.84 -24.97
C HIS E 76 -7.40 33.29 -23.75
N PHE E 77 -6.09 33.55 -23.89
CA PHE E 77 -5.29 34.08 -22.78
C PHE E 77 -5.81 35.43 -22.30
N GLY E 78 -6.59 36.10 -23.15
CA GLY E 78 -7.42 37.21 -22.70
C GLY E 78 -8.33 36.77 -21.55
N THR E 79 -9.13 35.72 -21.79
CA THR E 79 -10.05 35.20 -20.80
C THR E 79 -9.29 34.87 -19.54
N VAL E 80 -8.07 34.38 -19.70
CA VAL E 80 -7.27 33.95 -18.54
C VAL E 80 -6.93 35.13 -17.67
N LYS E 81 -6.42 36.20 -18.29
CA LYS E 81 -6.13 37.45 -17.58
C LYS E 81 -7.31 37.93 -16.75
N THR E 82 -8.52 37.89 -17.31
CA THR E 82 -9.71 38.42 -16.59
C THR E 82 -10.04 37.50 -15.42
N HIS E 83 -9.90 36.20 -15.60
CA HIS E 83 -10.15 35.29 -14.48
C HIS E 83 -9.14 35.42 -13.33
N LEU E 84 -7.86 35.60 -13.63
CA LEU E 84 -6.88 35.74 -12.56
C LEU E 84 -6.98 37.08 -11.80
N THR E 85 -7.29 38.18 -12.50
CA THR E 85 -7.56 39.45 -11.81
C THR E 85 -8.78 39.25 -10.90
N SER E 86 -9.81 38.59 -11.45
CA SER E 86 -11.00 38.18 -10.70
C SER E 86 -10.62 37.31 -9.48
N LEU E 87 -9.59 36.47 -9.63
CA LEU E 87 -9.15 35.60 -8.54
C LEU E 87 -8.48 36.36 -7.41
N LYS E 88 -7.64 37.34 -7.73
CA LYS E 88 -6.96 38.11 -6.69
C LYS E 88 -7.94 38.84 -5.75
N THR E 89 -9.15 39.15 -6.24
CA THR E 89 -10.18 39.82 -5.45
C THR E 89 -10.77 38.89 -4.37
N LYS E 90 -10.66 37.58 -4.55
CA LYS E 90 -11.31 36.64 -3.64
C LYS E 90 -10.60 36.38 -2.32
N PHE E 91 -9.33 36.80 -2.20
CA PHE E 91 -8.52 36.54 -1.00
C PHE E 91 -7.52 37.66 -0.81
N PRO E 92 -7.06 37.88 0.43
CA PRO E 92 -6.04 38.91 0.70
C PRO E 92 -4.64 38.54 0.16
N ALA E 93 -4.11 39.39 -0.73
CA ALA E 93 -2.86 39.14 -1.48
C ALA E 93 -1.68 38.53 -0.67
N GLU E 94 -1.52 38.98 0.59
CA GLU E 94 -0.40 38.54 1.44
C GLU E 94 -0.54 37.10 1.86
N GLN E 95 -1.75 36.56 1.69
CA GLN E 95 -2.05 35.17 2.09
C GLN E 95 -1.96 34.16 0.94
N TYR E 96 -1.23 34.52 -0.13
CA TYR E 96 -1.09 33.67 -1.32
C TYR E 96 -0.89 32.19 -0.96
N TYR E 97 0.12 31.92 -0.13
CA TYR E 97 0.52 30.53 0.13
C TYR E 97 -0.44 29.71 0.96
N ARG E 98 -1.35 30.39 1.65
CA ARG E 98 -2.35 29.70 2.43
C ARG E 98 -3.42 29.05 1.53
N PHE E 99 -3.74 29.70 0.41
CA PHE E 99 -4.75 29.17 -0.49
C PHE E 99 -4.15 28.70 -1.80
N HIS E 100 -2.82 28.64 -1.87
CA HIS E 100 -2.10 28.24 -3.08
C HIS E 100 -2.57 26.94 -3.72
N GLU E 101 -2.98 25.96 -2.90
CA GLU E 101 -3.23 24.61 -3.41
C GLU E 101 -4.47 24.52 -4.25
N HIS E 102 -5.36 25.48 -4.08
CA HIS E 102 -6.56 25.59 -4.89
C HIS E 102 -6.33 25.76 -6.37
N TRP E 103 -5.24 26.45 -6.73
CA TRP E 103 -4.96 26.78 -8.11
C TRP E 103 -3.66 26.19 -8.63
N ARG E 104 -2.99 25.42 -7.79
CA ARG E 104 -1.72 24.80 -8.12
C ARG E 104 -1.83 24.09 -9.44
N PHE E 105 -2.79 23.19 -9.54
CA PHE E 105 -2.95 22.41 -10.77
C PHE E 105 -3.11 23.24 -12.08
N VAL E 106 -4.07 24.15 -12.07
CA VAL E 106 -4.41 24.94 -13.24
C VAL E 106 -3.32 25.94 -13.55
N LEU E 107 -2.72 26.55 -12.51
CA LEU E 107 -1.55 27.42 -12.76
C LEU E 107 -0.42 26.66 -13.49
N GLN E 108 -0.22 25.40 -13.14
CA GLN E 108 0.80 24.61 -13.80
C GLN E 108 0.38 24.29 -15.22
N ARG E 109 -0.90 24.07 -15.45
CA ARG E 109 -1.36 23.82 -16.82
C ARG E 109 -1.23 25.08 -17.65
N LEU E 110 -1.43 26.21 -17.02
CA LEU E 110 -1.31 27.44 -17.73
C LEU E 110 0.15 27.68 -18.12
N VAL E 111 1.11 27.34 -17.26
CA VAL E 111 2.51 27.52 -17.63
C VAL E 111 2.81 26.67 -18.84
N PHE E 112 2.41 25.41 -18.76
CA PHE E 112 2.57 24.45 -19.84
C PHE E 112 1.99 25.01 -21.13
N LEU E 113 0.73 25.40 -21.11
CA LEU E 113 0.07 25.89 -22.31
C LEU E 113 0.71 27.16 -22.89
N ALA E 114 1.09 28.10 -22.01
CA ALA E 114 1.89 29.28 -22.42
C ALA E 114 3.18 28.83 -23.10
N ALA E 115 3.92 27.97 -22.41
CA ALA E 115 5.18 27.54 -22.95
C ALA E 115 4.97 26.89 -24.30
N PHE E 116 3.87 26.18 -24.44
CA PHE E 116 3.62 25.36 -25.60
C PHE E 116 3.38 26.23 -26.80
N VAL E 117 2.63 27.32 -26.60
CA VAL E 117 2.41 28.29 -27.68
C VAL E 117 3.75 28.86 -28.09
N VAL E 118 4.54 29.34 -27.12
CA VAL E 118 5.84 29.92 -27.43
C VAL E 118 6.74 28.96 -28.20
N TYR E 119 6.75 27.69 -27.79
CA TYR E 119 7.53 26.73 -28.55
C TYR E 119 7.06 26.67 -30.00
N LEU E 120 5.75 26.54 -30.23
CA LEU E 120 5.24 26.38 -31.58
C LEU E 120 5.55 27.61 -32.42
N GLU E 121 5.68 28.78 -31.79
CA GLU E 121 5.97 30.02 -32.49
C GLU E 121 7.44 30.20 -32.81
N THR E 122 8.29 29.99 -31.80
CA THR E 122 9.67 30.41 -31.85
C THR E 122 10.65 29.27 -31.59
N GLU E 123 10.12 28.06 -31.44
CA GLU E 123 10.92 26.89 -31.04
C GLU E 123 11.82 27.16 -29.84
N THR E 124 11.32 27.95 -28.91
CA THR E 124 12.11 28.34 -27.75
C THR E 124 11.40 28.16 -26.39
N LEU E 125 12.17 28.14 -25.29
CA LEU E 125 11.59 28.00 -23.95
C LEU E 125 11.20 29.32 -23.31
N VAL E 126 9.89 29.59 -23.27
CA VAL E 126 9.40 30.78 -22.62
C VAL E 126 10.12 31.03 -21.29
N THR E 127 10.54 32.28 -21.08
CA THR E 127 11.06 32.70 -19.80
C THR E 127 9.96 32.72 -18.74
N ARG E 128 10.31 32.55 -17.47
CA ARG E 128 9.29 32.59 -16.40
C ARG E 128 8.49 33.89 -16.39
N GLU E 129 9.21 35.01 -16.46
CA GLU E 129 8.60 36.33 -16.44
C GLU E 129 7.62 36.46 -17.62
N ALA E 130 8.05 36.00 -18.80
CA ALA E 130 7.18 36.02 -19.99
C ALA E 130 5.85 35.34 -19.72
N VAL E 131 5.91 34.23 -18.97
CA VAL E 131 4.72 33.46 -18.56
C VAL E 131 3.87 34.36 -17.68
N THR E 132 4.54 35.17 -16.86
CA THR E 132 3.86 36.13 -15.98
C THR E 132 3.04 37.12 -16.81
N GLU E 133 3.70 37.82 -17.74
CA GLU E 133 3.02 38.78 -18.60
C GLU E 133 1.80 38.17 -19.32
N ILE E 134 1.97 36.97 -19.86
CA ILE E 134 0.95 36.29 -20.68
C ILE E 134 -0.33 36.04 -19.89
N LEU E 135 -0.17 35.89 -18.58
CA LEU E 135 -1.28 35.52 -17.70
C LEU E 135 -1.87 36.72 -16.98
N GLY E 136 -1.24 37.89 -17.15
CA GLY E 136 -1.67 39.11 -16.46
C GLY E 136 -1.36 39.06 -14.97
N ILE E 137 -0.25 38.40 -14.63
CA ILE E 137 0.24 38.24 -13.26
C ILE E 137 1.41 39.20 -12.99
N GLU E 138 1.80 39.34 -11.73
CA GLU E 138 2.98 40.14 -11.36
C GLU E 138 4.24 39.26 -11.15
N PRO E 139 5.42 39.78 -11.58
CA PRO E 139 6.69 39.09 -11.27
C PRO E 139 7.01 39.29 -9.77
N ASP E 140 8.04 38.60 -9.28
CA ASP E 140 8.31 38.52 -7.83
C ASP E 140 8.47 39.87 -7.12
N ARG E 141 9.04 40.83 -7.84
CA ARG E 141 9.34 42.18 -7.31
C ARG E 141 8.18 43.20 -7.35
N GLU E 142 6.93 42.73 -7.37
CA GLU E 142 5.80 43.65 -7.51
C GLU E 142 4.73 43.54 -6.42
N LYS E 143 4.80 42.47 -5.62
CA LYS E 143 3.81 42.16 -4.56
C LYS E 143 2.40 41.84 -5.13
N GLY E 144 1.76 40.79 -4.57
CA GLY E 144 0.49 40.27 -5.12
C GLY E 144 0.70 39.12 -6.11
N PHE E 145 -0.32 38.27 -6.29
CA PHE E 145 -0.23 37.06 -7.14
C PHE E 145 1.08 36.80 -7.88
N HIS E 146 1.93 35.94 -7.33
CA HIS E 146 3.23 35.58 -7.91
C HIS E 146 3.21 34.23 -8.66
N LEU E 147 4.20 34.01 -9.54
CA LEU E 147 4.40 32.69 -10.16
C LEU E 147 5.60 31.99 -9.52
N ASP E 148 5.28 31.12 -8.56
CA ASP E 148 6.21 30.22 -7.91
C ASP E 148 7.25 29.69 -8.90
N VAL E 149 8.46 29.41 -8.42
CA VAL E 149 9.39 28.75 -9.32
C VAL E 149 8.98 27.27 -9.58
N GLU E 150 8.54 26.60 -8.52
CA GLU E 150 8.15 25.19 -8.55
C GLU E 150 7.01 24.88 -9.52
N ASP E 151 5.97 25.72 -9.54
CA ASP E 151 4.91 25.62 -10.54
C ASP E 151 5.46 25.82 -11.95
N TYR E 152 6.46 26.69 -12.13
CA TYR E 152 7.00 26.99 -13.45
C TYR E 152 7.64 25.74 -14.02
N LEU E 153 8.48 25.13 -13.19
CA LEU E 153 9.23 23.94 -13.61
C LEU E 153 8.33 22.75 -13.88
N SER E 154 7.21 22.70 -13.16
CA SER E 154 6.22 21.65 -13.42
C SER E 154 5.63 21.84 -14.80
N GLY E 155 5.21 23.06 -15.11
CA GLY E 155 4.69 23.35 -16.44
C GLY E 155 5.64 22.97 -17.59
N VAL E 156 6.93 23.23 -17.39
CA VAL E 156 7.96 22.91 -18.39
C VAL E 156 8.11 21.40 -18.47
N LEU E 157 8.07 20.70 -17.35
CA LEU E 157 8.11 19.23 -17.39
C LEU E 157 6.93 18.65 -18.16
N ILE E 158 5.75 19.24 -17.96
CA ILE E 158 4.53 18.88 -18.71
C ILE E 158 4.79 19.12 -20.20
N LEU E 159 5.40 20.25 -20.50
CA LEU E 159 5.75 20.58 -21.89
C LEU E 159 6.58 19.47 -22.53
N ALA E 160 7.58 18.98 -21.80
CA ALA E 160 8.49 17.99 -22.37
C ALA E 160 7.75 16.74 -22.81
N SER E 161 6.79 16.30 -22.00
CA SER E 161 6.01 15.09 -22.33
C SER E 161 5.09 15.31 -23.52
N GLU E 162 4.56 16.53 -23.67
CA GLU E 162 3.75 16.88 -24.82
C GLU E 162 4.63 16.85 -26.03
N LEU E 163 5.82 17.41 -25.92
CA LEU E 163 6.72 17.49 -27.06
C LEU E 163 7.16 16.10 -27.52
N SER E 164 7.46 15.22 -26.56
CA SER E 164 7.84 13.85 -26.92
C SER E 164 6.73 13.14 -27.71
N ARG E 165 5.48 13.42 -27.36
CA ARG E 165 4.34 12.87 -28.05
C ARG E 165 4.19 13.53 -29.40
N LEU E 166 4.51 14.81 -29.48
CA LEU E 166 4.40 15.53 -30.74
C LEU E 166 5.43 14.96 -31.71
N SER E 167 6.63 14.69 -31.19
CA SER E 167 7.74 14.15 -31.98
C SER E 167 7.34 12.88 -32.71
N VAL E 168 6.60 12.02 -32.02
CA VAL E 168 6.11 10.78 -32.61
C VAL E 168 5.09 11.07 -33.70
N ASN E 169 4.09 11.86 -33.37
CA ASN E 169 3.03 12.17 -34.32
C ASN E 169 3.54 13.00 -35.53
N SER E 170 4.59 13.76 -35.28
CA SER E 170 5.22 14.54 -36.27
C SER E 170 5.66 13.60 -37.39
N VAL E 171 6.25 12.47 -37.01
CA VAL E 171 6.75 11.52 -38.00
C VAL E 171 5.59 10.98 -38.85
N THR E 172 4.53 10.53 -38.18
CA THR E 172 3.40 9.90 -38.89
C THR E 172 2.76 10.86 -39.90
N ALA E 173 2.70 12.14 -39.56
CA ALA E 173 2.24 13.17 -40.48
C ALA E 173 3.22 13.42 -41.62
N GLY E 174 4.44 12.85 -41.52
CA GLY E 174 5.49 13.01 -42.53
C GLY E 174 6.47 14.17 -42.31
N ASP E 175 6.37 14.88 -41.19
CA ASP E 175 7.36 15.90 -40.85
C ASP E 175 8.60 15.25 -40.22
N TYR E 176 9.67 15.09 -41.00
CA TYR E 176 10.87 14.44 -40.48
C TYR E 176 11.88 15.42 -39.92
N SER E 177 11.56 16.71 -39.92
CA SER E 177 12.51 17.69 -39.43
C SER E 177 12.26 18.08 -37.97
N ARG E 178 10.98 18.20 -37.60
CA ARG E 178 10.61 18.64 -36.25
C ARG E 178 11.13 17.78 -35.08
N PRO E 179 11.03 16.45 -35.19
CA PRO E 179 11.67 15.56 -34.24
C PRO E 179 13.12 15.91 -33.84
N LEU E 180 13.93 16.41 -34.79
CA LEU E 180 15.34 16.67 -34.50
C LEU E 180 15.48 17.91 -33.65
N HIS E 181 14.65 18.91 -33.92
CA HIS E 181 14.60 20.12 -33.10
C HIS E 181 14.11 19.79 -31.72
N ILE E 182 13.04 18.98 -31.63
CA ILE E 182 12.50 18.61 -30.34
C ILE E 182 13.59 17.91 -29.55
N SER E 183 14.41 17.11 -30.23
CA SER E 183 15.46 16.35 -29.55
C SER E 183 16.49 17.23 -28.83
N THR E 184 17.01 18.21 -29.53
CA THR E 184 17.99 19.08 -28.92
C THR E 184 17.34 19.92 -27.81
N PHE E 185 16.13 20.41 -28.07
CA PHE E 185 15.38 21.20 -27.08
C PHE E 185 15.16 20.41 -25.77
N ILE E 186 14.70 19.17 -25.89
CA ILE E 186 14.51 18.32 -24.73
C ILE E 186 15.84 18.04 -24.03
N ASN E 187 16.87 17.75 -24.81
CA ASN E 187 18.20 17.59 -24.21
C ASN E 187 18.70 18.83 -23.46
N GLU E 188 18.38 20.01 -23.97
CA GLU E 188 18.70 21.25 -23.27
C GLU E 188 17.99 21.35 -21.93
N LEU E 189 16.71 20.95 -21.95
CA LEU E 189 15.87 20.90 -20.76
C LEU E 189 16.46 19.98 -19.70
N ASP E 190 16.90 18.80 -20.15
CA ASP E 190 17.52 17.82 -19.27
C ASP E 190 18.85 18.34 -18.68
N SER E 191 19.63 19.00 -19.50
CA SER E 191 20.83 19.69 -19.04
C SER E 191 20.52 20.70 -17.93
N GLY E 192 19.55 21.57 -18.27
CA GLY E 192 19.06 22.55 -17.31
C GLY E 192 18.73 22.00 -15.93
N PHE E 193 17.88 20.97 -15.85
CA PHE E 193 17.43 20.38 -14.56
C PHE E 193 18.56 19.74 -13.74
N ARG E 194 19.55 19.18 -14.45
CA ARG E 194 20.71 18.61 -13.77
C ARG E 194 21.45 19.68 -12.95
N LEU E 195 21.40 20.93 -13.42
CA LEU E 195 21.96 22.07 -12.68
C LEU E 195 21.28 22.21 -11.31
N LEU E 196 19.95 22.10 -11.31
CA LEU E 196 19.17 22.28 -10.09
C LEU E 196 19.45 21.15 -9.10
N ASN E 197 19.34 21.48 -7.83
CA ASN E 197 19.41 20.45 -6.83
C ASN E 197 18.01 20.37 -6.21
N LEU E 198 17.10 19.70 -6.91
CA LEU E 198 15.70 19.60 -6.49
C LEU E 198 15.50 18.94 -5.12
N LYS E 199 14.59 19.48 -4.31
CA LYS E 199 14.35 18.97 -2.95
C LYS E 199 12.89 18.57 -2.69
N ASN E 200 11.97 19.34 -3.31
CA ASN E 200 10.53 19.04 -3.32
C ASN E 200 10.22 17.70 -4.00
N ASP E 201 9.42 16.88 -3.32
CA ASP E 201 9.19 15.49 -3.73
C ASP E 201 8.34 15.37 -4.96
N SER E 202 7.19 16.06 -5.01
CA SER E 202 6.38 16.11 -6.23
C SER E 202 7.22 16.49 -7.43
N LEU E 203 8.10 17.47 -7.25
CA LEU E 203 8.90 17.95 -8.36
C LEU E 203 9.97 16.93 -8.77
N ARG E 204 10.63 16.33 -7.77
CA ARG E 204 11.63 15.28 -8.01
C ARG E 204 11.03 14.09 -8.74
N LYS E 205 9.80 13.80 -8.35
CA LYS E 205 9.01 12.73 -8.94
C LYS E 205 8.81 13.00 -10.42
N ARG E 206 8.29 14.18 -10.72
CA ARG E 206 8.04 14.55 -12.11
C ARG E 206 9.34 14.72 -12.93
N TYR E 207 10.43 15.12 -12.30
CA TYR E 207 11.70 15.16 -12.96
C TYR E 207 12.11 13.75 -13.39
N ASP E 208 11.79 12.73 -12.61
CA ASP E 208 12.19 11.39 -13.04
C ASP E 208 11.54 11.00 -14.35
N GLY E 209 10.36 11.59 -14.63
CA GLY E 209 9.60 11.34 -15.86
C GLY E 209 10.26 11.90 -17.13
N LEU E 210 11.02 12.98 -16.98
CA LEU E 210 11.71 13.61 -18.09
C LEU E 210 12.68 12.67 -18.81
N LYS E 211 13.45 11.86 -18.06
CA LYS E 211 14.37 10.89 -18.69
C LYS E 211 13.69 9.93 -19.67
N TYR E 212 12.44 9.54 -19.41
CA TYR E 212 11.67 8.77 -20.40
C TYR E 212 11.35 9.59 -21.66
N ASP E 213 11.05 10.88 -21.48
CA ASP E 213 10.76 11.72 -22.60
C ASP E 213 12.01 11.88 -23.44
N VAL E 214 13.14 12.11 -22.79
CA VAL E 214 14.42 12.20 -23.47
C VAL E 214 14.69 10.95 -24.30
N LYS E 215 14.60 9.78 -23.69
CA LYS E 215 14.82 8.50 -24.36
C LYS E 215 13.98 8.31 -25.61
N LYS E 216 12.70 8.71 -25.51
CA LYS E 216 11.71 8.50 -26.56
C LYS E 216 12.05 9.34 -27.72
N VAL E 217 12.38 10.59 -27.47
CA VAL E 217 12.70 11.50 -28.58
C VAL E 217 14.03 11.18 -29.25
N GLU E 218 15.02 10.71 -28.49
CA GLU E 218 16.31 10.28 -29.07
C GLU E 218 16.14 9.02 -29.88
N GLU E 219 15.11 8.22 -29.54
CA GLU E 219 14.83 7.01 -30.31
C GLU E 219 14.05 7.29 -31.59
N VAL E 220 13.25 8.35 -31.57
CA VAL E 220 12.59 8.78 -32.78
C VAL E 220 13.69 9.21 -33.74
N VAL E 221 14.65 9.97 -33.22
CA VAL E 221 15.70 10.51 -34.07
C VAL E 221 16.53 9.41 -34.74
N TYR E 222 16.89 8.42 -33.93
CA TYR E 222 17.55 7.20 -34.40
C TYR E 222 16.79 6.52 -35.56
N ASP E 223 15.50 6.28 -35.36
CA ASP E 223 14.66 5.67 -36.37
C ASP E 223 14.71 6.44 -37.66
N LEU E 224 14.68 7.77 -37.60
CA LEU E 224 14.85 8.60 -38.81
C LEU E 224 16.23 8.52 -39.47
N SER E 225 17.30 8.59 -38.67
CA SER E 225 18.71 8.51 -39.20
C SER E 225 19.06 7.22 -39.89
N ILE E 226 18.77 6.07 -39.30
CA ILE E 226 19.06 4.84 -40.00
C ILE E 226 18.24 4.69 -41.32
N ARG E 227 17.20 5.50 -41.48
CA ARG E 227 16.41 5.48 -42.72
C ARG E 227 16.78 6.65 -43.64
N GLY E 228 17.83 7.39 -43.25
CA GLY E 228 18.40 8.51 -44.00
C GLY E 228 17.42 9.67 -44.11
N PHE E 229 17.41 10.56 -43.10
CA PHE E 229 16.63 11.82 -43.15
C PHE E 229 17.39 12.99 -42.51
N MET F 13 22.20 3.00 38.83
CA MET F 13 21.68 4.21 38.10
C MET F 13 20.15 4.15 37.96
N SER F 14 19.48 5.29 38.18
CA SER F 14 18.04 5.37 37.89
C SER F 14 17.75 5.30 36.35
N VAL F 15 16.49 5.14 35.98
CA VAL F 15 16.20 5.05 34.56
C VAL F 15 16.44 6.42 33.99
N SER F 16 16.05 7.44 34.76
CA SER F 16 16.30 8.83 34.39
C SER F 16 17.75 8.97 33.93
N GLU F 17 18.68 8.72 34.88
CA GLU F 17 20.11 8.78 34.61
C GLU F 17 20.52 7.95 33.38
N ILE F 18 20.06 6.70 33.31
CA ILE F 18 20.37 5.84 32.17
C ILE F 18 20.08 6.56 30.88
N PHE F 19 18.88 7.16 30.78
CA PHE F 19 18.45 7.76 29.50
C PHE F 19 19.14 9.06 29.12
N VAL F 20 19.46 9.88 30.14
CA VAL F 20 20.22 11.11 29.96
C VAL F 20 21.60 10.80 29.38
N GLU F 21 22.17 9.68 29.79
CA GLU F 21 23.39 9.14 29.18
C GLU F 21 23.22 8.78 27.69
N LEU F 22 22.17 8.04 27.40
CA LEU F 22 21.86 7.54 26.08
C LEU F 22 21.52 8.65 25.08
N GLN F 23 20.82 9.67 25.56
CA GLN F 23 20.56 10.84 24.73
C GLN F 23 21.89 11.44 24.29
N GLY F 24 22.87 11.46 25.19
CA GLY F 24 24.21 11.94 24.89
C GLY F 24 24.82 11.20 23.71
N PHE F 25 24.81 9.88 23.79
CA PHE F 25 25.36 9.03 22.73
C PHE F 25 24.58 9.18 21.45
N LEU F 26 23.26 9.31 21.56
CA LEU F 26 22.46 9.51 20.38
C LEU F 26 22.81 10.84 19.73
N ALA F 27 22.95 11.90 20.53
CA ALA F 27 23.27 13.23 20.00
C ALA F 27 24.57 13.23 19.20
N ALA F 28 25.62 12.65 19.76
CA ALA F 28 26.92 12.60 19.11
C ALA F 28 26.86 11.90 17.76
N GLU F 29 26.08 10.82 17.71
CA GLU F 29 25.86 10.04 16.49
C GLU F 29 25.05 10.79 15.42
N GLN F 30 23.92 11.38 15.81
CA GLN F 30 23.14 12.23 14.92
C GLN F 30 24.03 13.30 14.29
N ASP F 31 24.93 13.87 15.12
CA ASP F 31 25.88 14.90 14.69
C ASP F 31 26.82 14.39 13.62
N ILE F 32 27.39 13.21 13.84
CA ILE F 32 28.26 12.58 12.85
C ILE F 32 27.51 12.41 11.53
N ARG F 33 26.27 11.94 11.61
CA ARG F 33 25.42 11.81 10.43
C ARG F 33 25.22 13.15 9.73
N GLU F 34 25.02 14.23 10.50
CA GLU F 34 24.74 15.53 9.90
C GLU F 34 25.96 16.05 9.14
N GLU F 35 27.12 15.90 9.74
CA GLU F 35 28.36 16.30 9.09
C GLU F 35 28.62 15.52 7.79
N ILE F 36 28.20 14.26 7.75
CA ILE F 36 28.40 13.42 6.57
C ILE F 36 27.50 13.88 5.43
N ARG F 37 26.24 14.22 5.74
CA ARG F 37 25.28 14.73 4.75
C ARG F 37 25.90 15.86 3.94
N LYS F 38 26.42 16.87 4.65
CA LYS F 38 26.92 18.13 4.05
C LYS F 38 28.00 17.90 3.04
N VAL F 39 28.98 17.05 3.36
CA VAL F 39 30.04 16.75 2.39
C VAL F 39 29.44 15.88 1.27
N VAL F 40 28.45 15.04 1.60
CA VAL F 40 27.87 14.21 0.55
C VAL F 40 27.08 15.09 -0.39
N GLN F 41 26.45 16.15 0.13
CA GLN F 41 25.82 17.15 -0.75
C GLN F 41 26.81 17.63 -1.81
N SER F 42 27.97 18.11 -1.36
CA SER F 42 29.02 18.64 -2.22
C SER F 42 29.46 17.59 -3.22
N LEU F 43 29.66 16.37 -2.72
CA LEU F 43 30.11 15.27 -3.53
C LEU F 43 29.12 15.05 -4.66
N GLU F 44 27.83 15.02 -4.31
CA GLU F 44 26.74 14.77 -5.25
C GLU F 44 26.66 15.84 -6.34
N GLN F 45 26.95 17.08 -5.96
CA GLN F 45 27.00 18.16 -6.93
C GLN F 45 28.16 17.97 -7.87
N THR F 46 29.36 17.72 -7.33
CA THR F 46 30.53 17.53 -8.19
C THR F 46 30.24 16.37 -9.14
N ALA F 47 29.57 15.34 -8.62
CA ALA F 47 29.17 14.18 -9.41
C ALA F 47 28.18 14.52 -10.51
N ARG F 48 27.26 15.45 -10.26
CA ARG F 48 26.32 15.88 -11.31
C ARG F 48 27.04 16.59 -12.44
N GLU F 49 27.98 17.47 -12.06
CA GLU F 49 28.78 18.22 -12.99
C GLU F 49 29.63 17.35 -13.90
N ILE F 50 30.39 16.41 -13.33
CA ILE F 50 31.10 15.44 -14.17
C ILE F 50 30.16 14.75 -15.15
N LEU F 51 28.94 14.48 -14.71
CA LEU F 51 27.95 13.82 -15.53
C LEU F 51 27.51 14.74 -16.67
N THR F 52 27.00 15.93 -16.36
CA THR F 52 26.58 16.83 -17.45
C THR F 52 27.70 16.95 -18.46
N LEU F 53 28.92 17.04 -17.95
CA LEU F 53 30.08 17.17 -18.80
C LEU F 53 30.21 15.96 -19.71
N LEU F 54 30.15 14.75 -19.13
CA LEU F 54 30.36 13.53 -19.92
C LEU F 54 29.22 13.25 -20.90
N GLN F 55 27.98 13.51 -20.47
CA GLN F 55 26.79 13.25 -21.30
C GLN F 55 26.65 14.15 -22.53
N GLY F 56 27.53 15.12 -22.66
CA GLY F 56 27.61 15.91 -23.88
C GLY F 56 27.99 15.03 -25.05
N VAL F 57 28.64 13.90 -24.76
CA VAL F 57 29.07 12.98 -25.81
C VAL F 57 27.89 12.40 -26.64
N HIS F 58 26.65 12.58 -26.14
CA HIS F 58 25.45 12.11 -26.84
C HIS F 58 25.02 12.96 -28.06
N GLN F 59 25.76 14.05 -28.31
CA GLN F 59 25.62 14.89 -29.53
C GLN F 59 26.85 14.72 -30.44
N ASP F 65 36.70 15.52 -30.08
CA ASP F 65 36.76 16.32 -28.86
C ASP F 65 36.50 15.49 -27.57
N ILE F 66 36.38 14.16 -27.74
CA ILE F 66 36.19 13.25 -26.59
C ILE F 66 37.35 13.33 -25.54
N PRO F 67 38.61 13.19 -25.98
CA PRO F 67 39.74 13.30 -25.04
C PRO F 67 39.80 14.66 -24.34
N LYS F 68 39.17 15.69 -24.93
CA LYS F 68 38.96 16.98 -24.25
C LYS F 68 38.12 16.81 -22.99
N ARG F 69 36.94 16.20 -23.18
CA ARG F 69 35.98 15.95 -22.09
C ARG F 69 36.58 15.08 -21.00
N CYS F 70 37.22 13.98 -21.42
CA CYS F 70 37.87 13.04 -20.53
C CYS F 70 38.90 13.71 -19.63
N LEU F 71 39.65 14.64 -20.21
CA LEU F 71 40.60 15.42 -19.43
C LEU F 71 39.87 16.36 -18.47
N LYS F 72 38.95 17.19 -19.01
CA LYS F 72 38.18 18.12 -18.17
C LYS F 72 37.54 17.38 -17.00
N ALA F 73 37.12 16.14 -17.27
CA ALA F 73 36.55 15.28 -16.25
C ALA F 73 37.57 14.97 -15.13
N ARG F 74 38.75 14.49 -15.54
CA ARG F 74 39.73 14.06 -14.58
C ARG F 74 40.16 15.16 -13.60
N GLU F 75 40.22 16.42 -14.07
CA GLU F 75 40.47 17.55 -13.14
C GLU F 75 39.33 17.75 -12.11
N HIS F 76 38.11 17.35 -12.51
CA HIS F 76 36.98 17.37 -11.58
C HIS F 76 37.10 16.27 -10.52
N PHE F 77 37.77 15.18 -10.86
CA PHE F 77 38.02 14.13 -9.88
C PHE F 77 39.10 14.55 -8.86
N GLY F 78 39.83 15.61 -9.18
CA GLY F 78 40.68 16.28 -8.20
C GLY F 78 39.80 16.84 -7.09
N THR F 79 38.67 17.45 -7.47
CA THR F 79 37.78 18.02 -6.48
C THR F 79 36.93 16.94 -5.75
N VAL F 80 36.83 15.74 -6.31
CA VAL F 80 36.18 14.67 -5.55
C VAL F 80 37.15 14.10 -4.50
N LYS F 81 38.44 14.04 -4.88
CA LYS F 81 39.53 13.56 -4.02
C LYS F 81 39.57 14.34 -2.73
N THR F 82 39.44 15.65 -2.90
CA THR F 82 39.36 16.56 -1.78
C THR F 82 38.11 16.31 -0.92
N HIS F 83 36.96 16.06 -1.56
CA HIS F 83 35.71 15.81 -0.82
C HIS F 83 35.67 14.50 -0.06
N LEU F 84 36.34 13.49 -0.64
CA LEU F 84 36.48 12.21 0.04
C LEU F 84 37.50 12.23 1.19
N THR F 85 38.65 12.91 1.02
CA THR F 85 39.54 13.04 2.19
C THR F 85 38.76 13.80 3.27
N SER F 86 37.87 14.71 2.83
CA SER F 86 37.09 15.53 3.76
C SER F 86 36.11 14.70 4.52
N LEU F 87 35.57 13.69 3.85
CA LEU F 87 34.53 12.88 4.47
C LEU F 87 35.14 11.98 5.55
N LYS F 88 36.37 11.52 5.29
CA LYS F 88 37.05 10.63 6.22
C LYS F 88 37.28 11.32 7.56
N THR F 89 37.28 12.65 7.52
CA THR F 89 37.30 13.53 8.69
C THR F 89 36.02 13.39 9.53
N LYS F 90 34.90 13.02 8.91
CA LYS F 90 33.62 13.17 9.59
C LYS F 90 33.19 12.01 10.46
N PHE F 91 33.86 10.86 10.30
CA PHE F 91 33.53 9.63 11.07
C PHE F 91 34.77 8.76 11.41
N PRO F 92 34.67 7.88 12.43
CA PRO F 92 35.82 7.03 12.78
C PRO F 92 35.95 5.86 11.80
N ALA F 93 37.12 5.76 11.15
CA ALA F 93 37.37 4.84 10.02
C ALA F 93 36.84 3.40 10.17
N GLU F 94 36.94 2.84 11.37
CA GLU F 94 36.51 1.45 11.63
C GLU F 94 35.01 1.24 11.55
N GLN F 95 34.25 2.34 11.58
CA GLN F 95 32.79 2.26 11.53
C GLN F 95 32.21 2.57 10.14
N TYR F 96 33.04 2.39 9.12
CA TYR F 96 32.63 2.59 7.73
C TYR F 96 31.20 2.13 7.44
N TYR F 97 30.85 0.90 7.84
CA TYR F 97 29.56 0.32 7.46
C TYR F 97 28.36 0.77 8.28
N ARG F 98 28.60 1.57 9.31
CA ARG F 98 27.46 2.09 10.08
C ARG F 98 26.85 3.29 9.38
N PHE F 99 27.69 4.05 8.68
CA PHE F 99 27.26 5.25 7.98
C PHE F 99 27.25 5.09 6.44
N HIS F 100 27.38 3.83 5.98
CA HIS F 100 27.59 3.52 4.57
C HIS F 100 26.45 4.02 3.72
N GLU F 101 25.22 3.79 4.17
CA GLU F 101 24.04 4.18 3.39
C GLU F 101 23.96 5.67 3.00
N HIS F 102 24.73 6.55 3.66
CA HIS F 102 24.73 7.98 3.29
C HIS F 102 25.47 8.29 1.98
N TRP F 103 26.44 7.46 1.61
CA TRP F 103 27.20 7.71 0.40
C TRP F 103 27.08 6.59 -0.67
N ARG F 104 26.21 5.61 -0.38
CA ARG F 104 25.98 4.46 -1.28
C ARG F 104 25.59 4.93 -2.69
N PHE F 105 24.65 5.87 -2.75
CA PHE F 105 24.25 6.40 -4.03
C PHE F 105 25.41 7.08 -4.76
N VAL F 106 25.98 8.09 -4.12
CA VAL F 106 26.99 8.88 -4.80
C VAL F 106 28.29 8.12 -5.06
N LEU F 107 28.67 7.21 -4.16
CA LEU F 107 29.79 6.28 -4.42
C LEU F 107 29.59 5.46 -5.71
N GLN F 108 28.39 4.92 -5.88
CA GLN F 108 28.09 4.18 -7.07
C GLN F 108 28.06 5.04 -8.31
N ARG F 109 27.59 6.28 -8.20
CA ARG F 109 27.60 7.15 -9.37
C ARG F 109 29.02 7.44 -9.78
N LEU F 110 29.87 7.61 -8.78
CA LEU F 110 31.25 7.92 -9.04
C LEU F 110 31.97 6.73 -9.68
N VAL F 111 31.67 5.51 -9.25
CA VAL F 111 32.19 4.31 -9.94
C VAL F 111 31.85 4.42 -11.40
N PHE F 112 30.57 4.68 -11.64
CA PHE F 112 30.02 4.76 -12.98
C PHE F 112 30.81 5.77 -13.78
N LEU F 113 30.87 6.99 -13.25
CA LEU F 113 31.48 8.09 -13.97
C LEU F 113 32.94 7.80 -14.32
N ALA F 114 33.70 7.21 -13.37
CA ALA F 114 35.10 6.83 -13.62
C ALA F 114 35.18 5.79 -14.72
N ALA F 115 34.40 4.71 -14.59
CA ALA F 115 34.38 3.64 -15.59
C ALA F 115 34.05 4.19 -16.96
N PHE F 116 33.10 5.12 -16.97
CA PHE F 116 32.63 5.78 -18.17
C PHE F 116 33.78 6.51 -18.83
N VAL F 117 34.50 7.32 -18.05
CA VAL F 117 35.71 7.97 -18.53
C VAL F 117 36.68 6.95 -19.12
N VAL F 118 36.99 5.92 -18.34
CA VAL F 118 37.97 4.94 -18.79
C VAL F 118 37.52 4.29 -20.10
N TYR F 119 36.24 3.91 -20.16
CA TYR F 119 35.69 3.36 -21.40
C TYR F 119 35.88 4.28 -22.64
N LEU F 120 35.70 5.59 -22.47
CA LEU F 120 35.76 6.47 -23.62
C LEU F 120 37.21 6.60 -24.07
N GLU F 121 38.14 6.53 -23.12
CA GLU F 121 39.57 6.64 -23.41
C GLU F 121 40.09 5.39 -24.12
N THR F 122 39.71 4.24 -23.57
CA THR F 122 40.47 3.02 -23.77
C THR F 122 39.58 1.84 -24.18
N GLU F 123 38.29 2.10 -24.30
CA GLU F 123 37.28 1.08 -24.63
C GLU F 123 37.47 -0.16 -23.78
N THR F 124 37.72 0.07 -22.50
CA THR F 124 37.96 -1.02 -21.57
C THR F 124 37.30 -0.80 -20.20
N LEU F 125 37.14 -1.90 -19.45
CA LEU F 125 36.50 -1.78 -18.15
C LEU F 125 37.56 -1.47 -17.10
N VAL F 126 37.44 -0.27 -16.52
CA VAL F 126 38.22 0.10 -15.35
C VAL F 126 38.20 -1.01 -14.28
N THR F 127 39.38 -1.41 -13.82
CA THR F 127 39.50 -2.37 -12.73
C THR F 127 39.05 -1.66 -11.46
N ARG F 128 38.60 -2.44 -10.47
CA ARG F 128 38.13 -1.86 -9.20
C ARG F 128 39.17 -1.01 -8.42
N GLU F 129 40.41 -1.46 -8.46
CA GLU F 129 41.51 -0.78 -7.80
C GLU F 129 41.79 0.54 -8.53
N ALA F 130 41.73 0.54 -9.86
CA ALA F 130 41.94 1.78 -10.62
C ALA F 130 40.90 2.84 -10.27
N VAL F 131 39.68 2.39 -9.95
CA VAL F 131 38.60 3.27 -9.52
C VAL F 131 38.95 3.87 -8.19
N THR F 132 39.37 3.01 -7.25
CA THR F 132 39.85 3.51 -5.95
C THR F 132 40.90 4.62 -6.14
N GLU F 133 41.82 4.43 -7.08
CA GLU F 133 42.91 5.40 -7.28
C GLU F 133 42.44 6.75 -7.78
N ILE F 134 41.47 6.73 -8.69
CA ILE F 134 40.98 7.97 -9.28
C ILE F 134 40.23 8.81 -8.22
N LEU F 135 39.64 8.11 -7.25
CA LEU F 135 38.85 8.74 -6.21
C LEU F 135 39.71 9.21 -5.03
N GLY F 136 40.98 8.80 -5.01
CA GLY F 136 41.88 9.08 -3.87
C GLY F 136 41.43 8.34 -2.62
N ILE F 137 40.83 7.17 -2.79
CA ILE F 137 40.53 6.26 -1.67
C ILE F 137 41.48 5.04 -1.68
N GLU F 138 41.35 4.17 -0.68
CA GLU F 138 42.29 3.08 -0.48
C GLU F 138 41.77 1.74 -1.02
N PRO F 139 42.68 0.81 -1.37
CA PRO F 139 42.24 -0.57 -1.66
C PRO F 139 41.89 -1.30 -0.36
N ASP F 140 41.41 -2.55 -0.44
CA ASP F 140 40.96 -3.28 0.77
C ASP F 140 42.11 -3.59 1.74
N ARG F 141 43.35 -3.62 1.23
CA ARG F 141 44.53 -3.96 2.04
C ARG F 141 45.26 -2.78 2.71
N GLU F 142 44.59 -1.65 2.88
CA GLU F 142 45.25 -0.48 3.52
C GLU F 142 44.43 0.15 4.65
N LYS F 143 43.25 -0.41 4.92
CA LYS F 143 42.31 0.14 5.93
C LYS F 143 42.02 1.63 5.74
N GLY F 144 40.82 2.04 6.14
CA GLY F 144 40.34 3.39 5.87
C GLY F 144 39.58 3.41 4.55
N PHE F 145 38.43 4.08 4.55
CA PHE F 145 37.51 4.20 3.39
C PHE F 145 37.72 3.27 2.17
N HIS F 146 36.99 2.15 2.17
CA HIS F 146 37.12 1.12 1.11
C HIS F 146 36.09 1.26 -0.02
N LEU F 147 36.33 0.55 -1.13
CA LEU F 147 35.31 0.39 -2.17
C LEU F 147 34.71 -1.03 -2.17
N ASP F 148 33.51 -1.12 -1.61
CA ASP F 148 32.67 -2.30 -1.63
C ASP F 148 32.61 -2.99 -3.00
N VAL F 149 32.63 -4.32 -3.03
CA VAL F 149 32.42 -5.04 -4.29
C VAL F 149 31.01 -4.84 -4.88
N GLU F 150 30.01 -4.79 -4.00
CA GLU F 150 28.65 -4.54 -4.44
C GLU F 150 28.52 -3.13 -5.02
N ASP F 151 29.25 -2.16 -4.49
CA ASP F 151 29.14 -0.81 -5.01
C ASP F 151 29.74 -0.68 -6.39
N TYR F 152 30.85 -1.37 -6.62
CA TYR F 152 31.57 -1.32 -7.92
C TYR F 152 30.70 -1.96 -9.03
N LEU F 153 30.16 -3.15 -8.74
CA LEU F 153 29.27 -3.81 -9.66
C LEU F 153 28.07 -2.98 -9.95
N SER F 154 27.64 -2.15 -9.00
CA SER F 154 26.48 -1.33 -9.26
C SER F 154 26.83 -0.26 -10.30
N GLY F 155 28.03 0.31 -10.12
CA GLY F 155 28.56 1.32 -11.04
C GLY F 155 28.67 0.79 -12.45
N VAL F 156 29.11 -0.46 -12.55
CA VAL F 156 29.35 -1.08 -13.81
C VAL F 156 28.05 -1.30 -14.52
N LEU F 157 27.01 -1.69 -13.78
CA LEU F 157 25.70 -1.89 -14.36
C LEU F 157 25.12 -0.58 -14.83
N ILE F 158 25.35 0.49 -14.08
CA ILE F 158 24.92 1.83 -14.53
C ILE F 158 25.59 2.15 -15.88
N LEU F 159 26.91 1.88 -15.93
CA LEU F 159 27.69 2.10 -17.14
C LEU F 159 27.05 1.42 -18.35
N ALA F 160 26.71 0.14 -18.19
CA ALA F 160 26.09 -0.61 -19.25
C ALA F 160 24.85 0.09 -19.78
N SER F 161 24.07 0.73 -18.91
CA SER F 161 22.86 1.44 -19.37
C SER F 161 23.20 2.67 -20.17
N GLU F 162 24.20 3.39 -19.66
CA GLU F 162 24.67 4.58 -20.34
C GLU F 162 25.19 4.21 -21.74
N LEU F 163 25.93 3.10 -21.83
CA LEU F 163 26.57 2.68 -23.08
C LEU F 163 25.57 2.28 -24.17
N SER F 164 24.47 1.65 -23.76
CA SER F 164 23.41 1.26 -24.67
C SER F 164 22.72 2.52 -25.22
N ARG F 165 22.58 3.56 -24.40
CA ARG F 165 22.05 4.84 -24.89
C ARG F 165 23.01 5.46 -25.87
N LEU F 166 24.29 5.45 -25.52
CA LEU F 166 25.36 5.99 -26.35
C LEU F 166 25.38 5.29 -27.70
N SER F 167 25.20 3.97 -27.69
CA SER F 167 25.18 3.17 -28.91
C SER F 167 24.14 3.70 -29.93
N VAL F 168 22.95 4.05 -29.41
CA VAL F 168 21.88 4.57 -30.22
C VAL F 168 22.28 5.95 -30.74
N ASN F 169 22.76 6.83 -29.87
CA ASN F 169 23.08 8.22 -30.25
C ASN F 169 24.29 8.34 -31.16
N SER F 170 25.22 7.42 -30.94
CA SER F 170 26.35 7.22 -31.81
C SER F 170 25.88 7.07 -33.28
N VAL F 171 24.94 6.15 -33.56
CA VAL F 171 24.44 6.01 -34.92
C VAL F 171 23.90 7.34 -35.40
N THR F 172 23.15 8.05 -34.55
CA THR F 172 22.52 9.33 -34.95
C THR F 172 23.55 10.35 -35.42
N ALA F 173 24.65 10.46 -34.67
CA ALA F 173 25.75 11.35 -35.05
C ALA F 173 26.61 10.76 -36.17
N GLY F 174 26.22 9.57 -36.66
CA GLY F 174 26.80 8.98 -37.88
C GLY F 174 28.00 8.07 -37.66
N ASP F 175 28.31 7.77 -36.41
CA ASP F 175 29.42 6.87 -36.10
C ASP F 175 28.92 5.44 -36.10
N TYR F 176 29.32 4.69 -37.13
CA TYR F 176 28.81 3.34 -37.36
C TYR F 176 29.78 2.22 -36.97
N SER F 177 30.84 2.60 -36.24
CA SER F 177 31.75 1.58 -35.76
C SER F 177 31.53 1.36 -34.26
N ARG F 178 31.39 2.47 -33.54
CA ARG F 178 31.26 2.41 -32.09
C ARG F 178 30.23 1.39 -31.60
N PRO F 179 29.00 1.39 -32.15
CA PRO F 179 28.04 0.36 -31.70
C PRO F 179 28.54 -1.07 -31.69
N LEU F 180 29.42 -1.44 -32.60
CA LEU F 180 29.86 -2.83 -32.67
C LEU F 180 30.78 -3.10 -31.48
N HIS F 181 31.55 -2.08 -31.11
CA HIS F 181 32.40 -2.16 -29.93
C HIS F 181 31.60 -2.22 -28.64
N ILE F 182 30.57 -1.38 -28.55
CA ILE F 182 29.73 -1.34 -27.38
C ILE F 182 29.01 -2.65 -27.22
N SER F 183 28.62 -3.26 -28.34
CA SER F 183 27.96 -4.58 -28.32
C SER F 183 28.81 -5.77 -27.77
N THR F 184 30.06 -5.92 -28.24
CA THR F 184 30.89 -6.96 -27.67
C THR F 184 31.23 -6.61 -26.21
N PHE F 185 31.46 -5.31 -25.92
CA PHE F 185 31.75 -4.89 -24.55
C PHE F 185 30.69 -5.38 -23.61
N ILE F 186 29.45 -5.09 -23.98
CA ILE F 186 28.32 -5.37 -23.13
C ILE F 186 28.13 -6.88 -23.00
N ASN F 187 28.46 -7.59 -24.07
CA ASN F 187 28.36 -9.04 -24.05
C ASN F 187 29.38 -9.72 -23.14
N GLU F 188 30.57 -9.13 -23.09
CA GLU F 188 31.59 -9.50 -22.09
C GLU F 188 31.12 -9.25 -20.64
N LEU F 189 30.48 -8.10 -20.39
CA LEU F 189 29.95 -7.78 -19.06
C LEU F 189 28.93 -8.82 -18.66
N ASP F 190 28.06 -9.18 -19.60
CA ASP F 190 27.00 -10.14 -19.32
C ASP F 190 27.54 -11.53 -18.96
N SER F 191 28.65 -11.91 -19.64
CA SER F 191 29.36 -13.20 -19.39
C SER F 191 30.04 -13.21 -18.04
N GLY F 192 30.46 -12.01 -17.63
CA GLY F 192 31.00 -11.80 -16.31
C GLY F 192 30.02 -11.93 -15.17
N PHE F 193 28.84 -11.31 -15.27
CA PHE F 193 27.84 -11.43 -14.19
C PHE F 193 27.32 -12.85 -14.06
N ARG F 194 27.29 -13.57 -15.20
CA ARG F 194 26.90 -14.98 -15.21
C ARG F 194 27.80 -15.85 -14.33
N LEU F 195 29.07 -15.48 -14.23
CA LEU F 195 30.01 -16.15 -13.33
C LEU F 195 29.65 -15.99 -11.89
N LEU F 196 29.29 -14.76 -11.51
CA LEU F 196 28.86 -14.50 -10.13
C LEU F 196 27.60 -15.28 -9.79
N ASN F 197 27.48 -15.66 -8.55
CA ASN F 197 26.22 -16.15 -8.05
C ASN F 197 25.65 -15.07 -7.11
N LEU F 198 24.91 -14.13 -7.71
CA LEU F 198 24.39 -12.96 -6.97
C LEU F 198 23.40 -13.32 -5.83
N LYS F 199 23.54 -12.66 -4.69
CA LYS F 199 22.68 -12.92 -3.53
C LYS F 199 21.96 -11.67 -3.00
N ASN F 200 22.70 -10.58 -2.75
CA ASN F 200 22.10 -9.28 -2.41
C ASN F 200 20.97 -8.94 -3.43
N ASP F 201 19.83 -8.46 -2.93
CA ASP F 201 18.64 -8.29 -3.79
C ASP F 201 18.69 -7.07 -4.69
N SER F 202 19.22 -5.96 -4.18
CA SER F 202 19.35 -4.73 -4.96
C SER F 202 20.23 -4.97 -6.18
N LEU F 203 21.25 -5.80 -6.01
CA LEU F 203 22.17 -6.11 -7.07
C LEU F 203 21.59 -7.10 -8.07
N ARG F 204 20.92 -8.14 -7.59
CA ARG F 204 20.24 -9.05 -8.50
C ARG F 204 19.09 -8.39 -9.25
N LYS F 205 18.43 -7.44 -8.58
CA LYS F 205 17.42 -6.57 -9.19
C LYS F 205 18.02 -5.81 -10.36
N ARG F 206 19.11 -5.09 -10.11
CA ARG F 206 19.76 -4.30 -11.13
C ARG F 206 20.38 -5.14 -12.25
N TYR F 207 20.86 -6.33 -11.90
CA TYR F 207 21.37 -7.24 -12.92
C TYR F 207 20.31 -7.61 -13.95
N ASP F 208 19.06 -7.69 -13.51
CA ASP F 208 17.96 -8.03 -14.40
C ASP F 208 17.77 -7.00 -15.46
N GLY F 209 18.14 -5.76 -15.17
CA GLY F 209 18.11 -4.69 -16.14
C GLY F 209 19.11 -4.87 -17.25
N LEU F 210 20.19 -5.60 -17.00
CA LEU F 210 21.30 -5.66 -17.95
C LEU F 210 20.89 -6.36 -19.21
N LYS F 211 20.00 -7.35 -19.09
CA LYS F 211 19.54 -8.08 -20.27
C LYS F 211 18.89 -7.15 -21.30
N TYR F 212 18.27 -6.06 -20.83
CA TYR F 212 17.63 -5.13 -21.75
C TYR F 212 18.65 -4.33 -22.50
N ASP F 213 19.73 -3.98 -21.82
CA ASP F 213 20.79 -3.22 -22.46
C ASP F 213 21.42 -4.10 -23.53
N VAL F 214 21.63 -5.37 -23.21
CA VAL F 214 22.18 -6.34 -24.16
C VAL F 214 21.33 -6.38 -25.41
N LYS F 215 20.03 -6.57 -25.20
CA LYS F 215 19.04 -6.63 -26.28
C LYS F 215 19.06 -5.35 -27.12
N LYS F 216 19.12 -4.20 -26.46
CA LYS F 216 19.14 -2.94 -27.17
C LYS F 216 20.28 -2.85 -28.16
N VAL F 217 21.48 -3.12 -27.67
CA VAL F 217 22.66 -2.82 -28.46
C VAL F 217 22.79 -3.87 -29.53
N GLU F 218 22.42 -5.11 -29.22
CA GLU F 218 22.43 -6.16 -30.24
C GLU F 218 21.55 -5.82 -31.44
N GLU F 219 20.46 -5.14 -31.18
CA GLU F 219 19.54 -4.77 -32.21
C GLU F 219 20.02 -3.55 -32.97
N VAL F 220 20.79 -2.68 -32.32
CA VAL F 220 21.40 -1.53 -33.01
C VAL F 220 22.34 -2.06 -34.09
N VAL F 221 23.16 -3.03 -33.72
CA VAL F 221 24.08 -3.66 -34.64
C VAL F 221 23.37 -4.39 -35.78
N TYR F 222 22.26 -5.07 -35.47
CA TYR F 222 21.42 -5.72 -36.47
C TYR F 222 20.97 -4.69 -37.48
N ASP F 223 20.49 -3.55 -36.97
CA ASP F 223 20.03 -2.47 -37.81
C ASP F 223 21.14 -2.03 -38.77
N LEU F 224 22.31 -1.84 -38.22
CA LEU F 224 23.46 -1.47 -38.99
C LEU F 224 23.84 -2.54 -40.04
N SER F 225 23.90 -3.81 -39.64
CA SER F 225 24.31 -4.87 -40.55
C SER F 225 23.36 -5.04 -41.72
N ILE F 226 22.07 -4.94 -41.47
CA ILE F 226 21.12 -5.20 -42.51
C ILE F 226 21.09 -4.08 -43.58
N ARG F 227 21.69 -2.94 -43.24
CA ARG F 227 21.77 -1.79 -44.16
C ARG F 227 23.18 -1.57 -44.63
N GLY F 228 24.06 -2.49 -44.26
CA GLY F 228 25.45 -2.47 -44.74
C GLY F 228 26.33 -1.32 -44.26
N PHE F 229 27.12 -1.58 -43.20
CA PHE F 229 28.13 -0.59 -42.73
C PHE F 229 29.45 -1.26 -42.25
N GLY G 11 -0.42 -44.79 24.25
CA GLY G 11 -0.87 -44.13 25.57
C GLY G 11 -1.75 -42.90 25.33
N SER G 12 -1.38 -41.78 25.95
CA SER G 12 -2.06 -40.48 25.82
C SER G 12 -1.14 -39.32 26.28
N MET G 13 -1.12 -38.24 25.49
CA MET G 13 -0.06 -37.23 25.57
C MET G 13 -0.48 -35.83 26.04
N SER G 14 0.42 -35.20 26.81
CA SER G 14 0.29 -33.79 27.16
C SER G 14 0.60 -32.87 25.94
N VAL G 15 0.09 -31.62 25.97
CA VAL G 15 0.46 -30.65 24.92
C VAL G 15 1.99 -30.62 24.69
N SER G 16 2.74 -30.48 25.78
CA SER G 16 4.20 -30.39 25.69
C SER G 16 4.79 -31.55 24.90
N GLU G 17 4.38 -32.76 25.26
CA GLU G 17 4.88 -33.96 24.60
C GLU G 17 4.55 -33.93 23.12
N ILE G 18 3.29 -33.57 22.77
CA ILE G 18 2.86 -33.44 21.38
C ILE G 18 3.79 -32.52 20.62
N PHE G 19 4.06 -31.35 21.20
CA PHE G 19 4.88 -30.33 20.54
C PHE G 19 6.37 -30.69 20.38
N VAL G 20 6.98 -31.25 21.43
CA VAL G 20 8.34 -31.85 21.31
C VAL G 20 8.46 -32.88 20.12
N GLU G 21 7.47 -33.74 19.99
CA GLU G 21 7.44 -34.63 18.85
C GLU G 21 7.38 -33.84 17.55
N LEU G 22 6.48 -32.88 17.46
CA LEU G 22 6.35 -32.11 16.22
C LEU G 22 7.64 -31.39 15.82
N GLN G 23 8.32 -30.87 16.83
CA GLN G 23 9.61 -30.24 16.61
C GLN G 23 10.60 -31.20 15.91
N GLY G 24 10.58 -32.46 16.31
CA GLY G 24 11.39 -33.47 15.65
C GLY G 24 11.06 -33.58 14.17
N PHE G 25 9.78 -33.70 13.84
CA PHE G 25 9.39 -33.76 12.43
C PHE G 25 9.77 -32.50 11.65
N LEU G 26 9.55 -31.32 12.24
CA LEU G 26 9.85 -30.09 11.52
C LEU G 26 11.32 -29.97 11.25
N ALA G 27 12.14 -30.24 12.25
CA ALA G 27 13.60 -30.18 12.08
C ALA G 27 14.01 -31.11 10.96
N ALA G 28 13.46 -32.33 10.97
CA ALA G 28 13.78 -33.31 9.92
C ALA G 28 13.45 -32.83 8.49
N GLU G 29 12.29 -32.19 8.34
CA GLU G 29 11.87 -31.65 7.05
C GLU G 29 12.73 -30.48 6.63
N GLN G 30 13.02 -29.57 7.55
CA GLN G 30 13.93 -28.48 7.27
C GLN G 30 15.30 -28.99 6.84
N ASP G 31 15.83 -30.06 7.47
CA ASP G 31 17.11 -30.60 7.07
C ASP G 31 17.07 -31.12 5.64
N ILE G 32 16.00 -31.82 5.29
CA ILE G 32 15.76 -32.25 3.90
C ILE G 32 15.80 -31.07 2.92
N ARG G 33 15.14 -29.98 3.29
CA ARG G 33 15.15 -28.79 2.44
C ARG G 33 16.52 -28.17 2.33
N GLU G 34 17.27 -28.10 3.43
CA GLU G 34 18.62 -27.58 3.37
C GLU G 34 19.57 -28.42 2.47
N GLU G 35 19.44 -29.73 2.56
CA GLU G 35 20.20 -30.63 1.72
C GLU G 35 19.85 -30.49 0.25
N ILE G 36 18.59 -30.25 -0.04
CA ILE G 36 18.17 -30.03 -1.41
C ILE G 36 18.79 -28.78 -1.97
N ARG G 37 18.75 -27.69 -1.23
CA ARG G 37 19.34 -26.43 -1.69
C ARG G 37 20.79 -26.56 -2.13
N LYS G 38 21.64 -27.17 -1.30
CA LYS G 38 23.06 -27.33 -1.62
C LYS G 38 23.24 -28.01 -2.94
N VAL G 39 22.50 -29.09 -3.17
CA VAL G 39 22.47 -29.76 -4.48
C VAL G 39 22.00 -28.85 -5.61
N VAL G 40 20.90 -28.13 -5.38
CA VAL G 40 20.42 -27.17 -6.36
C VAL G 40 21.46 -26.09 -6.71
N GLN G 41 22.16 -25.53 -5.73
CA GLN G 41 23.28 -24.61 -6.05
C GLN G 41 24.21 -25.21 -7.11
N SER G 42 24.65 -26.45 -6.89
CA SER G 42 25.58 -27.09 -7.79
C SER G 42 24.99 -27.15 -9.18
N LEU G 43 23.73 -27.61 -9.22
CA LEU G 43 23.01 -27.74 -10.45
C LEU G 43 22.98 -26.42 -11.16
N GLU G 44 22.62 -25.38 -10.44
CA GLU G 44 22.47 -24.04 -11.05
C GLU G 44 23.77 -23.54 -11.63
N GLN G 45 24.89 -23.81 -10.95
CA GLN G 45 26.21 -23.50 -11.50
C GLN G 45 26.55 -24.23 -12.79
N THR G 46 26.53 -25.57 -12.76
CA THR G 46 26.61 -26.40 -14.01
C THR G 46 25.71 -25.83 -15.15
N ALA G 47 24.50 -25.42 -14.77
CA ALA G 47 23.52 -24.81 -15.69
C ALA G 47 24.00 -23.49 -16.24
N ARG G 48 24.55 -22.62 -15.40
CA ARG G 48 25.09 -21.36 -15.89
C ARG G 48 26.22 -21.57 -16.86
N GLU G 49 27.10 -22.52 -16.51
CA GLU G 49 28.23 -22.86 -17.35
C GLU G 49 27.75 -23.39 -18.69
N ILE G 50 26.73 -24.24 -18.71
CA ILE G 50 26.19 -24.75 -19.98
C ILE G 50 25.63 -23.61 -20.83
N LEU G 51 25.05 -22.64 -20.13
CA LEU G 51 24.46 -21.50 -20.80
C LEU G 51 25.52 -20.58 -21.40
N THR G 52 26.55 -20.18 -20.62
CA THR G 52 27.62 -19.31 -21.16
C THR G 52 28.32 -19.98 -22.35
N LEU G 53 28.44 -21.30 -22.26
CA LEU G 53 29.04 -22.11 -23.31
C LEU G 53 28.22 -22.06 -24.61
N LEU G 54 26.93 -22.38 -24.53
CA LEU G 54 26.05 -22.30 -25.71
C LEU G 54 25.85 -20.87 -26.26
N GLN G 55 25.59 -19.90 -25.37
CA GLN G 55 25.39 -18.50 -25.78
C GLN G 55 26.58 -17.85 -26.50
N GLY G 56 27.64 -18.63 -26.68
CA GLY G 56 28.74 -18.22 -27.52
C GLY G 56 28.28 -18.12 -28.96
N VAL G 57 27.17 -18.79 -29.30
CA VAL G 57 26.68 -18.81 -30.69
C VAL G 57 26.25 -17.44 -31.15
N HIS G 58 25.99 -16.55 -30.20
CA HIS G 58 25.57 -15.20 -30.56
C HIS G 58 26.67 -14.36 -31.24
N GLN G 59 27.94 -14.81 -31.19
CA GLN G 59 29.07 -14.16 -31.89
C GLN G 59 29.79 -15.07 -32.90
N PHE G 63 29.57 -18.86 -33.88
CA PHE G 63 28.65 -19.21 -34.97
C PHE G 63 29.15 -20.34 -35.89
N GLN G 64 30.36 -20.18 -36.44
CA GLN G 64 30.98 -21.23 -37.25
C GLN G 64 31.89 -22.13 -36.38
N ASP G 65 31.27 -23.24 -35.87
CA ASP G 65 31.92 -24.02 -34.75
C ASP G 65 30.89 -24.79 -33.90
N ILE G 66 29.60 -24.67 -34.26
CA ILE G 66 28.52 -25.15 -33.39
C ILE G 66 28.63 -26.60 -32.91
N PRO G 67 28.93 -27.56 -33.83
CA PRO G 67 28.97 -28.94 -33.34
C PRO G 67 30.00 -29.17 -32.24
N LYS G 68 31.08 -28.38 -32.21
CA LYS G 68 32.03 -28.37 -31.07
C LYS G 68 31.35 -27.95 -29.75
N ARG G 69 30.58 -26.86 -29.79
CA ARG G 69 29.90 -26.37 -28.60
C ARG G 69 28.91 -27.43 -28.17
N CYS G 70 28.22 -28.02 -29.13
CA CYS G 70 27.24 -29.06 -28.87
C CYS G 70 27.80 -30.30 -28.18
N LEU G 71 29.07 -30.62 -28.47
CA LEU G 71 29.75 -31.73 -27.78
C LEU G 71 30.20 -31.37 -26.33
N LYS G 72 30.92 -30.26 -26.19
CA LYS G 72 31.39 -29.84 -24.87
C LYS G 72 30.19 -29.72 -23.94
N ALA G 73 29.08 -29.16 -24.46
CA ALA G 73 27.82 -29.06 -23.73
C ALA G 73 27.36 -30.43 -23.25
N ARG G 74 27.31 -31.43 -24.13
CA ARG G 74 26.86 -32.77 -23.74
C ARG G 74 27.82 -33.41 -22.76
N GLU G 75 29.07 -32.94 -22.74
CA GLU G 75 30.01 -33.38 -21.72
C GLU G 75 29.51 -32.92 -20.35
N HIS G 76 29.13 -31.65 -20.26
CA HIS G 76 28.64 -31.04 -19.02
C HIS G 76 27.35 -31.64 -18.50
N PHE G 77 26.53 -32.21 -19.39
CA PHE G 77 25.29 -32.88 -18.95
C PHE G 77 25.63 -34.12 -18.14
N GLY G 78 26.87 -34.59 -18.31
CA GLY G 78 27.44 -35.62 -17.44
C GLY G 78 27.49 -35.21 -15.98
N THR G 79 27.96 -33.99 -15.71
CA THR G 79 27.91 -33.38 -14.39
C THR G 79 26.45 -33.17 -13.89
N VAL G 80 25.53 -32.84 -14.80
CA VAL G 80 24.14 -32.66 -14.42
C VAL G 80 23.55 -33.99 -13.96
N LYS G 81 23.83 -35.07 -14.68
CA LYS G 81 23.21 -36.34 -14.33
C LYS G 81 23.70 -36.76 -12.94
N THR G 82 24.97 -36.46 -12.63
CA THR G 82 25.54 -36.88 -11.35
C THR G 82 24.89 -36.10 -10.25
N HIS G 83 24.66 -34.81 -10.46
CA HIS G 83 23.97 -33.99 -9.45
C HIS G 83 22.54 -34.42 -9.20
N LEU G 84 21.79 -34.71 -10.25
CA LEU G 84 20.42 -35.19 -10.06
C LEU G 84 20.37 -36.57 -9.38
N THR G 85 21.26 -37.49 -9.73
CA THR G 85 21.22 -38.77 -9.02
C THR G 85 21.49 -38.44 -7.57
N SER G 86 22.38 -37.47 -7.31
CA SER G 86 22.70 -36.97 -5.98
C SER G 86 21.50 -36.37 -5.30
N LEU G 87 20.67 -35.67 -6.09
CA LEU G 87 19.50 -34.98 -5.54
C LEU G 87 18.46 -35.94 -5.04
N LYS G 88 18.25 -37.04 -5.76
CA LYS G 88 17.24 -38.07 -5.42
C LYS G 88 17.52 -38.73 -4.09
N THR G 89 18.80 -38.80 -3.68
CA THR G 89 19.15 -39.33 -2.37
C THR G 89 18.66 -38.42 -1.21
N LYS G 90 18.44 -37.13 -1.49
CA LYS G 90 18.19 -36.15 -0.44
C LYS G 90 16.78 -36.16 0.09
N PHE G 91 15.86 -36.77 -0.64
CA PHE G 91 14.46 -36.73 -0.27
C PHE G 91 13.73 -38.00 -0.69
N PRO G 92 12.59 -38.33 -0.07
CA PRO G 92 11.85 -39.53 -0.47
C PRO G 92 11.13 -39.39 -1.80
N ALA G 93 11.50 -40.26 -2.75
CA ALA G 93 10.96 -40.26 -4.11
C ALA G 93 9.47 -39.97 -4.27
N GLU G 94 8.65 -40.51 -3.36
CA GLU G 94 7.19 -40.35 -3.39
C GLU G 94 6.78 -38.93 -3.13
N GLN G 95 7.63 -38.18 -2.45
CA GLN G 95 7.30 -36.82 -2.02
C GLN G 95 7.70 -35.71 -3.03
N TYR G 96 7.83 -36.08 -4.30
CA TYR G 96 8.39 -35.17 -5.31
C TYR G 96 7.78 -33.79 -5.20
N TYR G 97 6.46 -33.72 -5.15
CA TYR G 97 5.80 -32.44 -5.27
C TYR G 97 5.89 -31.60 -4.01
N ARG G 98 6.39 -32.21 -2.94
CA ARG G 98 6.51 -31.49 -1.68
C ARG G 98 7.71 -30.57 -1.70
N PHE G 99 8.73 -31.00 -2.44
CA PHE G 99 9.98 -30.23 -2.50
C PHE G 99 10.26 -29.69 -3.89
N HIS G 100 9.30 -29.86 -4.79
CA HIS G 100 9.46 -29.50 -6.18
C HIS G 100 9.95 -28.07 -6.39
N GLU G 101 9.46 -27.14 -5.58
CA GLU G 101 9.69 -25.73 -5.90
C GLU G 101 11.14 -25.35 -5.74
N HIS G 102 11.89 -26.18 -5.03
CA HIS G 102 13.31 -25.94 -4.90
C HIS G 102 14.10 -26.04 -6.19
N TRP G 103 13.71 -26.94 -7.08
CA TRP G 103 14.42 -27.16 -8.33
C TRP G 103 13.62 -26.83 -9.59
N ARG G 104 12.43 -26.27 -9.42
CA ARG G 104 11.62 -25.79 -10.51
C ARG G 104 12.44 -24.94 -11.42
N PHE G 105 13.03 -23.88 -10.91
CA PHE G 105 13.78 -22.99 -11.76
C PHE G 105 14.87 -23.67 -12.60
N VAL G 106 15.76 -24.39 -11.94
CA VAL G 106 16.88 -25.00 -12.63
C VAL G 106 16.42 -26.08 -13.57
N LEU G 107 15.37 -26.82 -13.20
CA LEU G 107 14.90 -27.91 -14.04
C LEU G 107 14.38 -27.37 -15.36
N GLN G 108 13.66 -26.24 -15.29
CA GLN G 108 13.23 -25.51 -16.50
C GLN G 108 14.39 -25.00 -17.32
N ARG G 109 15.43 -24.45 -16.66
CA ARG G 109 16.66 -24.09 -17.38
C ARG G 109 17.24 -25.26 -18.14
N LEU G 110 17.28 -26.41 -17.49
CA LEU G 110 17.92 -27.54 -18.09
C LEU G 110 17.09 -27.98 -19.26
N VAL G 111 15.77 -27.89 -19.13
CA VAL G 111 14.91 -28.27 -20.25
C VAL G 111 15.25 -27.41 -21.44
N PHE G 112 15.35 -26.11 -21.20
CA PHE G 112 15.78 -25.14 -22.18
C PHE G 112 17.12 -25.46 -22.82
N LEU G 113 18.13 -25.67 -21.99
CA LEU G 113 19.50 -25.92 -22.50
C LEU G 113 19.62 -27.22 -23.26
N ALA G 114 18.88 -28.25 -22.84
CA ALA G 114 18.76 -29.50 -23.60
C ALA G 114 18.08 -29.25 -24.96
N ALA G 115 16.93 -28.57 -24.93
CA ALA G 115 16.21 -28.27 -26.13
C ALA G 115 17.05 -27.41 -27.07
N PHE G 116 17.83 -26.52 -26.49
CA PHE G 116 18.74 -25.66 -27.25
C PHE G 116 19.81 -26.47 -27.98
N VAL G 117 20.48 -27.41 -27.31
CA VAL G 117 21.51 -28.17 -28.01
C VAL G 117 20.88 -28.98 -29.11
N VAL G 118 19.74 -29.61 -28.84
CA VAL G 118 19.08 -30.39 -29.89
C VAL G 118 18.69 -29.51 -31.09
N TYR G 119 18.24 -28.27 -30.85
CA TYR G 119 17.91 -27.37 -31.96
C TYR G 119 19.15 -27.08 -32.81
N LEU G 120 20.26 -26.71 -32.15
CA LEU G 120 21.51 -26.43 -32.86
C LEU G 120 22.05 -27.65 -33.60
N GLU G 121 21.78 -28.85 -33.10
CA GLU G 121 22.21 -30.06 -33.78
C GLU G 121 21.31 -30.43 -34.95
N THR G 122 20.00 -30.53 -34.69
CA THR G 122 19.05 -31.13 -35.64
C THR G 122 17.99 -30.16 -36.21
N GLU G 123 17.99 -28.91 -35.74
CA GLU G 123 16.90 -27.95 -36.01
C GLU G 123 15.52 -28.55 -35.67
N THR G 124 15.45 -29.24 -34.54
CA THR G 124 14.25 -29.96 -34.13
C THR G 124 13.91 -29.65 -32.66
N LEU G 125 12.66 -29.94 -32.30
CA LEU G 125 12.22 -29.74 -30.94
C LEU G 125 12.44 -31.04 -30.23
N VAL G 126 13.40 -31.07 -29.30
CA VAL G 126 13.62 -32.25 -28.45
C VAL G 126 12.30 -32.75 -27.86
N THR G 127 12.07 -34.06 -27.98
CA THR G 127 10.90 -34.68 -27.35
C THR G 127 11.06 -34.71 -25.81
N ARG G 128 9.95 -34.76 -25.06
CA ARG G 128 10.06 -34.73 -23.59
C ARG G 128 10.90 -35.88 -23.00
N GLU G 129 10.72 -37.07 -23.57
CA GLU G 129 11.40 -38.26 -23.11
C GLU G 129 12.89 -38.18 -23.39
N ALA G 130 13.27 -37.65 -24.55
CA ALA G 130 14.67 -37.41 -24.87
C ALA G 130 15.37 -36.49 -23.86
N VAL G 131 14.69 -35.43 -23.39
CA VAL G 131 15.31 -34.58 -22.38
C VAL G 131 15.49 -35.36 -21.08
N THR G 132 14.54 -36.26 -20.76
CA THR G 132 14.70 -37.04 -19.55
C THR G 132 15.97 -37.88 -19.68
N GLU G 133 16.18 -38.46 -20.87
CA GLU G 133 17.40 -39.23 -21.20
C GLU G 133 18.69 -38.42 -21.11
N ILE G 134 18.63 -37.14 -21.52
CA ILE G 134 19.81 -36.27 -21.49
C ILE G 134 20.20 -35.85 -20.08
N LEU G 135 19.20 -35.76 -19.19
CA LEU G 135 19.39 -35.38 -17.80
C LEU G 135 19.59 -36.54 -16.81
N GLY G 136 19.36 -37.78 -17.28
CA GLY G 136 19.51 -38.97 -16.44
C GLY G 136 18.34 -39.14 -15.52
N ILE G 137 17.18 -38.62 -15.93
CA ILE G 137 15.96 -38.69 -15.14
C ILE G 137 15.14 -39.83 -15.70
N GLU G 138 14.06 -40.19 -15.01
CA GLU G 138 13.18 -41.27 -15.45
C GLU G 138 11.96 -40.71 -16.18
N PRO G 139 11.42 -41.47 -17.17
CA PRO G 139 10.14 -41.11 -17.83
C PRO G 139 8.92 -41.41 -16.94
N ASP G 140 7.71 -41.06 -17.40
CA ASP G 140 6.49 -41.15 -16.59
C ASP G 140 6.06 -42.52 -16.08
N ARG G 141 6.41 -43.55 -16.85
CA ARG G 141 6.06 -44.94 -16.48
C ARG G 141 7.09 -45.63 -15.53
N GLU G 142 7.94 -44.84 -14.85
CA GLU G 142 9.09 -45.44 -14.18
C GLU G 142 9.18 -45.22 -12.67
N LYS G 143 8.47 -44.21 -12.15
CA LYS G 143 8.56 -43.84 -10.69
C LYS G 143 9.99 -43.41 -10.22
N GLY G 144 10.04 -42.37 -9.38
CA GLY G 144 11.31 -41.72 -9.09
C GLY G 144 11.47 -40.54 -10.03
N PHE G 145 12.02 -39.44 -9.54
CA PHE G 145 12.23 -38.17 -10.26
C PHE G 145 11.67 -37.98 -11.68
N HIS G 146 10.53 -37.30 -11.81
CA HIS G 146 9.88 -37.14 -13.13
C HIS G 146 10.08 -35.75 -13.70
N LEU G 147 9.79 -35.61 -15.00
CA LEU G 147 9.75 -34.30 -15.67
C LEU G 147 8.32 -33.89 -15.96
N ASP G 148 7.84 -32.99 -15.12
CA ASP G 148 6.56 -32.33 -15.25
C ASP G 148 6.28 -31.84 -16.66
N VAL G 149 5.02 -31.88 -17.08
CA VAL G 149 4.67 -31.35 -18.41
C VAL G 149 4.78 -29.82 -18.38
N GLU G 150 4.38 -29.20 -17.26
CA GLU G 150 4.49 -27.77 -17.07
C GLU G 150 5.94 -27.28 -17.11
N ASP G 151 6.85 -27.98 -16.48
CA ASP G 151 8.26 -27.60 -16.57
C ASP G 151 8.83 -27.75 -18.02
N TYR G 152 8.44 -28.83 -18.70
CA TYR G 152 8.90 -29.06 -20.06
C TYR G 152 8.52 -27.86 -20.96
N LEU G 153 7.21 -27.55 -21.03
CA LEU G 153 6.71 -26.41 -21.78
C LEU G 153 7.38 -25.08 -21.40
N SER G 154 7.75 -24.90 -20.12
CA SER G 154 8.42 -23.66 -19.68
C SER G 154 9.77 -23.55 -20.37
N GLY G 155 10.46 -24.67 -20.45
CA GLY G 155 11.77 -24.67 -21.09
C GLY G 155 11.68 -24.39 -22.57
N VAL G 156 10.62 -24.89 -23.20
CA VAL G 156 10.37 -24.71 -24.60
C VAL G 156 10.13 -23.22 -24.87
N LEU G 157 9.36 -22.58 -23.99
CA LEU G 157 9.09 -21.14 -24.05
C LEU G 157 10.36 -20.31 -23.92
N ILE G 158 11.23 -20.71 -23.00
CA ILE G 158 12.54 -20.08 -22.84
C ILE G 158 13.36 -20.27 -24.12
N LEU G 159 13.20 -21.43 -24.74
CA LEU G 159 13.92 -21.69 -25.96
C LEU G 159 13.51 -20.65 -26.97
N ALA G 160 12.20 -20.54 -27.16
CA ALA G 160 11.65 -19.64 -28.17
C ALA G 160 12.28 -18.24 -28.06
N SER G 161 12.39 -17.70 -26.83
CA SER G 161 12.98 -16.38 -26.67
C SER G 161 14.45 -16.32 -27.02
N GLU G 162 15.14 -17.45 -26.85
CA GLU G 162 16.57 -17.51 -27.15
C GLU G 162 16.78 -17.57 -28.66
N LEU G 163 15.94 -18.36 -29.33
CA LEU G 163 15.93 -18.46 -30.79
C LEU G 163 15.54 -17.15 -31.44
N SER G 164 14.64 -16.39 -30.85
CA SER G 164 14.33 -15.11 -31.43
C SER G 164 15.56 -14.24 -31.34
N ARG G 165 16.27 -14.31 -30.23
CA ARG G 165 17.50 -13.51 -30.10
C ARG G 165 18.54 -13.95 -31.14
N LEU G 166 18.69 -15.26 -31.26
CA LEU G 166 19.60 -15.86 -32.21
C LEU G 166 19.30 -15.35 -33.61
N SER G 167 18.02 -15.33 -33.98
CA SER G 167 17.57 -14.89 -35.29
C SER G 167 18.16 -13.54 -35.66
N VAL G 168 18.03 -12.60 -34.74
CA VAL G 168 18.61 -11.28 -34.92
C VAL G 168 20.14 -11.34 -35.07
N ASN G 169 20.83 -12.05 -34.20
CA ASN G 169 22.30 -12.01 -34.26
C ASN G 169 22.83 -12.72 -35.51
N SER G 170 22.10 -13.75 -35.93
CA SER G 170 22.41 -14.52 -37.09
C SER G 170 22.53 -13.60 -38.34
N VAL G 171 21.57 -12.70 -38.51
CA VAL G 171 21.62 -11.67 -39.56
C VAL G 171 22.90 -10.82 -39.49
N THR G 172 23.22 -10.32 -38.29
CA THR G 172 24.44 -9.54 -38.07
C THR G 172 25.71 -10.30 -38.51
N ALA G 173 25.73 -11.60 -38.22
CA ALA G 173 26.85 -12.45 -38.55
C ALA G 173 26.80 -12.88 -40.02
N GLY G 174 25.78 -12.42 -40.74
CA GLY G 174 25.73 -12.61 -42.19
C GLY G 174 24.99 -13.85 -42.63
N ASP G 175 24.58 -14.67 -41.66
CA ASP G 175 23.76 -15.84 -41.97
C ASP G 175 22.29 -15.40 -42.16
N TYR G 176 21.83 -15.37 -43.41
CA TYR G 176 20.47 -14.94 -43.70
C TYR G 176 19.54 -16.09 -44.00
N SER G 177 19.97 -17.33 -43.83
CA SER G 177 19.05 -18.46 -44.05
C SER G 177 18.49 -19.00 -42.72
N ARG G 178 19.29 -18.94 -41.67
CA ARG G 178 18.85 -19.39 -40.33
C ARG G 178 17.54 -18.73 -39.85
N PRO G 179 17.48 -17.38 -39.88
CA PRO G 179 16.26 -16.72 -39.48
C PRO G 179 14.96 -17.28 -40.13
N LEU G 180 15.03 -17.81 -41.35
CA LEU G 180 13.83 -18.35 -42.02
C LEU G 180 13.43 -19.70 -41.48
N HIS G 181 14.43 -20.47 -41.07
CA HIS G 181 14.22 -21.72 -40.32
C HIS G 181 13.62 -21.49 -38.90
N ILE G 182 14.23 -20.56 -38.17
CA ILE G 182 13.78 -20.20 -36.85
C ILE G 182 12.35 -19.69 -36.94
N SER G 183 11.99 -19.06 -38.08
CA SER G 183 10.65 -18.49 -38.23
C SER G 183 9.61 -19.60 -38.23
N THR G 184 9.78 -20.57 -39.13
CA THR G 184 8.80 -21.66 -39.27
C THR G 184 8.73 -22.49 -37.98
N PHE G 185 9.88 -22.70 -37.36
CA PHE G 185 9.96 -23.43 -36.10
C PHE G 185 9.10 -22.77 -35.03
N ILE G 186 9.36 -21.49 -34.76
CA ILE G 186 8.62 -20.72 -33.73
C ILE G 186 7.13 -20.70 -34.07
N ASN G 187 6.81 -20.58 -35.37
CA ASN G 187 5.43 -20.61 -35.80
C ASN G 187 4.76 -21.98 -35.59
N GLU G 188 5.55 -23.04 -35.72
CA GLU G 188 5.10 -24.35 -35.32
C GLU G 188 4.86 -24.45 -33.81
N LEU G 189 5.75 -23.86 -33.01
CA LEU G 189 5.57 -23.79 -31.55
C LEU G 189 4.28 -23.07 -31.19
N ASP G 190 4.10 -21.88 -31.74
CA ASP G 190 2.89 -21.14 -31.50
C ASP G 190 1.62 -21.96 -31.83
N SER G 191 1.65 -22.67 -32.98
CA SER G 191 0.53 -23.54 -33.37
C SER G 191 0.27 -24.66 -32.38
N GLY G 192 1.36 -25.10 -31.74
CA GLY G 192 1.35 -26.16 -30.76
C GLY G 192 0.55 -25.69 -29.58
N PHE G 193 0.97 -24.56 -29.00
CA PHE G 193 0.36 -24.06 -27.76
C PHE G 193 -1.12 -23.76 -27.96
N ARG G 194 -1.46 -23.26 -29.15
CA ARG G 194 -2.84 -23.01 -29.55
C ARG G 194 -3.71 -24.23 -29.31
N LEU G 195 -3.11 -25.43 -29.36
CA LEU G 195 -3.85 -26.68 -29.12
C LEU G 195 -4.10 -26.96 -27.64
N LEU G 196 -3.19 -26.47 -26.80
CA LEU G 196 -3.30 -26.64 -25.36
C LEU G 196 -4.22 -25.63 -24.73
N ASN G 197 -4.98 -26.11 -23.75
CA ASN G 197 -5.85 -25.26 -22.98
C ASN G 197 -5.17 -25.02 -21.66
N LEU G 198 -4.24 -24.07 -21.63
CA LEU G 198 -3.44 -23.83 -20.43
C LEU G 198 -4.29 -23.32 -19.28
N LYS G 199 -3.97 -23.80 -18.07
CA LYS G 199 -4.70 -23.44 -16.84
C LYS G 199 -3.82 -22.81 -15.76
N ASN G 200 -2.64 -23.43 -15.52
CA ASN G 200 -1.58 -22.86 -14.69
C ASN G 200 -1.27 -21.41 -15.09
N ASP G 201 -1.13 -20.54 -14.09
CA ASP G 201 -1.05 -19.09 -14.34
C ASP G 201 0.36 -18.64 -14.72
N SER G 202 1.37 -19.25 -14.10
CA SER G 202 2.77 -19.02 -14.50
C SER G 202 2.96 -19.37 -15.95
N LEU G 203 2.41 -20.50 -16.36
CA LEU G 203 2.56 -20.95 -17.73
C LEU G 203 1.78 -20.07 -18.71
N ARG G 204 0.53 -19.72 -18.38
CA ARG G 204 -0.26 -18.85 -19.22
C ARG G 204 0.33 -17.46 -19.29
N LYS G 205 1.04 -17.07 -18.23
CA LYS G 205 1.74 -15.79 -18.25
C LYS G 205 2.90 -15.87 -19.23
N ARG G 206 3.68 -16.95 -19.12
CA ARG G 206 4.85 -17.11 -19.96
C ARG G 206 4.52 -17.38 -21.43
N TYR G 207 3.40 -18.06 -21.68
CA TYR G 207 2.91 -18.19 -23.03
C TYR G 207 2.69 -16.81 -23.62
N ASP G 208 2.31 -15.84 -22.78
CA ASP G 208 1.93 -14.54 -23.30
C ASP G 208 3.12 -13.85 -23.88
N GLY G 209 4.30 -14.26 -23.42
CA GLY G 209 5.56 -13.79 -24.00
C GLY G 209 5.90 -14.33 -25.38
N LEU G 210 5.39 -15.52 -25.69
CA LEU G 210 5.67 -16.12 -27.00
C LEU G 210 5.29 -15.24 -28.15
N LYS G 211 4.11 -14.62 -28.08
CA LYS G 211 3.67 -13.74 -29.16
C LYS G 211 4.74 -12.67 -29.54
N TYR G 212 5.52 -12.23 -28.55
CA TYR G 212 6.58 -11.25 -28.80
C TYR G 212 7.74 -11.84 -29.59
N ASP G 213 8.10 -13.07 -29.28
CA ASP G 213 9.12 -13.78 -30.06
C ASP G 213 8.64 -14.14 -31.48
N VAL G 214 7.39 -14.56 -31.62
CA VAL G 214 6.75 -14.70 -32.95
C VAL G 214 6.82 -13.40 -33.78
N LYS G 215 6.38 -12.31 -33.17
CA LYS G 215 6.42 -10.99 -33.78
C LYS G 215 7.81 -10.61 -34.30
N LYS G 216 8.82 -10.77 -33.43
CA LYS G 216 10.20 -10.35 -33.73
C LYS G 216 10.86 -11.18 -34.81
N VAL G 217 10.61 -12.47 -34.80
CA VAL G 217 11.22 -13.29 -35.80
C VAL G 217 10.59 -13.07 -37.20
N GLU G 218 9.28 -12.80 -37.25
CA GLU G 218 8.61 -12.55 -38.53
C GLU G 218 9.06 -11.22 -39.12
N GLU G 219 9.27 -10.23 -38.25
CA GLU G 219 9.83 -8.94 -38.63
C GLU G 219 11.24 -9.05 -39.25
N VAL G 220 12.05 -9.95 -38.71
CA VAL G 220 13.39 -10.20 -39.22
C VAL G 220 13.25 -10.72 -40.65
N VAL G 221 12.31 -11.64 -40.82
CA VAL G 221 12.06 -12.32 -42.09
C VAL G 221 11.67 -11.27 -43.12
N TYR G 222 10.78 -10.39 -42.67
CA TYR G 222 10.29 -9.28 -43.46
C TYR G 222 11.43 -8.39 -43.90
N ASP G 223 12.24 -7.91 -42.98
CA ASP G 223 13.41 -7.12 -43.33
C ASP G 223 14.27 -7.80 -44.37
N LEU G 224 14.41 -9.11 -44.24
CA LEU G 224 15.22 -9.82 -45.18
C LEU G 224 14.60 -9.76 -46.57
N SER G 225 13.32 -10.09 -46.66
CA SER G 225 12.66 -10.25 -47.97
C SER G 225 12.63 -8.99 -48.77
N ILE G 226 12.37 -7.87 -48.10
CA ILE G 226 12.34 -6.58 -48.80
C ILE G 226 13.71 -6.15 -49.30
N ARG G 227 14.78 -6.83 -48.89
CA ARG G 227 16.09 -6.56 -49.46
C ARG G 227 16.55 -7.67 -50.44
N GLY G 228 15.61 -8.54 -50.86
CA GLY G 228 15.88 -9.71 -51.71
C GLY G 228 16.86 -10.72 -51.09
N PHE G 229 16.35 -11.55 -50.10
CA PHE G 229 17.13 -12.73 -49.63
C PHE G 229 16.28 -14.02 -49.42
N SER H 12 -50.80 4.96 18.40
CA SER H 12 -50.25 4.14 19.53
C SER H 12 -49.93 2.68 19.09
N MET H 13 -48.74 2.52 18.49
CA MET H 13 -48.13 1.23 18.18
C MET H 13 -46.95 0.94 19.10
N SER H 14 -46.96 -0.24 19.74
CA SER H 14 -45.80 -0.81 20.45
C SER H 14 -44.58 -0.96 19.52
N VAL H 15 -43.38 -1.07 20.09
CA VAL H 15 -42.21 -1.26 19.26
C VAL H 15 -42.30 -2.58 18.54
N SER H 16 -42.83 -3.62 19.20
CA SER H 16 -42.90 -4.92 18.50
C SER H 16 -43.81 -4.92 17.25
N GLU H 17 -44.95 -4.26 17.34
CA GLU H 17 -45.82 -4.06 16.18
C GLU H 17 -45.13 -3.28 15.05
N ILE H 18 -44.40 -2.23 15.43
CA ILE H 18 -43.66 -1.39 14.48
C ILE H 18 -42.65 -2.23 13.71
N PHE H 19 -41.94 -3.09 14.43
CA PHE H 19 -40.96 -3.94 13.80
C PHE H 19 -41.52 -5.10 13.00
N VAL H 20 -42.66 -5.66 13.38
CA VAL H 20 -43.26 -6.68 12.51
C VAL H 20 -43.72 -6.06 11.21
N GLU H 21 -44.18 -4.80 11.27
CA GLU H 21 -44.56 -4.05 10.06
C GLU H 21 -43.38 -3.82 9.12
N LEU H 22 -42.29 -3.29 9.68
CA LEU H 22 -41.03 -3.11 8.99
C LEU H 22 -40.51 -4.39 8.39
N GLN H 23 -40.65 -5.51 9.09
CA GLN H 23 -40.20 -6.79 8.55
C GLN H 23 -40.96 -7.14 7.28
N GLY H 24 -42.24 -6.77 7.26
CA GLY H 24 -43.08 -6.83 6.07
C GLY H 24 -42.45 -6.11 4.89
N PHE H 25 -42.20 -4.82 5.05
CA PHE H 25 -41.59 -4.05 3.97
C PHE H 25 -40.24 -4.59 3.53
N LEU H 26 -39.44 -5.05 4.47
CA LEU H 26 -38.07 -5.42 4.14
C LEU H 26 -38.08 -6.70 3.37
N ALA H 27 -38.99 -7.60 3.72
CA ALA H 27 -39.07 -8.85 3.01
C ALA H 27 -39.50 -8.63 1.56
N ALA H 28 -40.47 -7.75 1.35
CA ALA H 28 -40.92 -7.37 0.01
C ALA H 28 -39.81 -6.74 -0.84
N GLU H 29 -39.05 -5.81 -0.25
CA GLU H 29 -37.93 -5.19 -0.94
C GLU H 29 -36.85 -6.25 -1.23
N GLN H 30 -36.58 -7.12 -0.26
CA GLN H 30 -35.57 -8.15 -0.44
C GLN H 30 -35.98 -9.06 -1.58
N ASP H 31 -37.27 -9.34 -1.70
CA ASP H 31 -37.72 -10.22 -2.77
C ASP H 31 -37.51 -9.62 -4.14
N ILE H 32 -37.85 -8.34 -4.30
CA ILE H 32 -37.58 -7.61 -5.55
C ILE H 32 -36.08 -7.66 -5.94
N ARG H 33 -35.18 -7.45 -4.99
CA ARG H 33 -33.76 -7.54 -5.28
C ARG H 33 -33.30 -8.93 -5.72
N GLU H 34 -33.88 -9.97 -5.13
CA GLU H 34 -33.53 -11.33 -5.54
C GLU H 34 -34.02 -11.63 -6.94
N GLU H 35 -35.22 -11.17 -7.24
CA GLU H 35 -35.82 -11.37 -8.56
C GLU H 35 -34.99 -10.70 -9.63
N ILE H 36 -34.43 -9.53 -9.29
CA ILE H 36 -33.56 -8.77 -10.20
C ILE H 36 -32.24 -9.50 -10.45
N ARG H 37 -31.57 -9.91 -9.37
CA ARG H 37 -30.33 -10.67 -9.43
C ARG H 37 -30.38 -11.81 -10.45
N LYS H 38 -31.46 -12.57 -10.43
CA LYS H 38 -31.58 -13.73 -11.31
C LYS H 38 -31.55 -13.32 -12.77
N VAL H 39 -32.34 -12.31 -13.12
CA VAL H 39 -32.41 -11.83 -14.52
C VAL H 39 -31.03 -11.32 -14.92
N VAL H 40 -30.35 -10.65 -13.98
CA VAL H 40 -29.03 -10.08 -14.24
C VAL H 40 -27.98 -11.18 -14.45
N GLN H 41 -28.16 -12.32 -13.78
CA GLN H 41 -27.38 -13.53 -14.10
C GLN H 41 -27.50 -13.85 -15.59
N SER H 42 -28.73 -13.88 -16.10
CA SER H 42 -28.98 -14.25 -17.49
C SER H 42 -28.43 -13.18 -18.41
N LEU H 43 -28.65 -11.93 -18.05
CA LEU H 43 -28.15 -10.83 -18.84
C LEU H 43 -26.65 -10.90 -18.99
N GLU H 44 -25.95 -11.19 -17.89
CA GLU H 44 -24.46 -11.21 -17.87
C GLU H 44 -23.89 -12.39 -18.66
N GLN H 45 -24.58 -13.52 -18.63
CA GLN H 45 -24.20 -14.65 -19.45
C GLN H 45 -24.33 -14.31 -20.97
N THR H 46 -25.49 -13.81 -21.38
CA THR H 46 -25.69 -13.41 -22.78
C THR H 46 -24.60 -12.41 -23.13
N ALA H 47 -24.24 -11.55 -22.17
CA ALA H 47 -23.24 -10.49 -22.38
C ALA H 47 -21.82 -11.03 -22.56
N ARG H 48 -21.44 -12.02 -21.74
CA ARG H 48 -20.18 -12.74 -21.97
C ARG H 48 -20.15 -13.42 -23.35
N GLU H 49 -21.29 -14.04 -23.72
CA GLU H 49 -21.46 -14.70 -25.04
C GLU H 49 -21.23 -13.75 -26.23
N ILE H 50 -21.77 -12.54 -26.10
CA ILE H 50 -21.61 -11.50 -27.10
C ILE H 50 -20.15 -11.05 -27.14
N LEU H 51 -19.51 -11.03 -25.98
CA LEU H 51 -18.12 -10.62 -25.94
C LEU H 51 -17.15 -11.64 -26.57
N THR H 52 -17.15 -12.88 -26.10
CA THR H 52 -16.29 -13.93 -26.70
C THR H 52 -16.45 -13.95 -28.23
N LEU H 53 -17.69 -13.74 -28.67
CA LEU H 53 -18.03 -13.71 -30.09
C LEU H 53 -17.33 -12.57 -30.83
N LEU H 54 -17.46 -11.35 -30.33
CA LEU H 54 -16.83 -10.19 -30.95
C LEU H 54 -15.32 -10.16 -30.80
N GLN H 55 -14.81 -10.70 -29.70
CA GLN H 55 -13.36 -10.79 -29.47
C GLN H 55 -12.63 -11.81 -30.36
N GLY H 56 -13.40 -12.58 -31.13
CA GLY H 56 -12.86 -13.43 -32.19
C GLY H 56 -12.18 -12.66 -33.32
N VAL H 57 -12.54 -11.38 -33.49
CA VAL H 57 -11.95 -10.48 -34.51
C VAL H 57 -10.43 -10.28 -34.32
N HIS H 58 -9.96 -10.49 -33.07
CA HIS H 58 -8.53 -10.44 -32.75
C HIS H 58 -7.76 -11.56 -33.49
N ASP H 65 -14.92 -11.67 -42.68
CA ASP H 65 -15.81 -12.43 -41.76
C ASP H 65 -16.35 -11.59 -40.57
N ILE H 66 -15.78 -10.40 -40.36
CA ILE H 66 -16.33 -9.44 -39.42
C ILE H 66 -17.85 -9.27 -39.58
N PRO H 67 -18.35 -8.96 -40.80
CA PRO H 67 -19.79 -8.75 -40.93
C PRO H 67 -20.58 -9.91 -40.35
N LYS H 68 -20.02 -11.13 -40.46
CA LYS H 68 -20.62 -12.35 -39.89
C LYS H 68 -20.75 -12.29 -38.35
N ARG H 69 -19.68 -11.90 -37.68
CA ARG H 69 -19.73 -11.73 -36.21
C ARG H 69 -20.71 -10.66 -35.77
N CYS H 70 -20.78 -9.54 -36.48
CA CYS H 70 -21.75 -8.50 -36.17
C CYS H 70 -23.19 -8.98 -36.36
N LEU H 71 -23.43 -9.79 -37.41
CA LEU H 71 -24.74 -10.44 -37.61
C LEU H 71 -25.10 -11.42 -36.49
N LYS H 72 -24.15 -12.30 -36.16
CA LYS H 72 -24.32 -13.22 -35.02
C LYS H 72 -24.55 -12.47 -33.71
N ALA H 73 -23.81 -11.39 -33.49
CA ALA H 73 -23.92 -10.61 -32.25
C ALA H 73 -25.28 -9.93 -32.15
N ARG H 74 -25.81 -9.42 -33.27
CA ARG H 74 -27.08 -8.72 -33.20
C ARG H 74 -28.25 -9.67 -32.93
N GLU H 75 -28.10 -10.93 -33.33
CA GLU H 75 -29.06 -11.98 -33.01
C GLU H 75 -29.16 -12.12 -31.50
N HIS H 76 -27.98 -12.04 -30.86
CA HIS H 76 -27.82 -12.12 -29.40
C HIS H 76 -28.44 -10.96 -28.63
N PHE H 77 -28.43 -9.75 -29.20
CA PHE H 77 -29.17 -8.61 -28.62
C PHE H 77 -30.72 -8.80 -28.65
N GLY H 78 -31.20 -9.68 -29.52
CA GLY H 78 -32.56 -10.18 -29.38
C GLY H 78 -32.74 -10.72 -27.97
N THR H 79 -31.93 -11.71 -27.60
CA THR H 79 -31.94 -12.31 -26.25
C THR H 79 -31.81 -11.23 -25.16
N VAL H 80 -31.06 -10.18 -25.44
CA VAL H 80 -30.94 -9.11 -24.45
C VAL H 80 -32.27 -8.36 -24.35
N LYS H 81 -32.92 -8.14 -25.50
CA LYS H 81 -34.17 -7.38 -25.52
C LYS H 81 -35.21 -8.05 -24.64
N THR H 82 -35.27 -9.38 -24.75
CA THR H 82 -36.18 -10.21 -23.96
C THR H 82 -35.89 -10.13 -22.46
N HIS H 83 -34.60 -10.20 -22.11
CA HIS H 83 -34.23 -10.17 -20.71
C HIS H 83 -34.53 -8.81 -20.13
N LEU H 84 -34.27 -7.77 -20.90
CA LEU H 84 -34.52 -6.43 -20.39
C LEU H 84 -36.03 -6.13 -20.18
N THR H 85 -36.87 -6.60 -21.08
CA THR H 85 -38.30 -6.46 -20.87
C THR H 85 -38.70 -7.28 -19.64
N SER H 86 -38.00 -8.40 -19.43
CA SER H 86 -38.23 -9.28 -18.28
C SER H 86 -37.80 -8.59 -16.99
N LEU H 87 -36.74 -7.78 -17.09
CA LEU H 87 -36.23 -7.09 -15.92
C LEU H 87 -37.18 -6.01 -15.44
N LYS H 88 -37.81 -5.28 -16.35
CA LYS H 88 -38.70 -4.19 -15.97
C LYS H 88 -39.90 -4.70 -15.19
N THR H 89 -40.24 -5.97 -15.36
CA THR H 89 -41.37 -6.58 -14.66
C THR H 89 -41.08 -6.79 -13.18
N LYS H 90 -39.79 -6.90 -12.80
CA LYS H 90 -39.44 -7.23 -11.39
C LYS H 90 -39.54 -6.12 -10.31
N PHE H 91 -39.55 -4.87 -10.73
CA PHE H 91 -39.53 -3.72 -9.82
C PHE H 91 -40.40 -2.60 -10.40
N PRO H 92 -40.81 -1.64 -9.56
CA PRO H 92 -41.62 -0.49 -10.06
C PRO H 92 -40.82 0.57 -10.83
N ALA H 93 -41.31 0.92 -12.03
CA ALA H 93 -40.60 1.77 -12.98
C ALA H 93 -39.99 3.03 -12.37
N GLU H 94 -40.74 3.67 -11.48
CA GLU H 94 -40.29 4.95 -10.89
C GLU H 94 -39.07 4.83 -9.97
N GLN H 95 -38.79 3.61 -9.52
CA GLN H 95 -37.67 3.36 -8.58
C GLN H 95 -36.39 2.86 -9.28
N TYR H 96 -36.16 3.35 -10.50
CA TYR H 96 -35.01 2.90 -11.29
C TYR H 96 -33.74 2.99 -10.46
N TYR H 97 -33.49 4.17 -9.90
CA TYR H 97 -32.21 4.40 -9.21
C TYR H 97 -32.04 3.68 -7.86
N ARG H 98 -33.13 3.13 -7.34
CA ARG H 98 -33.05 2.36 -6.13
C ARG H 98 -32.29 1.03 -6.39
N PHE H 99 -32.49 0.46 -7.56
CA PHE H 99 -32.01 -0.88 -7.82
C PHE H 99 -30.99 -0.88 -8.91
N HIS H 100 -30.74 0.33 -9.44
CA HIS H 100 -29.72 0.56 -10.49
C HIS H 100 -28.38 -0.20 -10.33
N GLU H 101 -27.82 -0.20 -9.12
CA GLU H 101 -26.50 -0.79 -8.89
C GLU H 101 -26.45 -2.31 -9.12
N HIS H 102 -27.62 -2.93 -9.17
CA HIS H 102 -27.73 -4.36 -9.51
C HIS H 102 -27.29 -4.68 -10.95
N TRP H 103 -27.56 -3.74 -11.86
CA TRP H 103 -27.33 -3.91 -13.29
C TRP H 103 -26.37 -2.88 -13.89
N ARG H 104 -25.83 -1.98 -13.07
CA ARG H 104 -24.87 -1.00 -13.56
C ARG H 104 -23.70 -1.66 -14.33
N PHE H 105 -23.15 -2.76 -13.83
CA PHE H 105 -22.01 -3.38 -14.49
C PHE H 105 -22.37 -3.91 -15.88
N VAL H 106 -23.42 -4.71 -15.94
CA VAL H 106 -23.79 -5.40 -17.17
C VAL H 106 -24.28 -4.40 -18.21
N LEU H 107 -25.04 -3.40 -17.75
CA LEU H 107 -25.56 -2.39 -18.65
C LEU H 107 -24.41 -1.62 -19.30
N GLN H 108 -23.33 -1.34 -18.56
CA GLN H 108 -22.17 -0.72 -19.17
C GLN H 108 -21.50 -1.62 -20.16
N ARG H 109 -21.46 -2.93 -19.88
CA ARG H 109 -20.88 -3.86 -20.85
C ARG H 109 -21.67 -3.88 -22.11
N LEU H 110 -22.99 -3.85 -21.97
CA LEU H 110 -23.80 -3.89 -23.15
C LEU H 110 -23.59 -2.64 -23.98
N VAL H 111 -23.39 -1.50 -23.36
CA VAL H 111 -23.20 -0.30 -24.13
C VAL H 111 -21.94 -0.52 -24.89
N PHE H 112 -20.96 -1.09 -24.21
CA PHE H 112 -19.66 -1.37 -24.79
C PHE H 112 -19.86 -2.25 -26.01
N LEU H 113 -20.48 -3.39 -25.82
CA LEU H 113 -20.65 -4.34 -26.91
C LEU H 113 -21.49 -3.79 -28.06
N ALA H 114 -22.53 -3.02 -27.75
CA ALA H 114 -23.35 -2.37 -28.79
C ALA H 114 -22.52 -1.41 -29.64
N ALA H 115 -21.76 -0.54 -28.98
CA ALA H 115 -20.90 0.42 -29.65
C ALA H 115 -19.85 -0.29 -30.48
N PHE H 116 -19.36 -1.40 -29.95
CA PHE H 116 -18.29 -2.15 -30.60
C PHE H 116 -18.81 -2.72 -31.91
N VAL H 117 -20.02 -3.27 -31.89
CA VAL H 117 -20.66 -3.78 -33.08
C VAL H 117 -20.80 -2.66 -34.13
N VAL H 118 -21.36 -1.53 -33.70
CA VAL H 118 -21.54 -0.44 -34.64
C VAL H 118 -20.19 0.02 -35.15
N TYR H 119 -19.16 0.06 -34.30
CA TYR H 119 -17.85 0.47 -34.79
C TYR H 119 -17.35 -0.47 -35.91
N LEU H 120 -17.41 -1.78 -35.69
CA LEU H 120 -16.97 -2.74 -36.70
C LEU H 120 -17.76 -2.65 -38.01
N GLU H 121 -19.04 -2.26 -37.94
CA GLU H 121 -19.88 -2.15 -39.14
C GLU H 121 -19.64 -0.84 -39.85
N THR H 122 -19.57 0.27 -39.10
CA THR H 122 -19.64 1.62 -39.67
C THR H 122 -18.44 2.55 -39.37
N GLU H 123 -17.43 2.04 -38.66
CA GLU H 123 -16.33 2.85 -38.13
C GLU H 123 -16.82 4.13 -37.46
N THR H 124 -17.96 4.03 -36.79
CA THR H 124 -18.53 5.20 -36.14
C THR H 124 -19.02 5.00 -34.68
N LEU H 125 -19.17 6.11 -33.94
CA LEU H 125 -19.60 5.99 -32.55
C LEU H 125 -21.09 5.96 -32.49
N VAL H 126 -21.63 4.83 -32.03
CA VAL H 126 -23.08 4.68 -31.73
C VAL H 126 -23.62 5.78 -30.83
N THR H 127 -24.65 6.45 -31.30
CA THR H 127 -25.30 7.48 -30.52
C THR H 127 -26.01 6.85 -29.31
N ARG H 128 -26.15 7.59 -28.20
CA ARG H 128 -26.81 7.04 -27.01
C ARG H 128 -28.24 6.51 -27.22
N GLU H 129 -29.05 7.23 -27.97
CA GLU H 129 -30.40 6.80 -28.32
C GLU H 129 -30.38 5.51 -29.13
N ALA H 130 -29.39 5.36 -30.04
CA ALA H 130 -29.29 4.14 -30.84
C ALA H 130 -29.04 2.93 -29.96
N VAL H 131 -28.24 3.13 -28.91
CA VAL H 131 -27.93 2.06 -27.95
C VAL H 131 -29.18 1.61 -27.22
N THR H 132 -29.98 2.57 -26.76
CA THR H 132 -31.27 2.20 -26.16
C THR H 132 -31.99 1.28 -27.19
N GLU H 133 -32.19 1.73 -28.44
CA GLU H 133 -32.98 0.97 -29.44
C GLU H 133 -32.49 -0.46 -29.65
N ILE H 134 -31.17 -0.62 -29.72
CA ILE H 134 -30.54 -1.94 -29.86
C ILE H 134 -30.95 -2.81 -28.67
N LEU H 135 -30.98 -2.23 -27.47
CA LEU H 135 -31.25 -3.00 -26.24
C LEU H 135 -32.73 -3.30 -25.88
N GLY H 136 -33.70 -2.80 -26.65
CA GLY H 136 -35.08 -2.70 -26.11
C GLY H 136 -35.13 -1.28 -25.57
N ILE H 137 -35.43 -1.11 -24.28
CA ILE H 137 -35.23 0.18 -23.53
C ILE H 137 -35.77 1.49 -24.14
N GLU H 138 -36.08 2.44 -23.25
CA GLU H 138 -36.70 3.69 -23.66
C GLU H 138 -35.72 4.85 -23.57
N PRO H 139 -35.92 5.88 -24.42
CA PRO H 139 -35.15 7.14 -24.30
C PRO H 139 -35.66 7.96 -23.12
N ASP H 140 -34.97 9.07 -22.82
CA ASP H 140 -35.27 9.86 -21.63
C ASP H 140 -36.68 10.40 -21.60
N ARG H 141 -37.23 10.70 -22.77
CA ARG H 141 -38.59 11.23 -22.87
C ARG H 141 -39.64 10.13 -23.16
N GLU H 142 -39.54 9.03 -22.34
CA GLU H 142 -40.56 8.00 -22.51
C GLU H 142 -41.01 7.34 -21.21
N LYS H 143 -40.29 7.61 -20.13
CA LYS H 143 -40.44 6.91 -18.82
C LYS H 143 -40.41 5.36 -18.91
N GLY H 144 -39.83 4.75 -17.88
CA GLY H 144 -39.54 3.32 -17.91
C GLY H 144 -38.10 3.15 -18.30
N PHE H 145 -37.44 2.14 -17.74
CA PHE H 145 -36.03 1.84 -18.01
C PHE H 145 -35.19 2.79 -18.93
N HIS H 146 -34.38 3.67 -18.32
CA HIS H 146 -33.58 4.68 -19.05
C HIS H 146 -32.12 4.28 -19.14
N LEU H 147 -31.40 4.81 -20.14
CA LEU H 147 -29.92 4.69 -20.14
C LEU H 147 -29.20 5.97 -19.62
N ASP H 148 -28.67 5.88 -18.40
CA ASP H 148 -27.84 6.89 -17.74
C ASP H 148 -26.79 7.48 -18.67
N VAL H 149 -26.50 8.78 -18.53
CA VAL H 149 -25.35 9.40 -19.24
C VAL H 149 -24.03 8.81 -18.76
N GLU H 150 -23.95 8.53 -17.45
CA GLU H 150 -22.74 7.96 -16.87
C GLU H 150 -22.49 6.52 -17.28
N ASP H 151 -23.56 5.77 -17.48
CA ASP H 151 -23.39 4.41 -17.96
C ASP H 151 -22.93 4.35 -19.42
N TYR H 152 -23.44 5.26 -20.24
CA TYR H 152 -23.06 5.36 -21.64
C TYR H 152 -21.58 5.67 -21.78
N LEU H 153 -21.15 6.74 -21.10
CA LEU H 153 -19.75 7.13 -21.12
C LEU H 153 -18.77 6.05 -20.66
N SER H 154 -19.17 5.25 -19.69
CA SER H 154 -18.32 4.14 -19.24
C SER H 154 -18.15 3.14 -20.36
N GLY H 155 -19.25 2.84 -21.06
CA GLY H 155 -19.25 1.86 -22.14
C GLY H 155 -18.32 2.29 -23.27
N VAL H 156 -18.33 3.60 -23.51
CA VAL H 156 -17.49 4.22 -24.51
C VAL H 156 -16.00 4.10 -24.12
N LEU H 157 -15.65 4.39 -22.87
CA LEU H 157 -14.26 4.17 -22.39
C LEU H 157 -13.80 2.73 -22.43
N ILE H 158 -14.69 1.81 -22.10
CA ILE H 158 -14.41 0.40 -22.34
C ILE H 158 -14.13 0.14 -23.83
N LEU H 159 -14.97 0.68 -24.71
CA LEU H 159 -14.73 0.58 -26.15
C LEU H 159 -13.30 0.98 -26.56
N ALA H 160 -12.90 2.18 -26.16
CA ALA H 160 -11.58 2.71 -26.44
C ALA H 160 -10.44 1.76 -26.06
N SER H 161 -10.51 1.14 -24.89
CA SER H 161 -9.52 0.13 -24.48
C SER H 161 -9.56 -1.09 -25.36
N GLU H 162 -10.76 -1.47 -25.82
CA GLU H 162 -10.88 -2.61 -26.71
C GLU H 162 -10.26 -2.27 -28.03
N LEU H 163 -10.48 -1.03 -28.46
CA LEU H 163 -10.02 -0.61 -29.78
C LEU H 163 -8.50 -0.50 -29.85
N SER H 164 -7.90 0.02 -28.80
CA SER H 164 -6.46 0.08 -28.77
C SER H 164 -5.90 -1.33 -28.87
N ARG H 165 -6.59 -2.31 -28.30
CA ARG H 165 -6.16 -3.71 -28.32
C ARG H 165 -6.30 -4.33 -29.71
N LEU H 166 -7.40 -4.00 -30.37
CA LEU H 166 -7.67 -4.38 -31.76
C LEU H 166 -6.62 -3.82 -32.73
N SER H 167 -6.28 -2.55 -32.54
CA SER H 167 -5.19 -1.89 -33.29
C SER H 167 -3.89 -2.70 -33.30
N VAL H 168 -3.43 -3.20 -32.17
CA VAL H 168 -2.20 -4.01 -32.18
C VAL H 168 -2.39 -5.39 -32.85
N ASN H 169 -3.52 -6.05 -32.59
CA ASN H 169 -3.78 -7.36 -33.18
C ASN H 169 -4.00 -7.28 -34.69
N SER H 170 -4.56 -6.14 -35.10
CA SER H 170 -4.81 -5.85 -36.51
C SER H 170 -3.50 -5.83 -37.32
N VAL H 171 -2.40 -5.31 -36.73
CA VAL H 171 -1.12 -5.29 -37.48
C VAL H 171 -0.58 -6.71 -37.50
N THR H 172 -0.93 -7.46 -36.42
CA THR H 172 -0.55 -8.88 -36.28
C THR H 172 -1.10 -9.74 -37.44
N ALA H 173 -2.38 -9.54 -37.73
CA ALA H 173 -3.08 -10.28 -38.76
C ALA H 173 -2.88 -9.73 -40.21
N GLY H 174 -2.08 -8.68 -40.38
CA GLY H 174 -1.78 -8.14 -41.71
C GLY H 174 -2.59 -6.92 -42.18
N ASP H 175 -3.55 -6.49 -41.36
CA ASP H 175 -4.34 -5.31 -41.67
C ASP H 175 -3.61 -4.03 -41.22
N TYR H 176 -3.10 -3.26 -42.19
CA TYR H 176 -2.29 -2.08 -41.89
C TYR H 176 -3.03 -0.75 -42.06
N SER H 177 -4.33 -0.86 -42.33
CA SER H 177 -5.17 0.31 -42.59
C SER H 177 -6.05 0.66 -41.40
N ARG H 178 -6.49 -0.37 -40.69
CA ARG H 178 -7.38 -0.19 -39.55
C ARG H 178 -6.75 0.65 -38.44
N PRO H 179 -5.52 0.34 -38.02
CA PRO H 179 -5.01 1.12 -36.91
C PRO H 179 -5.07 2.64 -37.11
N LEU H 180 -5.01 3.11 -38.37
CA LEU H 180 -4.98 4.56 -38.66
C LEU H 180 -6.34 5.17 -38.42
N HIS H 181 -7.38 4.39 -38.75
CA HIS H 181 -8.75 4.79 -38.44
C HIS H 181 -9.01 4.76 -36.92
N ILE H 182 -8.56 3.70 -36.27
CA ILE H 182 -8.68 3.59 -34.81
C ILE H 182 -8.00 4.76 -34.11
N SER H 183 -6.82 5.16 -34.60
CA SER H 183 -6.09 6.33 -34.08
C SER H 183 -6.88 7.65 -34.13
N THR H 184 -7.42 7.97 -35.31
CA THR H 184 -8.25 9.17 -35.43
C THR H 184 -9.54 9.08 -34.55
N PHE H 185 -10.16 7.90 -34.54
CA PHE H 185 -11.36 7.71 -33.74
C PHE H 185 -11.11 7.99 -32.27
N ILE H 186 -10.06 7.40 -31.71
CA ILE H 186 -9.76 7.53 -30.26
C ILE H 186 -9.34 8.94 -29.89
N ASN H 187 -8.69 9.62 -30.82
CA ASN H 187 -8.37 11.03 -30.63
C ASN H 187 -9.61 11.89 -30.63
N GLU H 188 -10.58 11.54 -31.47
CA GLU H 188 -11.93 12.12 -31.39
C GLU H 188 -12.60 11.97 -29.98
N LEU H 189 -12.61 10.74 -29.44
CA LEU H 189 -13.20 10.45 -28.14
C LEU H 189 -12.55 11.31 -27.08
N ASP H 190 -11.23 11.41 -27.15
CA ASP H 190 -10.42 12.17 -26.18
C ASP H 190 -10.76 13.64 -26.21
N SER H 191 -10.86 14.23 -27.40
CA SER H 191 -11.28 15.61 -27.50
C SER H 191 -12.67 15.74 -26.92
N GLY H 192 -13.48 14.69 -27.14
CA GLY H 192 -14.84 14.66 -26.64
C GLY H 192 -14.87 14.83 -25.15
N PHE H 193 -14.14 13.98 -24.44
CA PHE H 193 -14.11 13.99 -22.97
C PHE H 193 -13.56 15.27 -22.39
N ARG H 194 -12.58 15.86 -23.05
CA ARG H 194 -12.07 17.15 -22.62
C ARG H 194 -13.21 18.20 -22.51
N LEU H 195 -14.21 18.13 -23.40
CA LEU H 195 -15.40 19.05 -23.31
C LEU H 195 -16.17 18.91 -22.02
N LEU H 196 -16.28 17.67 -21.55
CA LEU H 196 -16.95 17.34 -20.31
C LEU H 196 -16.10 17.82 -19.14
N ASN H 197 -16.77 18.23 -18.08
CA ASN H 197 -16.08 18.53 -16.88
C ASN H 197 -16.47 17.48 -15.87
N LEU H 198 -15.91 16.28 -16.02
CA LEU H 198 -16.26 15.13 -15.17
C LEU H 198 -16.08 15.39 -13.66
N LYS H 199 -17.04 14.91 -12.86
CA LYS H 199 -16.96 15.04 -11.39
C LYS H 199 -17.09 13.69 -10.72
N ASN H 200 -17.94 12.81 -11.25
CA ASN H 200 -18.03 11.43 -10.78
C ASN H 200 -16.63 10.79 -10.69
N ASP H 201 -16.29 10.18 -9.54
CA ASP H 201 -14.94 9.67 -9.31
C ASP H 201 -14.63 8.43 -10.11
N SER H 202 -15.56 7.49 -10.13
CA SER H 202 -15.42 6.29 -10.96
C SER H 202 -15.12 6.70 -12.38
N LEU H 203 -15.82 7.74 -12.83
CA LEU H 203 -15.82 8.14 -14.24
C LEU H 203 -14.55 8.92 -14.60
N ARG H 204 -14.14 9.85 -13.75
CA ARG H 204 -12.84 10.53 -13.89
C ARG H 204 -11.64 9.57 -13.77
N LYS H 205 -11.78 8.57 -12.89
CA LYS H 205 -10.83 7.48 -12.81
C LYS H 205 -10.63 6.81 -14.17
N ARG H 206 -11.72 6.32 -14.76
CA ARG H 206 -11.63 5.54 -16.01
C ARG H 206 -11.20 6.40 -17.19
N TYR H 207 -11.57 7.69 -17.15
CA TYR H 207 -11.13 8.65 -18.15
C TYR H 207 -9.62 8.72 -18.14
N ASP H 208 -9.03 8.64 -16.95
CA ASP H 208 -7.56 8.68 -16.82
C ASP H 208 -6.87 7.55 -17.59
N GLY H 209 -7.56 6.43 -17.76
CA GLY H 209 -7.05 5.31 -18.55
C GLY H 209 -7.05 5.53 -20.05
N LEU H 210 -7.88 6.45 -20.52
CA LEU H 210 -8.00 6.70 -21.96
C LEU H 210 -6.69 7.26 -22.49
N LYS H 211 -5.94 8.04 -21.71
CA LYS H 211 -4.69 8.60 -22.22
C LYS H 211 -3.65 7.55 -22.58
N TYR H 212 -3.68 6.41 -21.88
CA TYR H 212 -2.81 5.27 -22.25
C TYR H 212 -3.23 4.56 -23.53
N ASP H 213 -4.54 4.46 -23.75
CA ASP H 213 -5.04 3.92 -25.01
C ASP H 213 -4.63 4.82 -26.18
N VAL H 214 -4.73 6.14 -25.97
CA VAL H 214 -4.35 7.13 -26.98
C VAL H 214 -2.92 6.90 -27.39
N LYS H 215 -2.07 6.82 -26.36
CA LYS H 215 -0.62 6.66 -26.50
C LYS H 215 -0.27 5.40 -27.27
N LYS H 216 -0.98 4.31 -26.98
CA LYS H 216 -0.69 3.02 -27.56
C LYS H 216 -1.00 3.02 -29.02
N VAL H 217 -2.11 3.64 -29.38
CA VAL H 217 -2.60 3.60 -30.75
C VAL H 217 -1.80 4.50 -31.63
N GLU H 218 -1.39 5.64 -31.08
CA GLU H 218 -0.54 6.57 -31.80
C GLU H 218 0.82 5.91 -32.11
N GLU H 219 1.30 5.11 -31.17
CA GLU H 219 2.56 4.40 -31.33
C GLU H 219 2.48 3.25 -32.31
N VAL H 220 1.32 2.62 -32.40
CA VAL H 220 1.08 1.62 -33.45
C VAL H 220 1.20 2.24 -34.86
N VAL H 221 0.59 3.39 -35.08
CA VAL H 221 0.64 4.06 -36.38
C VAL H 221 2.05 4.55 -36.70
N TYR H 222 2.78 5.04 -35.70
CA TYR H 222 4.17 5.44 -35.90
C TYR H 222 4.96 4.26 -36.43
N ASP H 223 4.77 3.10 -35.81
CA ASP H 223 5.48 1.90 -36.19
C ASP H 223 5.26 1.58 -37.67
N LEU H 224 4.03 1.77 -38.12
CA LEU H 224 3.67 1.54 -39.54
C LEU H 224 4.20 2.57 -40.55
N SER H 225 4.08 3.86 -40.20
CA SER H 225 4.65 4.93 -41.01
C SER H 225 6.17 4.76 -41.24
N ILE H 226 6.95 4.43 -40.19
CA ILE H 226 8.41 4.25 -40.38
C ILE H 226 8.80 2.97 -41.09
N ARG H 227 7.89 2.01 -41.20
CA ARG H 227 8.27 0.76 -41.87
C ARG H 227 8.16 0.81 -43.41
N GLY H 228 8.85 -0.12 -44.07
CA GLY H 228 9.17 0.04 -45.49
C GLY H 228 10.08 1.24 -45.74
N PHE H 229 9.66 2.42 -45.23
CA PHE H 229 10.28 3.74 -45.50
C PHE H 229 10.46 4.04 -46.99
#